data_6YHY
# 
_entry.id   6YHY 
# 
_audit_conform.dict_name       mmcif_pdbx.dic 
_audit_conform.dict_version    5.397 
_audit_conform.dict_location   http://mmcif.pdb.org/dictionaries/ascii/mmcif_pdbx.dic 
# 
loop_
_database_2.database_id 
_database_2.database_code 
_database_2.pdbx_database_accession 
_database_2.pdbx_DOI 
PDB   6YHY         pdb_00006yhy 10.2210/pdb6yhy/pdb 
WWPDB D_1292107651 ?            ?                   
# 
loop_
_pdbx_audit_revision_history.ordinal 
_pdbx_audit_revision_history.data_content_type 
_pdbx_audit_revision_history.major_revision 
_pdbx_audit_revision_history.minor_revision 
_pdbx_audit_revision_history.revision_date 
1 'Structure model' 1 0 2021-04-14 
2 'Structure model' 1 1 2021-10-27 
3 'Structure model' 1 2 2024-01-24 
4 'Structure model' 1 3 2024-10-23 
# 
_pdbx_audit_revision_details.ordinal             1 
_pdbx_audit_revision_details.revision_ordinal    1 
_pdbx_audit_revision_details.data_content_type   'Structure model' 
_pdbx_audit_revision_details.provider            repository 
_pdbx_audit_revision_details.type                'Initial release' 
_pdbx_audit_revision_details.description         ? 
_pdbx_audit_revision_details.details             ? 
# 
loop_
_pdbx_audit_revision_group.ordinal 
_pdbx_audit_revision_group.revision_ordinal 
_pdbx_audit_revision_group.data_content_type 
_pdbx_audit_revision_group.group 
1 2 'Structure model' 'Data collection'        
2 2 'Structure model' 'Database references'    
3 2 'Structure model' 'Source and taxonomy'    
4 2 'Structure model' 'Structure summary'      
5 3 'Structure model' 'Data collection'        
6 3 'Structure model' 'Refinement description' 
7 4 'Structure model' 'Structure summary'      
# 
loop_
_pdbx_audit_revision_category.ordinal 
_pdbx_audit_revision_category.revision_ordinal 
_pdbx_audit_revision_category.data_content_type 
_pdbx_audit_revision_category.category 
1  2 'Structure model' citation                      
2  2 'Structure model' citation_author               
3  2 'Structure model' database_2                    
4  2 'Structure model' entity                        
5  2 'Structure model' entity_name_com               
6  2 'Structure model' entity_src_gen                
7  2 'Structure model' pdbx_database_proc            
8  2 'Structure model' struct                        
9  2 'Structure model' struct_ref                    
10 2 'Structure model' struct_ref_seq                
11 2 'Structure model' struct_ref_seq_dif            
12 3 'Structure model' chem_comp_atom                
13 3 'Structure model' chem_comp_bond                
14 3 'Structure model' pdbx_initial_refinement_model 
15 4 'Structure model' pdbx_entry_details            
16 4 'Structure model' pdbx_modification_feature     
# 
loop_
_pdbx_audit_revision_item.ordinal 
_pdbx_audit_revision_item.revision_ordinal 
_pdbx_audit_revision_item.data_content_type 
_pdbx_audit_revision_item.item 
1  2 'Structure model' '_citation.country'                              
2  2 'Structure model' '_citation.journal_abbrev'                       
3  2 'Structure model' '_citation.journal_id_ASTM'                      
4  2 'Structure model' '_citation.journal_id_CSD'                       
5  2 'Structure model' '_citation.journal_id_ISSN'                      
6  2 'Structure model' '_citation.journal_volume'                       
7  2 'Structure model' '_citation.page_first'                           
8  2 'Structure model' '_citation.page_last'                            
9  2 'Structure model' '_citation.pdbx_database_id_DOI'                 
10 2 'Structure model' '_citation.pdbx_database_id_PubMed'              
11 2 'Structure model' '_citation.title'                                
12 2 'Structure model' '_citation.year'                                 
13 2 'Structure model' '_database_2.pdbx_DOI'                           
14 2 'Structure model' '_database_2.pdbx_database_accession'            
15 2 'Structure model' '_entity.pdbx_description'                       
16 2 'Structure model' '_entity_src_gen.gene_src_common_name'           
17 2 'Structure model' '_entity_src_gen.pdbx_gene_src_ncbi_taxonomy_id' 
18 2 'Structure model' '_entity_src_gen.pdbx_gene_src_scientific_name'  
19 2 'Structure model' '_struct.title'                                  
20 2 'Structure model' '_struct_ref.db_code'                            
21 2 'Structure model' '_struct_ref.db_name'                            
22 2 'Structure model' '_struct_ref.pdbx_align_begin'                   
23 2 'Structure model' '_struct_ref.pdbx_db_accession'                  
24 2 'Structure model' '_struct_ref.pdbx_seq_one_letter_code'           
25 2 'Structure model' '_struct_ref_seq.db_align_beg'                   
26 2 'Structure model' '_struct_ref_seq.db_align_end'                   
27 2 'Structure model' '_struct_ref_seq.pdbx_auth_seq_align_end'        
28 2 'Structure model' '_struct_ref_seq.pdbx_db_accession'              
29 2 'Structure model' '_struct_ref_seq.seq_align_end'                  
# 
_pdbx_database_status.status_code                     REL 
_pdbx_database_status.status_code_sf                  REL 
_pdbx_database_status.status_code_mr                  ? 
_pdbx_database_status.entry_id                        6YHY 
_pdbx_database_status.recvd_initial_deposition_date   2020-03-31 
_pdbx_database_status.SG_entry                        N 
_pdbx_database_status.deposit_site                    PDBE 
_pdbx_database_status.process_site                    PDBE 
_pdbx_database_status.status_code_cs                  ? 
_pdbx_database_status.status_code_nmr_data            ? 
_pdbx_database_status.methods_development_category    ? 
_pdbx_database_status.pdb_format_compatible           Y 
# 
loop_
_audit_author.name 
_audit_author.pdbx_ordinal 
_audit_author.identifier_ORCID 
'Saikia, C.'       1 ? 
'Altman-Gueta, H.' 2 ? 
'Dym, O.'          3 ? 
'Frolow, F.'       4 ? 
'Gurevitz, M.'     5 ? 
'Gordon, D.'       6 ? 
'Reuveny, E.'      7 ? 
'Karbat, I.'       8 ? 
# 
_citation.abstract                  ? 
_citation.abstract_id_CAS           ? 
_citation.book_id_ISBN              ? 
_citation.book_publisher            ? 
_citation.book_publisher_city       ? 
_citation.book_title                ? 
_citation.coordinate_linkage        ? 
_citation.country                   UK 
_citation.database_id_Medline       ? 
_citation.details                   ? 
_citation.id                        primary 
_citation.journal_abbrev            J.Mol.Biol. 
_citation.journal_id_ASTM           JMOBAK 
_citation.journal_id_CSD            0070 
_citation.journal_id_ISSN           1089-8638 
_citation.journal_full              ? 
_citation.journal_issue             ? 
_citation.journal_volume            433 
_citation.language                  ? 
_citation.page_first                166957 
_citation.page_last                 166957 
_citation.title                     'A Molecular Lid Mechanism of K + Channel Blocker Action Revealed by a Cone Peptide.' 
_citation.year                      2021 
_citation.database_id_CSD           ? 
_citation.pdbx_database_id_DOI      10.1016/j.jmb.2021.166957 
_citation.pdbx_database_id_PubMed   33771569 
_citation.unpublished_flag          ? 
# 
loop_
_citation_author.citation_id 
_citation_author.name 
_citation_author.ordinal 
_citation_author.identifier_ORCID 
primary 'Saikia, C.'       1 ? 
primary 'Dym, O.'          2 ? 
primary 'Altman-Gueta, H.' 3 ? 
primary 'Gordon, D.'       4 ? 
primary 'Reuveny, E.'      5 ? 
primary 'Karbat, I.'       6 ? 
# 
loop_
_entity.id 
_entity.type 
_entity.src_method 
_entity.pdbx_description 
_entity.formula_weight 
_entity.pdbx_number_of_molecules 
_entity.pdbx_ec 
_entity.pdbx_mutation 
_entity.pdbx_fragment 
_entity.details 
1 polymer man Conk-S1 6862.458 2  ? ? ? ? 
2 water   nat water   18.015   80 ? ? ? ? 
# 
_entity_poly.entity_id                      1 
_entity_poly.type                           'polypeptide(L)' 
_entity_poly.nstd_linkage                   no 
_entity_poly.nstd_monomer                   no 
_entity_poly.pdbx_seq_one_letter_code       DRPSYCNLPADSGSGTKSEQRIYYNSARKQCLTFTYNGQGGNENNFRRTYDCRRTCQYP 
_entity_poly.pdbx_seq_one_letter_code_can   DRPSYCNLPADSGSGTKSEQRIYYNSARKQCLTFTYNGQGGNENNFRRTYDCRRTCQYP 
_entity_poly.pdbx_strand_id                 A,B 
_entity_poly.pdbx_target_identifier         ? 
# 
_pdbx_entity_nonpoly.entity_id   2 
_pdbx_entity_nonpoly.name        water 
_pdbx_entity_nonpoly.comp_id     HOH 
# 
loop_
_entity_poly_seq.entity_id 
_entity_poly_seq.num 
_entity_poly_seq.mon_id 
_entity_poly_seq.hetero 
1 1  ASP n 
1 2  ARG n 
1 3  PRO n 
1 4  SER n 
1 5  TYR n 
1 6  CYS n 
1 7  ASN n 
1 8  LEU n 
1 9  PRO n 
1 10 ALA n 
1 11 ASP n 
1 12 SER n 
1 13 GLY n 
1 14 SER n 
1 15 GLY n 
1 16 THR n 
1 17 LYS n 
1 18 SER n 
1 19 GLU n 
1 20 GLN n 
1 21 ARG n 
1 22 ILE n 
1 23 TYR n 
1 24 TYR n 
1 25 ASN n 
1 26 SER n 
1 27 ALA n 
1 28 ARG n 
1 29 LYS n 
1 30 GLN n 
1 31 CYS n 
1 32 LEU n 
1 33 THR n 
1 34 PHE n 
1 35 THR n 
1 36 TYR n 
1 37 ASN n 
1 38 GLY n 
1 39 GLN n 
1 40 GLY n 
1 41 GLY n 
1 42 ASN n 
1 43 GLU n 
1 44 ASN n 
1 45 ASN n 
1 46 PHE n 
1 47 ARG n 
1 48 ARG n 
1 49 THR n 
1 50 TYR n 
1 51 ASP n 
1 52 CYS n 
1 53 ARG n 
1 54 ARG n 
1 55 THR n 
1 56 CYS n 
1 57 GLN n 
1 58 TYR n 
1 59 PRO n 
# 
_entity_src_gen.entity_id                          1 
_entity_src_gen.pdbx_src_id                        1 
_entity_src_gen.pdbx_alt_source_flag               sample 
_entity_src_gen.pdbx_seq_type                      'Biological sequence' 
_entity_src_gen.pdbx_beg_seq_num                   1 
_entity_src_gen.pdbx_end_seq_num                   59 
_entity_src_gen.gene_src_common_name               ? 
_entity_src_gen.gene_src_genus                     ? 
_entity_src_gen.pdbx_gene_src_gene                 ? 
_entity_src_gen.gene_src_species                   ? 
_entity_src_gen.gene_src_strain                    ? 
_entity_src_gen.gene_src_tissue                    ? 
_entity_src_gen.gene_src_tissue_fraction           ? 
_entity_src_gen.gene_src_details                   ? 
_entity_src_gen.pdbx_gene_src_fragment             ? 
_entity_src_gen.pdbx_gene_src_scientific_name      'Conus consors' 
_entity_src_gen.pdbx_gene_src_ncbi_taxonomy_id     101297 
_entity_src_gen.pdbx_gene_src_variant              ? 
_entity_src_gen.pdbx_gene_src_cell_line            ? 
_entity_src_gen.pdbx_gene_src_atcc                 ? 
_entity_src_gen.pdbx_gene_src_organ                ? 
_entity_src_gen.pdbx_gene_src_organelle            ? 
_entity_src_gen.pdbx_gene_src_cell                 ? 
_entity_src_gen.pdbx_gene_src_cellular_location    ? 
_entity_src_gen.host_org_common_name               ? 
_entity_src_gen.pdbx_host_org_scientific_name      'Escherichia coli' 
_entity_src_gen.pdbx_host_org_ncbi_taxonomy_id     562 
_entity_src_gen.host_org_genus                     ? 
_entity_src_gen.pdbx_host_org_gene                 ? 
_entity_src_gen.pdbx_host_org_organ                ? 
_entity_src_gen.host_org_species                   ? 
_entity_src_gen.pdbx_host_org_tissue               ? 
_entity_src_gen.pdbx_host_org_tissue_fraction      ? 
_entity_src_gen.pdbx_host_org_strain               ? 
_entity_src_gen.pdbx_host_org_variant              ? 
_entity_src_gen.pdbx_host_org_cell_line            ? 
_entity_src_gen.pdbx_host_org_atcc                 ? 
_entity_src_gen.pdbx_host_org_culture_collection   ? 
_entity_src_gen.pdbx_host_org_cell                 ? 
_entity_src_gen.pdbx_host_org_organelle            ? 
_entity_src_gen.pdbx_host_org_cellular_location    ? 
_entity_src_gen.pdbx_host_org_vector_type          ? 
_entity_src_gen.pdbx_host_org_vector               ? 
_entity_src_gen.host_org_details                   ? 
_entity_src_gen.expression_system_id               ? 
_entity_src_gen.plasmid_name                       ? 
_entity_src_gen.plasmid_details                    ? 
_entity_src_gen.pdbx_description                   ? 
# 
loop_
_chem_comp.id 
_chem_comp.type 
_chem_comp.mon_nstd_flag 
_chem_comp.name 
_chem_comp.pdbx_synonyms 
_chem_comp.formula 
_chem_comp.formula_weight 
ALA 'L-peptide linking' y ALANINE         ? 'C3 H7 N O2'     89.093  
ARG 'L-peptide linking' y ARGININE        ? 'C6 H15 N4 O2 1' 175.209 
ASN 'L-peptide linking' y ASPARAGINE      ? 'C4 H8 N2 O3'    132.118 
ASP 'L-peptide linking' y 'ASPARTIC ACID' ? 'C4 H7 N O4'     133.103 
CYS 'L-peptide linking' y CYSTEINE        ? 'C3 H7 N O2 S'   121.158 
GLN 'L-peptide linking' y GLUTAMINE       ? 'C5 H10 N2 O3'   146.144 
GLU 'L-peptide linking' y 'GLUTAMIC ACID' ? 'C5 H9 N O4'     147.129 
GLY 'peptide linking'   y GLYCINE         ? 'C2 H5 N O2'     75.067  
HOH non-polymer         . WATER           ? 'H2 O'           18.015  
ILE 'L-peptide linking' y ISOLEUCINE      ? 'C6 H13 N O2'    131.173 
LEU 'L-peptide linking' y LEUCINE         ? 'C6 H13 N O2'    131.173 
LYS 'L-peptide linking' y LYSINE          ? 'C6 H15 N2 O2 1' 147.195 
PHE 'L-peptide linking' y PHENYLALANINE   ? 'C9 H11 N O2'    165.189 
PRO 'L-peptide linking' y PROLINE         ? 'C5 H9 N O2'     115.130 
SER 'L-peptide linking' y SERINE          ? 'C3 H7 N O3'     105.093 
THR 'L-peptide linking' y THREONINE       ? 'C4 H9 N O3'     119.119 
TYR 'L-peptide linking' y TYROSINE        ? 'C9 H11 N O3'    181.189 
# 
loop_
_pdbx_poly_seq_scheme.asym_id 
_pdbx_poly_seq_scheme.entity_id 
_pdbx_poly_seq_scheme.seq_id 
_pdbx_poly_seq_scheme.mon_id 
_pdbx_poly_seq_scheme.ndb_seq_num 
_pdbx_poly_seq_scheme.pdb_seq_num 
_pdbx_poly_seq_scheme.auth_seq_num 
_pdbx_poly_seq_scheme.pdb_mon_id 
_pdbx_poly_seq_scheme.auth_mon_id 
_pdbx_poly_seq_scheme.pdb_strand_id 
_pdbx_poly_seq_scheme.pdb_ins_code 
_pdbx_poly_seq_scheme.hetero 
A 1 1  ASP 1  2  2  ASP ASP A . n 
A 1 2  ARG 2  3  3  ARG ARG A . n 
A 1 3  PRO 3  4  4  PRO PRO A . n 
A 1 4  SER 4  5  5  SER SER A . n 
A 1 5  TYR 5  6  6  TYR TYR A . n 
A 1 6  CYS 6  7  7  CYS CYS A . n 
A 1 7  ASN 7  8  8  ASN ASN A . n 
A 1 8  LEU 8  9  9  LEU LEU A . n 
A 1 9  PRO 9  10 10 PRO PRO A . n 
A 1 10 ALA 10 11 11 ALA ALA A . n 
A 1 11 ASP 11 12 12 ASP ASP A . n 
A 1 12 SER 12 13 13 SER SER A . n 
A 1 13 GLY 13 14 14 GLY GLY A . n 
A 1 14 SER 14 15 15 SER SER A . n 
A 1 15 GLY 15 16 16 GLY GLY A . n 
A 1 16 THR 16 17 17 THR THR A . n 
A 1 17 LYS 17 18 18 LYS LYS A . n 
A 1 18 SER 18 19 19 SER SER A . n 
A 1 19 GLU 19 20 20 GLU GLU A . n 
A 1 20 GLN 20 21 21 GLN GLN A . n 
A 1 21 ARG 21 22 22 ARG ARG A . n 
A 1 22 ILE 22 23 23 ILE ILE A . n 
A 1 23 TYR 23 24 24 TYR TYR A . n 
A 1 24 TYR 24 25 25 TYR TYR A . n 
A 1 25 ASN 25 26 26 ASN ASN A . n 
A 1 26 SER 26 27 27 SER SER A . n 
A 1 27 ALA 27 28 28 ALA ALA A . n 
A 1 28 ARG 28 29 29 ARG ARG A . n 
A 1 29 LYS 29 30 30 LYS LYS A . n 
A 1 30 GLN 30 31 31 GLN GLN A . n 
A 1 31 CYS 31 32 32 CYS CYS A . n 
A 1 32 LEU 32 33 33 LEU LEU A . n 
A 1 33 THR 33 34 34 THR THR A . n 
A 1 34 PHE 34 35 35 PHE PHE A . n 
A 1 35 THR 35 36 36 THR THR A . n 
A 1 36 TYR 36 37 37 TYR TYR A . n 
A 1 37 ASN 37 38 38 ASN ASN A . n 
A 1 38 GLY 38 39 39 GLY GLY A . n 
A 1 39 GLN 39 40 40 GLN GLN A . n 
A 1 40 GLY 40 41 41 GLY GLY A . n 
A 1 41 GLY 41 42 42 GLY GLY A . n 
A 1 42 ASN 42 43 43 ASN ASN A . n 
A 1 43 GLU 43 44 44 GLU GLU A . n 
A 1 44 ASN 44 45 45 ASN ASN A . n 
A 1 45 ASN 45 46 46 ASN ASN A . n 
A 1 46 PHE 46 47 47 PHE PHE A . n 
A 1 47 ARG 47 48 48 ARG ARG A . n 
A 1 48 ARG 48 49 49 ARG ARG A . n 
A 1 49 THR 49 50 50 THR THR A . n 
A 1 50 TYR 50 51 51 TYR TYR A . n 
A 1 51 ASP 51 52 52 ASP ASP A . n 
A 1 52 CYS 52 53 53 CYS CYS A . n 
A 1 53 ARG 53 54 54 ARG ARG A . n 
A 1 54 ARG 54 55 55 ARG ARG A . n 
A 1 55 THR 55 56 56 THR THR A . n 
A 1 56 CYS 56 57 57 CYS CYS A . n 
A 1 57 GLN 57 58 58 GLN GLN A . n 
A 1 58 TYR 58 59 59 TYR TYR A . n 
A 1 59 PRO 59 60 60 PRO PRO A . n 
B 1 1  ASP 1  2  2  ASP ASP B . n 
B 1 2  ARG 2  3  3  ARG ARG B . n 
B 1 3  PRO 3  4  4  PRO PRO B . n 
B 1 4  SER 4  5  5  SER SER B . n 
B 1 5  TYR 5  6  6  TYR TYR B . n 
B 1 6  CYS 6  7  7  CYS CYS B . n 
B 1 7  ASN 7  8  8  ASN ASN B . n 
B 1 8  LEU 8  9  9  LEU LEU B . n 
B 1 9  PRO 9  10 10 PRO PRO B . n 
B 1 10 ALA 10 11 11 ALA ALA B . n 
B 1 11 ASP 11 12 12 ASP ASP B . n 
B 1 12 SER 12 13 13 SER SER B . n 
B 1 13 GLY 13 14 14 GLY GLY B . n 
B 1 14 SER 14 15 15 SER SER B . n 
B 1 15 GLY 15 16 16 GLY GLY B . n 
B 1 16 THR 16 17 17 THR THR B . n 
B 1 17 LYS 17 18 18 LYS LYS B . n 
B 1 18 SER 18 19 19 SER SER B . n 
B 1 19 GLU 19 20 20 GLU GLU B . n 
B 1 20 GLN 20 21 21 GLN GLN B . n 
B 1 21 ARG 21 22 22 ARG ARG B . n 
B 1 22 ILE 22 23 23 ILE ILE B . n 
B 1 23 TYR 23 24 24 TYR TYR B . n 
B 1 24 TYR 24 25 25 TYR TYR B . n 
B 1 25 ASN 25 26 26 ASN ASN B . n 
B 1 26 SER 26 27 27 SER SER B . n 
B 1 27 ALA 27 28 28 ALA ALA B . n 
B 1 28 ARG 28 29 29 ARG ARG B . n 
B 1 29 LYS 29 30 30 LYS LYS B . n 
B 1 30 GLN 30 31 31 GLN GLN B . n 
B 1 31 CYS 31 32 32 CYS CYS B . n 
B 1 32 LEU 32 33 33 LEU LEU B . n 
B 1 33 THR 33 34 34 THR THR B . n 
B 1 34 PHE 34 35 35 PHE PHE B . n 
B 1 35 THR 35 36 36 THR THR B . n 
B 1 36 TYR 36 37 37 TYR TYR B . n 
B 1 37 ASN 37 38 38 ASN ASN B . n 
B 1 38 GLY 38 39 39 GLY GLY B . n 
B 1 39 GLN 39 40 40 GLN GLN B . n 
B 1 40 GLY 40 41 41 GLY GLY B . n 
B 1 41 GLY 41 42 42 GLY GLY B . n 
B 1 42 ASN 42 43 43 ASN ASN B . n 
B 1 43 GLU 43 44 44 GLU GLU B . n 
B 1 44 ASN 44 45 45 ASN ASN B . n 
B 1 45 ASN 45 46 46 ASN ASN B . n 
B 1 46 PHE 46 47 47 PHE PHE B . n 
B 1 47 ARG 47 48 48 ARG ARG B . n 
B 1 48 ARG 48 49 49 ARG ARG B . n 
B 1 49 THR 49 50 50 THR THR B . n 
B 1 50 TYR 50 51 51 TYR TYR B . n 
B 1 51 ASP 51 52 52 ASP ASP B . n 
B 1 52 CYS 52 53 53 CYS CYS B . n 
B 1 53 ARG 53 54 54 ARG ARG B . n 
B 1 54 ARG 54 55 55 ARG ARG B . n 
B 1 55 THR 55 56 56 THR THR B . n 
B 1 56 CYS 56 57 57 CYS CYS B . n 
B 1 57 GLN 57 58 58 GLN GLN B . n 
B 1 58 TYR 58 59 59 TYR TYR B . n 
B 1 59 PRO 59 60 60 PRO PRO B . n 
# 
loop_
_pdbx_nonpoly_scheme.asym_id 
_pdbx_nonpoly_scheme.entity_id 
_pdbx_nonpoly_scheme.mon_id 
_pdbx_nonpoly_scheme.ndb_seq_num 
_pdbx_nonpoly_scheme.pdb_seq_num 
_pdbx_nonpoly_scheme.auth_seq_num 
_pdbx_nonpoly_scheme.pdb_mon_id 
_pdbx_nonpoly_scheme.auth_mon_id 
_pdbx_nonpoly_scheme.pdb_strand_id 
_pdbx_nonpoly_scheme.pdb_ins_code 
C 2 HOH 1  101 20 HOH HOH A . 
C 2 HOH 2  102 35 HOH HOH A . 
C 2 HOH 3  103 72 HOH HOH A . 
C 2 HOH 4  104 45 HOH HOH A . 
C 2 HOH 5  105 69 HOH HOH A . 
C 2 HOH 6  106 63 HOH HOH A . 
C 2 HOH 7  107 55 HOH HOH A . 
C 2 HOH 8  108 11 HOH HOH A . 
C 2 HOH 9  109 22 HOH HOH A . 
C 2 HOH 10 110 46 HOH HOH A . 
C 2 HOH 11 111 3  HOH HOH A . 
C 2 HOH 12 112 70 HOH HOH A . 
C 2 HOH 13 113 51 HOH HOH A . 
C 2 HOH 14 114 29 HOH HOH A . 
C 2 HOH 15 115 1  HOH HOH A . 
C 2 HOH 16 116 57 HOH HOH A . 
C 2 HOH 17 117 28 HOH HOH A . 
C 2 HOH 18 118 53 HOH HOH A . 
C 2 HOH 19 119 62 HOH HOH A . 
C 2 HOH 20 120 60 HOH HOH A . 
C 2 HOH 21 121 65 HOH HOH A . 
C 2 HOH 22 122 40 HOH HOH A . 
C 2 HOH 23 123 12 HOH HOH A . 
C 2 HOH 24 124 31 HOH HOH A . 
C 2 HOH 25 125 83 HOH HOH A . 
C 2 HOH 26 126 5  HOH HOH A . 
C 2 HOH 27 127 10 HOH HOH A . 
C 2 HOH 28 128 30 HOH HOH A . 
C 2 HOH 29 129 37 HOH HOH A . 
C 2 HOH 30 130 27 HOH HOH A . 
C 2 HOH 31 131 14 HOH HOH A . 
C 2 HOH 32 132 38 HOH HOH A . 
C 2 HOH 33 133 64 HOH HOH A . 
C 2 HOH 34 134 81 HOH HOH A . 
C 2 HOH 35 135 47 HOH HOH A . 
C 2 HOH 36 136 42 HOH HOH A . 
C 2 HOH 37 137 50 HOH HOH A . 
C 2 HOH 38 138 80 HOH HOH A . 
C 2 HOH 39 139 76 HOH HOH A . 
C 2 HOH 40 140 79 HOH HOH A . 
C 2 HOH 41 141 19 HOH HOH A . 
D 2 HOH 1  101 13 HOH HOH B . 
D 2 HOH 2  102 33 HOH HOH B . 
D 2 HOH 3  103 49 HOH HOH B . 
D 2 HOH 4  104 15 HOH HOH B . 
D 2 HOH 5  105 26 HOH HOH B . 
D 2 HOH 6  106 59 HOH HOH B . 
D 2 HOH 7  107 18 HOH HOH B . 
D 2 HOH 8  108 16 HOH HOH B . 
D 2 HOH 9  109 85 HOH HOH B . 
D 2 HOH 10 110 9  HOH HOH B . 
D 2 HOH 11 111 84 HOH HOH B . 
D 2 HOH 12 112 2  HOH HOH B . 
D 2 HOH 13 113 54 HOH HOH B . 
D 2 HOH 14 114 4  HOH HOH B . 
D 2 HOH 15 115 6  HOH HOH B . 
D 2 HOH 16 116 36 HOH HOH B . 
D 2 HOH 17 117 8  HOH HOH B . 
D 2 HOH 18 118 23 HOH HOH B . 
D 2 HOH 19 119 68 HOH HOH B . 
D 2 HOH 20 120 48 HOH HOH B . 
D 2 HOH 21 121 7  HOH HOH B . 
D 2 HOH 22 122 17 HOH HOH B . 
D 2 HOH 23 123 24 HOH HOH B . 
D 2 HOH 24 124 82 HOH HOH B . 
D 2 HOH 25 125 78 HOH HOH B . 
D 2 HOH 26 126 41 HOH HOH B . 
D 2 HOH 27 127 21 HOH HOH B . 
D 2 HOH 28 128 73 HOH HOH B . 
D 2 HOH 29 129 44 HOH HOH B . 
D 2 HOH 30 130 25 HOH HOH B . 
D 2 HOH 31 131 86 HOH HOH B . 
D 2 HOH 32 132 58 HOH HOH B . 
D 2 HOH 33 133 39 HOH HOH B . 
D 2 HOH 34 134 43 HOH HOH B . 
D 2 HOH 35 135 61 HOH HOH B . 
D 2 HOH 36 136 52 HOH HOH B . 
D 2 HOH 37 137 71 HOH HOH B . 
D 2 HOH 38 138 75 HOH HOH B . 
D 2 HOH 39 139 77 HOH HOH B . 
# 
loop_
_pdbx_unobs_or_zero_occ_atoms.id 
_pdbx_unobs_or_zero_occ_atoms.PDB_model_num 
_pdbx_unobs_or_zero_occ_atoms.polymer_flag 
_pdbx_unobs_or_zero_occ_atoms.occupancy_flag 
_pdbx_unobs_or_zero_occ_atoms.auth_asym_id 
_pdbx_unobs_or_zero_occ_atoms.auth_comp_id 
_pdbx_unobs_or_zero_occ_atoms.auth_seq_id 
_pdbx_unobs_or_zero_occ_atoms.PDB_ins_code 
_pdbx_unobs_or_zero_occ_atoms.auth_atom_id 
_pdbx_unobs_or_zero_occ_atoms.label_alt_id 
_pdbx_unobs_or_zero_occ_atoms.label_asym_id 
_pdbx_unobs_or_zero_occ_atoms.label_comp_id 
_pdbx_unobs_or_zero_occ_atoms.label_seq_id 
_pdbx_unobs_or_zero_occ_atoms.label_atom_id 
1  1 Y 1 A GLN 40 ? CD  ? A GLN 39 CD  
2  1 Y 1 A GLN 40 ? OE1 ? A GLN 39 OE1 
3  1 Y 1 A GLN 40 ? NE2 ? A GLN 39 NE2 
4  1 Y 1 A ARG 55 ? CD  ? A ARG 54 CD  
5  1 Y 1 A ARG 55 ? NE  ? A ARG 54 NE  
6  1 Y 1 A ARG 55 ? CZ  ? A ARG 54 CZ  
7  1 Y 1 A ARG 55 ? NH1 ? A ARG 54 NH1 
8  1 Y 1 A ARG 55 ? NH2 ? A ARG 54 NH2 
9  1 Y 1 B ASP 2  ? CG  ? B ASP 1  CG  
10 1 Y 1 B ASP 2  ? OD1 ? B ASP 1  OD1 
11 1 Y 1 B ASP 2  ? OD2 ? B ASP 1  OD2 
12 1 Y 1 B LYS 18 ? CE  ? B LYS 17 CE  
13 1 Y 1 B LYS 18 ? NZ  ? B LYS 17 NZ  
14 1 Y 1 B GLU 20 ? CD  ? B GLU 19 CD  
15 1 Y 1 B GLU 20 ? OE1 ? B GLU 19 OE1 
16 1 Y 1 B GLU 20 ? OE2 ? B GLU 19 OE2 
# 
loop_
_software.citation_id 
_software.classification 
_software.compiler_name 
_software.compiler_version 
_software.contact_author 
_software.contact_author_email 
_software.date 
_software.description 
_software.dependencies 
_software.hardware 
_software.language 
_software.location 
_software.mods 
_software.name 
_software.os 
_software.os_version 
_software.type 
_software.version 
_software.pdbx_ordinal 
? refinement        ? ? ? ? ? ? ? ? ? ? ? PHENIX      ? ? ? 1.17.1_3660 1 
? 'data extraction' ? ? ? ? ? ? ? ? ? ? ? PDB_EXTRACT ? ? ? 3.25        2 
? 'data reduction'  ? ? ? ? ? ? ? ? ? ? ? HKL-2000    ? ? ? .           3 
? 'data scaling'    ? ? ? ? ? ? ? ? ? ? ? SCALEPACK   ? ? ? .           4 
? phasing           ? ? ? ? ? ? ? ? ? ? ? MOLREP      ? ? ? .           5 
# 
_cell.angle_alpha                  90.000 
_cell.angle_alpha_esd              ? 
_cell.angle_beta                   90.000 
_cell.angle_beta_esd               ? 
_cell.angle_gamma                  90.000 
_cell.angle_gamma_esd              ? 
_cell.entry_id                     6YHY 
_cell.details                      ? 
_cell.formula_units_Z              ? 
_cell.length_a                     41.776 
_cell.length_a_esd                 ? 
_cell.length_b                     52.285 
_cell.length_b_esd                 ? 
_cell.length_c                     56.149 
_cell.length_c_esd                 ? 
_cell.volume                       ? 
_cell.volume_esd                   ? 
_cell.Z_PDB                        8 
_cell.reciprocal_angle_alpha       ? 
_cell.reciprocal_angle_beta        ? 
_cell.reciprocal_angle_gamma       ? 
_cell.reciprocal_angle_alpha_esd   ? 
_cell.reciprocal_angle_beta_esd    ? 
_cell.reciprocal_angle_gamma_esd   ? 
_cell.reciprocal_length_a          ? 
_cell.reciprocal_length_b          ? 
_cell.reciprocal_length_c          ? 
_cell.reciprocal_length_a_esd      ? 
_cell.reciprocal_length_b_esd      ? 
_cell.reciprocal_length_c_esd      ? 
_cell.pdbx_unique_axis             ? 
# 
_symmetry.entry_id                         6YHY 
_symmetry.cell_setting                     ? 
_symmetry.Int_Tables_number                19 
_symmetry.space_group_name_Hall            ? 
_symmetry.space_group_name_H-M             'P 21 21 21' 
_symmetry.pdbx_full_space_group_name_H-M   ? 
# 
_exptl.absorpt_coefficient_mu     ? 
_exptl.absorpt_correction_T_max   ? 
_exptl.absorpt_correction_T_min   ? 
_exptl.absorpt_correction_type    ? 
_exptl.absorpt_process_details    ? 
_exptl.entry_id                   6YHY 
_exptl.crystals_number            1 
_exptl.details                    ? 
_exptl.method                     'X-RAY DIFFRACTION' 
_exptl.method_details             ? 
# 
_exptl_crystal.colour                      ? 
_exptl_crystal.density_diffrn              ? 
_exptl_crystal.density_Matthews            2.23 
_exptl_crystal.density_method              ? 
_exptl_crystal.density_percent_sol         44.94 
_exptl_crystal.description                 ? 
_exptl_crystal.F_000                       ? 
_exptl_crystal.id                          1 
_exptl_crystal.preparation                 ? 
_exptl_crystal.size_max                    ? 
_exptl_crystal.size_mid                    ? 
_exptl_crystal.size_min                    ? 
_exptl_crystal.size_rad                    ? 
_exptl_crystal.colour_lustre               ? 
_exptl_crystal.colour_modifier             ? 
_exptl_crystal.colour_primary              ? 
_exptl_crystal.density_meas                ? 
_exptl_crystal.density_meas_esd            ? 
_exptl_crystal.density_meas_gt             ? 
_exptl_crystal.density_meas_lt             ? 
_exptl_crystal.density_meas_temp           ? 
_exptl_crystal.density_meas_temp_esd       ? 
_exptl_crystal.density_meas_temp_gt        ? 
_exptl_crystal.density_meas_temp_lt        ? 
_exptl_crystal.pdbx_crystal_image_url      ? 
_exptl_crystal.pdbx_crystal_image_format   ? 
_exptl_crystal.pdbx_mosaicity              ? 
_exptl_crystal.pdbx_mosaicity_esd          ? 
# 
_exptl_crystal_grow.apparatus       ? 
_exptl_crystal_grow.atmosphere      ? 
_exptl_crystal_grow.crystal_id      1 
_exptl_crystal_grow.details         ? 
_exptl_crystal_grow.method          'VAPOR DIFFUSION, HANGING DROP' 
_exptl_crystal_grow.method_ref      ? 
_exptl_crystal_grow.pH              5.6 
_exptl_crystal_grow.pressure        ? 
_exptl_crystal_grow.pressure_esd    ? 
_exptl_crystal_grow.seeding         ? 
_exptl_crystal_grow.seeding_ref     ? 
_exptl_crystal_grow.temp            292 
_exptl_crystal_grow.temp_details    ? 
_exptl_crystal_grow.temp_esd        ? 
_exptl_crystal_grow.time            ? 
_exptl_crystal_grow.pdbx_details    
;0.100M Sodium citrate tribasic dihydrate pH 5.6
20.00% v/v Isopropanol
20.00% w/v Polyethylene glycol 4,000
;
_exptl_crystal_grow.pdbx_pH_range   ? 
# 
_diffrn.ambient_environment              ? 
_diffrn.ambient_temp                     100 
_diffrn.ambient_temp_details             ? 
_diffrn.ambient_temp_esd                 ? 
_diffrn.crystal_id                       1 
_diffrn.crystal_support                  ? 
_diffrn.crystal_treatment                ? 
_diffrn.details                          ? 
_diffrn.id                               1 
_diffrn.ambient_pressure                 ? 
_diffrn.ambient_pressure_esd             ? 
_diffrn.ambient_pressure_gt              ? 
_diffrn.ambient_pressure_lt              ? 
_diffrn.ambient_temp_gt                  ? 
_diffrn.ambient_temp_lt                  ? 
_diffrn.pdbx_serial_crystal_experiment   N 
# 
_diffrn_detector.details                      ? 
_diffrn_detector.detector                     PIXEL 
_diffrn_detector.diffrn_id                    1 
_diffrn_detector.type                         'DECTRIS PILATUS3 S 6M' 
_diffrn_detector.area_resol_mean              ? 
_diffrn_detector.dtime                        ? 
_diffrn_detector.pdbx_frames_total            ? 
_diffrn_detector.pdbx_collection_time_total   ? 
_diffrn_detector.pdbx_collection_date         2011-11-15 
_diffrn_detector.pdbx_frequency               ? 
# 
_diffrn_radiation.collimation                      ? 
_diffrn_radiation.diffrn_id                        1 
_diffrn_radiation.filter_edge                      ? 
_diffrn_radiation.inhomogeneity                    ? 
_diffrn_radiation.monochromator                    ? 
_diffrn_radiation.polarisn_norm                    ? 
_diffrn_radiation.polarisn_ratio                   ? 
_diffrn_radiation.probe                            ? 
_diffrn_radiation.type                             ? 
_diffrn_radiation.xray_symbol                      ? 
_diffrn_radiation.wavelength_id                    1 
_diffrn_radiation.pdbx_monochromatic_or_laue_m_l   M 
_diffrn_radiation.pdbx_wavelength_list             ? 
_diffrn_radiation.pdbx_wavelength                  ? 
_diffrn_radiation.pdbx_diffrn_protocol             'SINGLE WAVELENGTH' 
_diffrn_radiation.pdbx_analyzer                    ? 
_diffrn_radiation.pdbx_scattering_type             x-ray 
# 
_diffrn_radiation_wavelength.id           1 
_diffrn_radiation_wavelength.wavelength   0.97625 
_diffrn_radiation_wavelength.wt           1.0 
# 
_diffrn_source.current                     ? 
_diffrn_source.details                     ? 
_diffrn_source.diffrn_id                   1 
_diffrn_source.power                       ? 
_diffrn_source.size                        ? 
_diffrn_source.source                      SYNCHROTRON 
_diffrn_source.target                      ? 
_diffrn_source.type                        'ESRF BEAMLINE ID29' 
_diffrn_source.voltage                     ? 
_diffrn_source.take-off_angle              ? 
_diffrn_source.pdbx_wavelength_list        0.97625 
_diffrn_source.pdbx_wavelength             ? 
_diffrn_source.pdbx_synchrotron_beamline   ID29 
_diffrn_source.pdbx_synchrotron_site       ESRF 
# 
_reflns.B_iso_Wilson_estimate            ? 
_reflns.entry_id                         6YHY 
_reflns.data_reduction_details           ? 
_reflns.data_reduction_method            ? 
_reflns.d_resolution_high                1.55 
_reflns.d_resolution_low                 19.13 
_reflns.details                          ? 
_reflns.limit_h_max                      ? 
_reflns.limit_h_min                      ? 
_reflns.limit_k_max                      ? 
_reflns.limit_k_min                      ? 
_reflns.limit_l_max                      ? 
_reflns.limit_l_min                      ? 
_reflns.number_all                       ? 
_reflns.number_obs                       35688 
_reflns.observed_criterion               ? 
_reflns.observed_criterion_F_max         ? 
_reflns.observed_criterion_F_min         ? 
_reflns.observed_criterion_I_max         ? 
_reflns.observed_criterion_I_min         ? 
_reflns.observed_criterion_sigma_F       ? 
_reflns.observed_criterion_sigma_I       ? 
_reflns.percent_possible_obs             98.35 
_reflns.R_free_details                   ? 
_reflns.Rmerge_F_all                     ? 
_reflns.Rmerge_F_obs                     ? 
_reflns.Friedel_coverage                 ? 
_reflns.number_gt                        ? 
_reflns.threshold_expression             ? 
_reflns.pdbx_redundancy                  4.2 
_reflns.pdbx_Rmerge_I_obs                0.028 
_reflns.pdbx_Rmerge_I_all                ? 
_reflns.pdbx_Rsym_value                  ? 
_reflns.pdbx_netI_over_av_sigmaI         ? 
_reflns.pdbx_netI_over_sigmaI            17.26 
_reflns.pdbx_res_netI_over_av_sigmaI_2   ? 
_reflns.pdbx_res_netI_over_sigmaI_2      ? 
_reflns.pdbx_chi_squared                 ? 
_reflns.pdbx_scaling_rejects             ? 
_reflns.pdbx_d_res_high_opt              ? 
_reflns.pdbx_d_res_low_opt               ? 
_reflns.pdbx_d_res_opt_method            ? 
_reflns.phase_calculation_details        ? 
_reflns.pdbx_Rrim_I_all                  0.039 
_reflns.pdbx_Rpim_I_all                  0.028 
_reflns.pdbx_d_opt                       ? 
_reflns.pdbx_number_measured_all         ? 
_reflns.pdbx_diffrn_id                   1 
_reflns.pdbx_ordinal                     1 
_reflns.pdbx_CC_half                     0.998 
_reflns.pdbx_CC_star                     ? 
_reflns.pdbx_R_split                     ? 
# 
_reflns_shell.d_res_high                  1.55 
_reflns_shell.d_res_low                   1.61 
_reflns_shell.meanI_over_sigI_all         ? 
_reflns_shell.meanI_over_sigI_obs         4.3 
_reflns_shell.number_measured_all         ? 
_reflns_shell.number_measured_obs         ? 
_reflns_shell.number_possible             ? 
_reflns_shell.number_unique_all           ? 
_reflns_shell.number_unique_obs           3386 
_reflns_shell.percent_possible_all        94.81 
_reflns_shell.percent_possible_obs        ? 
_reflns_shell.Rmerge_F_all                ? 
_reflns_shell.Rmerge_F_obs                ? 
_reflns_shell.Rmerge_I_all                ? 
_reflns_shell.Rmerge_I_obs                0.4133 
_reflns_shell.meanI_over_sigI_gt          ? 
_reflns_shell.meanI_over_uI_all           ? 
_reflns_shell.meanI_over_uI_gt            ? 
_reflns_shell.number_measured_gt          ? 
_reflns_shell.number_unique_gt            ? 
_reflns_shell.percent_possible_gt         ? 
_reflns_shell.Rmerge_F_gt                 ? 
_reflns_shell.Rmerge_I_gt                 ? 
_reflns_shell.pdbx_redundancy             ? 
_reflns_shell.pdbx_Rsym_value             ? 
_reflns_shell.pdbx_chi_squared            ? 
_reflns_shell.pdbx_netI_over_sigmaI_all   ? 
_reflns_shell.pdbx_netI_over_sigmaI_obs   ? 
_reflns_shell.pdbx_Rrim_I_all             0.5845 
_reflns_shell.pdbx_Rpim_I_all             0.4133 
_reflns_shell.pdbx_rejects                ? 
_reflns_shell.pdbx_ordinal                1 
_reflns_shell.pdbx_diffrn_id              1 
_reflns_shell.pdbx_CC_half                0.587 
_reflns_shell.pdbx_CC_star                ? 
_reflns_shell.pdbx_R_split                ? 
# 
_refine.aniso_B[1][1]                            ? 
_refine.aniso_B[1][2]                            ? 
_refine.aniso_B[1][3]                            ? 
_refine.aniso_B[2][2]                            ? 
_refine.aniso_B[2][3]                            ? 
_refine.aniso_B[3][3]                            ? 
_refine.B_iso_max                                59.070 
_refine.B_iso_mean                               23.3189 
_refine.B_iso_min                                11.820 
_refine.correlation_coeff_Fo_to_Fc               ? 
_refine.correlation_coeff_Fo_to_Fc_free          ? 
_refine.details                                  ? 
_refine.diff_density_max                         ? 
_refine.diff_density_max_esd                     ? 
_refine.diff_density_min                         ? 
_refine.diff_density_min_esd                     ? 
_refine.diff_density_rms                         ? 
_refine.diff_density_rms_esd                     ? 
_refine.entry_id                                 6YHY 
_refine.pdbx_refine_id                           'X-RAY DIFFRACTION' 
_refine.ls_abs_structure_details                 ? 
_refine.ls_abs_structure_Flack                   ? 
_refine.ls_abs_structure_Flack_esd               ? 
_refine.ls_abs_structure_Rogers                  ? 
_refine.ls_abs_structure_Rogers_esd              ? 
_refine.ls_d_res_high                            1.5500 
_refine.ls_d_res_low                             19.1300 
_refine.ls_extinction_coef                       ? 
_refine.ls_extinction_coef_esd                   ? 
_refine.ls_extinction_expression                 ? 
_refine.ls_extinction_method                     ? 
_refine.ls_goodness_of_fit_all                   ? 
_refine.ls_goodness_of_fit_all_esd               ? 
_refine.ls_goodness_of_fit_obs                   ? 
_refine.ls_goodness_of_fit_obs_esd               ? 
_refine.ls_hydrogen_treatment                    ? 
_refine.ls_matrix_type                           ? 
_refine.ls_number_constraints                    ? 
_refine.ls_number_parameters                     ? 
_refine.ls_number_reflns_all                     ? 
_refine.ls_number_reflns_obs                     33433 
_refine.ls_number_reflns_R_free                  1686 
_refine.ls_number_reflns_R_work                  ? 
_refine.ls_number_restraints                     ? 
_refine.ls_percent_reflns_obs                    97.4000 
_refine.ls_percent_reflns_R_free                 5.0400 
_refine.ls_R_factor_all                          ? 
_refine.ls_R_factor_obs                          0.1922 
_refine.ls_R_factor_R_free                       0.2249 
_refine.ls_R_factor_R_free_error                 ? 
_refine.ls_R_factor_R_free_error_details         ? 
_refine.ls_R_factor_R_work                       0.1904 
_refine.ls_R_Fsqd_factor_obs                     ? 
_refine.ls_R_I_factor_obs                        ? 
_refine.ls_redundancy_reflns_all                 ? 
_refine.ls_redundancy_reflns_obs                 ? 
_refine.ls_restrained_S_all                      ? 
_refine.ls_restrained_S_obs                      ? 
_refine.ls_shift_over_esd_max                    ? 
_refine.ls_shift_over_esd_mean                   ? 
_refine.ls_structure_factor_coef                 ? 
_refine.ls_weighting_details                     ? 
_refine.ls_weighting_scheme                      ? 
_refine.ls_wR_factor_all                         ? 
_refine.ls_wR_factor_obs                         ? 
_refine.ls_wR_factor_R_free                      ? 
_refine.ls_wR_factor_R_work                      ? 
_refine.occupancy_max                            ? 
_refine.occupancy_min                            ? 
_refine.solvent_model_details                    ? 
_refine.solvent_model_param_bsol                 ? 
_refine.solvent_model_param_ksol                 ? 
_refine.pdbx_R_complete                          ? 
_refine.ls_R_factor_gt                           ? 
_refine.ls_goodness_of_fit_gt                    ? 
_refine.ls_goodness_of_fit_ref                   ? 
_refine.ls_shift_over_su_max                     ? 
_refine.ls_shift_over_su_max_lt                  ? 
_refine.ls_shift_over_su_mean                    ? 
_refine.ls_shift_over_su_mean_lt                 ? 
_refine.pdbx_ls_sigma_I                          ? 
_refine.pdbx_ls_sigma_F                          1.350 
_refine.pdbx_ls_sigma_Fsqd                       ? 
_refine.pdbx_data_cutoff_high_absF               ? 
_refine.pdbx_data_cutoff_high_rms_absF           ? 
_refine.pdbx_data_cutoff_low_absF                ? 
_refine.pdbx_isotropic_thermal_model             ? 
_refine.pdbx_ls_cross_valid_method               THROUGHOUT 
_refine.pdbx_method_to_determine_struct          'MOLECULAR REPLACEMENT' 
_refine.pdbx_starting_model                      1Y62 
_refine.pdbx_stereochemistry_target_values       ? 
_refine.pdbx_R_Free_selection_details            ? 
_refine.pdbx_stereochem_target_val_spec_case     ? 
_refine.pdbx_overall_ESU_R                       ? 
_refine.pdbx_overall_ESU_R_Free                  ? 
_refine.pdbx_solvent_vdw_probe_radii             1.1100 
_refine.pdbx_solvent_ion_probe_radii             ? 
_refine.pdbx_solvent_shrinkage_radii             0.9000 
_refine.pdbx_real_space_R                        ? 
_refine.pdbx_density_correlation                 ? 
_refine.pdbx_pd_number_of_powder_patterns        ? 
_refine.pdbx_pd_number_of_points                 ? 
_refine.pdbx_pd_meas_number_of_points            ? 
_refine.pdbx_pd_proc_ls_prof_R_factor            ? 
_refine.pdbx_pd_proc_ls_prof_wR_factor           ? 
_refine.pdbx_pd_Marquardt_correlation_coeff      ? 
_refine.pdbx_pd_Fsqrd_R_factor                   ? 
_refine.pdbx_pd_ls_matrix_band_width             ? 
_refine.pdbx_overall_phase_error                 23.1800 
_refine.pdbx_overall_SU_R_free_Cruickshank_DPI   ? 
_refine.pdbx_overall_SU_R_free_Blow_DPI          ? 
_refine.pdbx_overall_SU_R_Blow_DPI               ? 
_refine.pdbx_TLS_residual_ADP_flag               ? 
_refine.pdbx_diffrn_id                           1 
_refine.overall_SU_B                             ? 
_refine.overall_SU_ML                            0.2200 
_refine.overall_SU_R_Cruickshank_DPI             ? 
_refine.overall_SU_R_free                        ? 
_refine.overall_FOM_free_R_set                   ? 
_refine.overall_FOM_work_R_set                   ? 
_refine.pdbx_average_fsc_overall                 ? 
_refine.pdbx_average_fsc_work                    ? 
_refine.pdbx_average_fsc_free                    ? 
# 
_refine_hist.pdbx_refine_id                   'X-RAY DIFFRACTION' 
_refine_hist.cycle_id                         final 
_refine_hist.details                          ? 
_refine_hist.d_res_high                       1.5500 
_refine_hist.d_res_low                        19.1300 
_refine_hist.number_atoms_solvent             80 
_refine_hist.number_atoms_total               1024 
_refine_hist.number_reflns_all                ? 
_refine_hist.number_reflns_obs                ? 
_refine_hist.number_reflns_R_free             ? 
_refine_hist.number_reflns_R_work             ? 
_refine_hist.R_factor_all                     ? 
_refine_hist.R_factor_obs                     ? 
_refine_hist.R_factor_R_free                  ? 
_refine_hist.R_factor_R_work                  ? 
_refine_hist.pdbx_number_residues_total       118 
_refine_hist.pdbx_B_iso_mean_ligand           ? 
_refine_hist.pdbx_B_iso_mean_solvent          31.83 
_refine_hist.pdbx_number_atoms_protein        944 
_refine_hist.pdbx_number_atoms_nucleic_acid   0 
_refine_hist.pdbx_number_atoms_ligand         0 
_refine_hist.pdbx_number_atoms_lipid          ? 
_refine_hist.pdbx_number_atoms_carb           ? 
_refine_hist.pdbx_pseudo_atom_details         ? 
# 
loop_
_refine_ls_shell.pdbx_refine_id 
_refine_ls_shell.d_res_high 
_refine_ls_shell.d_res_low 
_refine_ls_shell.number_reflns_all 
_refine_ls_shell.number_reflns_obs 
_refine_ls_shell.number_reflns_R_free 
_refine_ls_shell.number_reflns_R_work 
_refine_ls_shell.percent_reflns_obs 
_refine_ls_shell.percent_reflns_R_free 
_refine_ls_shell.R_factor_all 
_refine_ls_shell.R_factor_obs 
_refine_ls_shell.R_factor_R_free 
_refine_ls_shell.R_factor_R_free_error 
_refine_ls_shell.R_factor_R_work 
_refine_ls_shell.redundancy_reflns_all 
_refine_ls_shell.redundancy_reflns_obs 
_refine_ls_shell.wR_factor_all 
_refine_ls_shell.wR_factor_obs 
_refine_ls_shell.wR_factor_R_free 
_refine_ls_shell.wR_factor_R_work 
_refine_ls_shell.pdbx_R_complete 
_refine_ls_shell.pdbx_total_number_of_bins_used 
_refine_ls_shell.pdbx_phase_error 
_refine_ls_shell.pdbx_fsc_work 
_refine_ls_shell.pdbx_fsc_free 
'X-RAY DIFFRACTION' 1.5500 1.6000  2716 . 161 2555 94.0000 . . . 0.3360 0.0000 0.2942 . . . . . . . 12 . . . 
'X-RAY DIFFRACTION' 1.6000 1.6500  2785 . 117 2668 98.0000 . . . 0.3210 0.0000 0.2780 . . . . . . . 12 . . . 
'X-RAY DIFFRACTION' 1.6500 1.7100  2810 . 156 2654 98.0000 . . . 0.2881 0.0000 0.2594 . . . . . . . 12 . . . 
'X-RAY DIFFRACTION' 1.7100 1.7800  2768 . 137 2631 98.0000 . . . 0.2747 0.0000 0.2378 . . . . . . . 12 . . . 
'X-RAY DIFFRACTION' 1.7800 1.8600  2832 . 144 2688 98.0000 . . . 0.2488 0.0000 0.2167 . . . . . . . 12 . . . 
'X-RAY DIFFRACTION' 1.8600 1.9600  2786 . 151 2635 98.0000 . . . 0.2088 0.0000 0.1963 . . . . . . . 12 . . . 
'X-RAY DIFFRACTION' 1.9600 2.0800  2824 . 132 2692 98.0000 . . . 0.2189 0.0000 0.1848 . . . . . . . 12 . . . 
'X-RAY DIFFRACTION' 2.0800 2.2400  2798 . 141 2657 98.0000 . . . 0.2408 0.0000 0.1918 . . . . . . . 12 . . . 
'X-RAY DIFFRACTION' 2.2400 2.4600  2799 . 138 2661 98.0000 . . . 0.3045 0.0000 0.1963 . . . . . . . 12 . . . 
'X-RAY DIFFRACTION' 2.4600 2.8200  2831 . 124 2707 99.0000 . . . 0.2444 0.0000 0.1943 . . . . . . . 12 . . . 
'X-RAY DIFFRACTION' 2.8200 3.5500  2800 . 151 2649 98.0000 . . . 0.2049 0.0000 0.1843 . . . . . . . 12 . . . 
'X-RAY DIFFRACTION' 3.5500 19.1300 2684 . 134 2550 94.0000 . . . 0.1748 0.0000 0.1573 . . . . . . . 12 . . . 
# 
_struct.entry_id                     6YHY 
_struct.title                        'A lid blocking mechanism of a cone snail toxin revealed at the atomic level' 
_struct.pdbx_model_details           ? 
_struct.pdbx_formula_weight          ? 
_struct.pdbx_formula_weight_method   ? 
_struct.pdbx_model_type_details      ? 
_struct.pdbx_CASP_flag               N 
# 
_struct_keywords.entry_id        6YHY 
_struct_keywords.text            'Conk-S1, TOXIN' 
_struct_keywords.pdbx_keywords   TOXIN 
# 
loop_
_struct_asym.id 
_struct_asym.pdbx_blank_PDB_chainid_flag 
_struct_asym.pdbx_modified 
_struct_asym.entity_id 
_struct_asym.details 
A N N 1 ? 
B N N 1 ? 
C N N 2 ? 
D N N 2 ? 
# 
_struct_ref.id                         1 
_struct_ref.db_name                    PDB 
_struct_ref.db_code                    6YHY 
_struct_ref.pdbx_db_accession          6YHY 
_struct_ref.pdbx_db_isoform            ? 
_struct_ref.entity_id                  1 
_struct_ref.pdbx_seq_one_letter_code   ? 
_struct_ref.pdbx_align_begin           1 
# 
loop_
_struct_ref_seq.align_id 
_struct_ref_seq.ref_id 
_struct_ref_seq.pdbx_PDB_id_code 
_struct_ref_seq.pdbx_strand_id 
_struct_ref_seq.seq_align_beg 
_struct_ref_seq.pdbx_seq_align_beg_ins_code 
_struct_ref_seq.seq_align_end 
_struct_ref_seq.pdbx_seq_align_end_ins_code 
_struct_ref_seq.pdbx_db_accession 
_struct_ref_seq.db_align_beg 
_struct_ref_seq.pdbx_db_align_beg_ins_code 
_struct_ref_seq.db_align_end 
_struct_ref_seq.pdbx_db_align_end_ins_code 
_struct_ref_seq.pdbx_auth_seq_align_beg 
_struct_ref_seq.pdbx_auth_seq_align_end 
1 1 6YHY A 1 ? 59 ? 6YHY 2 ? 60 ? 2 60 
2 1 6YHY B 1 ? 59 ? 6YHY 2 ? 60 ? 2 60 
# 
loop_
_pdbx_struct_assembly.id 
_pdbx_struct_assembly.details 
_pdbx_struct_assembly.method_details 
_pdbx_struct_assembly.oligomeric_details 
_pdbx_struct_assembly.oligomeric_count 
1 software_defined_assembly PISA monomeric 1 
2 software_defined_assembly PISA monomeric 1 
# 
loop_
_pdbx_struct_assembly_gen.assembly_id 
_pdbx_struct_assembly_gen.oper_expression 
_pdbx_struct_assembly_gen.asym_id_list 
1 1 A,C 
2 1 B,D 
# 
_pdbx_struct_assembly_auth_evidence.id                     1 
_pdbx_struct_assembly_auth_evidence.assembly_id            1 
_pdbx_struct_assembly_auth_evidence.experimental_support   'gel filtration' 
_pdbx_struct_assembly_auth_evidence.details                ? 
# 
_pdbx_struct_oper_list.id                   1 
_pdbx_struct_oper_list.type                 'identity operation' 
_pdbx_struct_oper_list.name                 1_555 
_pdbx_struct_oper_list.symmetry_operation   x,y,z 
_pdbx_struct_oper_list.matrix[1][1]         1.0000000000 
_pdbx_struct_oper_list.matrix[1][2]         0.0000000000 
_pdbx_struct_oper_list.matrix[1][3]         0.0000000000 
_pdbx_struct_oper_list.vector[1]            0.0000000000 
_pdbx_struct_oper_list.matrix[2][1]         0.0000000000 
_pdbx_struct_oper_list.matrix[2][2]         1.0000000000 
_pdbx_struct_oper_list.matrix[2][3]         0.0000000000 
_pdbx_struct_oper_list.vector[2]            0.0000000000 
_pdbx_struct_oper_list.matrix[3][1]         0.0000000000 
_pdbx_struct_oper_list.matrix[3][2]         0.0000000000 
_pdbx_struct_oper_list.matrix[3][3]         1.0000000000 
_pdbx_struct_oper_list.vector[3]            0.0000000000 
# 
loop_
_struct_conf.conf_type_id 
_struct_conf.id 
_struct_conf.pdbx_PDB_helix_id 
_struct_conf.beg_label_comp_id 
_struct_conf.beg_label_asym_id 
_struct_conf.beg_label_seq_id 
_struct_conf.pdbx_beg_PDB_ins_code 
_struct_conf.end_label_comp_id 
_struct_conf.end_label_asym_id 
_struct_conf.end_label_seq_id 
_struct_conf.pdbx_end_PDB_ins_code 
_struct_conf.beg_auth_comp_id 
_struct_conf.beg_auth_asym_id 
_struct_conf.beg_auth_seq_id 
_struct_conf.end_auth_comp_id 
_struct_conf.end_auth_asym_id 
_struct_conf.end_auth_seq_id 
_struct_conf.pdbx_PDB_helix_class 
_struct_conf.details 
_struct_conf.pdbx_PDB_helix_length 
HELX_P HELX_P1 AA1 PRO A 3  ? LEU A 8  ? PRO A 4  LEU A 9  5 ? 6 
HELX_P HELX_P2 AA2 ARG A 48 ? CYS A 56 ? ARG A 49 CYS A 57 1 ? 9 
HELX_P HELX_P3 AA3 PRO B 3  ? LEU B 8  ? PRO B 4  LEU B 9  5 ? 6 
HELX_P HELX_P4 AA4 ARG B 48 ? CYS B 56 ? ARG B 49 CYS B 57 1 ? 9 
# 
_struct_conf_type.id          HELX_P 
_struct_conf_type.criteria    ? 
_struct_conf_type.reference   ? 
# 
loop_
_struct_conn.id 
_struct_conn.conn_type_id 
_struct_conn.pdbx_leaving_atom_flag 
_struct_conn.pdbx_PDB_id 
_struct_conn.ptnr1_label_asym_id 
_struct_conn.ptnr1_label_comp_id 
_struct_conn.ptnr1_label_seq_id 
_struct_conn.ptnr1_label_atom_id 
_struct_conn.pdbx_ptnr1_label_alt_id 
_struct_conn.pdbx_ptnr1_PDB_ins_code 
_struct_conn.pdbx_ptnr1_standard_comp_id 
_struct_conn.ptnr1_symmetry 
_struct_conn.ptnr2_label_asym_id 
_struct_conn.ptnr2_label_comp_id 
_struct_conn.ptnr2_label_seq_id 
_struct_conn.ptnr2_label_atom_id 
_struct_conn.pdbx_ptnr2_label_alt_id 
_struct_conn.pdbx_ptnr2_PDB_ins_code 
_struct_conn.ptnr1_auth_asym_id 
_struct_conn.ptnr1_auth_comp_id 
_struct_conn.ptnr1_auth_seq_id 
_struct_conn.ptnr2_auth_asym_id 
_struct_conn.ptnr2_auth_comp_id 
_struct_conn.ptnr2_auth_seq_id 
_struct_conn.ptnr2_symmetry 
_struct_conn.pdbx_ptnr3_label_atom_id 
_struct_conn.pdbx_ptnr3_label_seq_id 
_struct_conn.pdbx_ptnr3_label_comp_id 
_struct_conn.pdbx_ptnr3_label_asym_id 
_struct_conn.pdbx_ptnr3_label_alt_id 
_struct_conn.pdbx_ptnr3_PDB_ins_code 
_struct_conn.details 
_struct_conn.pdbx_dist_value 
_struct_conn.pdbx_value_order 
_struct_conn.pdbx_role 
disulf1 disulf ? ? A CYS 6  SG ? ? ? 1_555 A CYS 56 SG ? ? A CYS 7  A CYS 57 1_555 ? ? ? ? ? ? ? 2.057 ? ? 
disulf2 disulf ? ? A CYS 31 SG ? ? ? 1_555 A CYS 52 SG ? ? A CYS 32 A CYS 53 1_555 ? ? ? ? ? ? ? 2.133 ? ? 
disulf3 disulf ? ? B CYS 6  SG ? ? ? 1_555 B CYS 56 SG ? ? B CYS 7  B CYS 57 1_555 ? ? ? ? ? ? ? 2.056 ? ? 
disulf4 disulf ? ? B CYS 31 SG ? ? ? 1_555 B CYS 52 SG ? ? B CYS 32 B CYS 53 1_555 ? ? ? ? ? ? ? 2.099 ? ? 
# 
_struct_conn_type.id          disulf 
_struct_conn_type.criteria    ? 
_struct_conn_type.reference   ? 
# 
loop_
_pdbx_modification_feature.ordinal 
_pdbx_modification_feature.label_comp_id 
_pdbx_modification_feature.label_asym_id 
_pdbx_modification_feature.label_seq_id 
_pdbx_modification_feature.label_alt_id 
_pdbx_modification_feature.modified_residue_label_comp_id 
_pdbx_modification_feature.modified_residue_label_asym_id 
_pdbx_modification_feature.modified_residue_label_seq_id 
_pdbx_modification_feature.modified_residue_label_alt_id 
_pdbx_modification_feature.auth_comp_id 
_pdbx_modification_feature.auth_asym_id 
_pdbx_modification_feature.auth_seq_id 
_pdbx_modification_feature.PDB_ins_code 
_pdbx_modification_feature.symmetry 
_pdbx_modification_feature.modified_residue_auth_comp_id 
_pdbx_modification_feature.modified_residue_auth_asym_id 
_pdbx_modification_feature.modified_residue_auth_seq_id 
_pdbx_modification_feature.modified_residue_PDB_ins_code 
_pdbx_modification_feature.modified_residue_symmetry 
_pdbx_modification_feature.comp_id_linking_atom 
_pdbx_modification_feature.modified_residue_id_linking_atom 
_pdbx_modification_feature.modified_residue_id 
_pdbx_modification_feature.ref_pcm_id 
_pdbx_modification_feature.ref_comp_id 
_pdbx_modification_feature.type 
_pdbx_modification_feature.category 
1 CYS A 6  ? CYS A 56 ? CYS A 7  ? 1_555 CYS A 57 ? 1_555 SG SG . . . None 'Disulfide bridge' 
2 CYS A 31 ? CYS A 52 ? CYS A 32 ? 1_555 CYS A 53 ? 1_555 SG SG . . . None 'Disulfide bridge' 
3 CYS B 6  ? CYS B 56 ? CYS B 7  ? 1_555 CYS B 57 ? 1_555 SG SG . . . None 'Disulfide bridge' 
4 CYS B 31 ? CYS B 52 ? CYS B 32 ? 1_555 CYS B 53 ? 1_555 SG SG . . . None 'Disulfide bridge' 
# 
loop_
_struct_sheet.id 
_struct_sheet.type 
_struct_sheet.number_strands 
_struct_sheet.details 
AA1 ? 2 ? 
AA2 ? 2 ? 
# 
loop_
_struct_sheet_order.sheet_id 
_struct_sheet_order.range_id_1 
_struct_sheet_order.range_id_2 
_struct_sheet_order.offset 
_struct_sheet_order.sense 
AA1 1 2 ? anti-parallel 
AA2 1 2 ? anti-parallel 
# 
loop_
_struct_sheet_range.sheet_id 
_struct_sheet_range.id 
_struct_sheet_range.beg_label_comp_id 
_struct_sheet_range.beg_label_asym_id 
_struct_sheet_range.beg_label_seq_id 
_struct_sheet_range.pdbx_beg_PDB_ins_code 
_struct_sheet_range.end_label_comp_id 
_struct_sheet_range.end_label_asym_id 
_struct_sheet_range.end_label_seq_id 
_struct_sheet_range.pdbx_end_PDB_ins_code 
_struct_sheet_range.beg_auth_comp_id 
_struct_sheet_range.beg_auth_asym_id 
_struct_sheet_range.beg_auth_seq_id 
_struct_sheet_range.end_auth_comp_id 
_struct_sheet_range.end_auth_asym_id 
_struct_sheet_range.end_auth_seq_id 
AA1 1 GLU A 19 ? ASN A 25 ? GLU A 20 ASN A 26 
AA1 2 GLN A 30 ? TYR A 36 ? GLN A 31 TYR A 37 
AA2 1 GLU B 19 ? ASN B 25 ? GLU B 20 ASN B 26 
AA2 2 GLN B 30 ? TYR B 36 ? GLN B 31 TYR B 37 
# 
loop_
_pdbx_struct_sheet_hbond.sheet_id 
_pdbx_struct_sheet_hbond.range_id_1 
_pdbx_struct_sheet_hbond.range_id_2 
_pdbx_struct_sheet_hbond.range_1_label_atom_id 
_pdbx_struct_sheet_hbond.range_1_label_comp_id 
_pdbx_struct_sheet_hbond.range_1_label_asym_id 
_pdbx_struct_sheet_hbond.range_1_label_seq_id 
_pdbx_struct_sheet_hbond.range_1_PDB_ins_code 
_pdbx_struct_sheet_hbond.range_1_auth_atom_id 
_pdbx_struct_sheet_hbond.range_1_auth_comp_id 
_pdbx_struct_sheet_hbond.range_1_auth_asym_id 
_pdbx_struct_sheet_hbond.range_1_auth_seq_id 
_pdbx_struct_sheet_hbond.range_2_label_atom_id 
_pdbx_struct_sheet_hbond.range_2_label_comp_id 
_pdbx_struct_sheet_hbond.range_2_label_asym_id 
_pdbx_struct_sheet_hbond.range_2_label_seq_id 
_pdbx_struct_sheet_hbond.range_2_PDB_ins_code 
_pdbx_struct_sheet_hbond.range_2_auth_atom_id 
_pdbx_struct_sheet_hbond.range_2_auth_comp_id 
_pdbx_struct_sheet_hbond.range_2_auth_asym_id 
_pdbx_struct_sheet_hbond.range_2_auth_seq_id 
AA1 1 2 N ASN A 25 ? N ASN A 26 O GLN A 30 ? O GLN A 31 
AA2 1 2 N GLU B 19 ? N GLU B 20 O TYR B 36 ? O TYR B 37 
# 
_pdbx_entry_details.entry_id                   6YHY 
_pdbx_entry_details.compound_details           ? 
_pdbx_entry_details.source_details             ? 
_pdbx_entry_details.nonpolymer_details         ? 
_pdbx_entry_details.sequence_details           ? 
_pdbx_entry_details.has_ligand_of_interest     ? 
_pdbx_entry_details.has_protein_modification   Y 
# 
loop_
_pdbx_validate_torsion.id 
_pdbx_validate_torsion.PDB_model_num 
_pdbx_validate_torsion.auth_comp_id 
_pdbx_validate_torsion.auth_asym_id 
_pdbx_validate_torsion.auth_seq_id 
_pdbx_validate_torsion.PDB_ins_code 
_pdbx_validate_torsion.label_alt_id 
_pdbx_validate_torsion.phi 
_pdbx_validate_torsion.psi 
1 1 SER B 19 ? ? 40.11   73.33  
2 1 ASN B 46 ? ? -162.60 105.33 
# 
loop_
_chem_comp_atom.comp_id 
_chem_comp_atom.atom_id 
_chem_comp_atom.type_symbol 
_chem_comp_atom.pdbx_aromatic_flag 
_chem_comp_atom.pdbx_stereo_config 
_chem_comp_atom.pdbx_ordinal 
ALA N    N N N 1   
ALA CA   C N S 2   
ALA C    C N N 3   
ALA O    O N N 4   
ALA CB   C N N 5   
ALA OXT  O N N 6   
ALA H    H N N 7   
ALA H2   H N N 8   
ALA HA   H N N 9   
ALA HB1  H N N 10  
ALA HB2  H N N 11  
ALA HB3  H N N 12  
ALA HXT  H N N 13  
ARG N    N N N 14  
ARG CA   C N S 15  
ARG C    C N N 16  
ARG O    O N N 17  
ARG CB   C N N 18  
ARG CG   C N N 19  
ARG CD   C N N 20  
ARG NE   N N N 21  
ARG CZ   C N N 22  
ARG NH1  N N N 23  
ARG NH2  N N N 24  
ARG OXT  O N N 25  
ARG H    H N N 26  
ARG H2   H N N 27  
ARG HA   H N N 28  
ARG HB2  H N N 29  
ARG HB3  H N N 30  
ARG HG2  H N N 31  
ARG HG3  H N N 32  
ARG HD2  H N N 33  
ARG HD3  H N N 34  
ARG HE   H N N 35  
ARG HH11 H N N 36  
ARG HH12 H N N 37  
ARG HH21 H N N 38  
ARG HH22 H N N 39  
ARG HXT  H N N 40  
ASN N    N N N 41  
ASN CA   C N S 42  
ASN C    C N N 43  
ASN O    O N N 44  
ASN CB   C N N 45  
ASN CG   C N N 46  
ASN OD1  O N N 47  
ASN ND2  N N N 48  
ASN OXT  O N N 49  
ASN H    H N N 50  
ASN H2   H N N 51  
ASN HA   H N N 52  
ASN HB2  H N N 53  
ASN HB3  H N N 54  
ASN HD21 H N N 55  
ASN HD22 H N N 56  
ASN HXT  H N N 57  
ASP N    N N N 58  
ASP CA   C N S 59  
ASP C    C N N 60  
ASP O    O N N 61  
ASP CB   C N N 62  
ASP CG   C N N 63  
ASP OD1  O N N 64  
ASP OD2  O N N 65  
ASP OXT  O N N 66  
ASP H    H N N 67  
ASP H2   H N N 68  
ASP HA   H N N 69  
ASP HB2  H N N 70  
ASP HB3  H N N 71  
ASP HD2  H N N 72  
ASP HXT  H N N 73  
CYS N    N N N 74  
CYS CA   C N R 75  
CYS C    C N N 76  
CYS O    O N N 77  
CYS CB   C N N 78  
CYS SG   S N N 79  
CYS OXT  O N N 80  
CYS H    H N N 81  
CYS H2   H N N 82  
CYS HA   H N N 83  
CYS HB2  H N N 84  
CYS HB3  H N N 85  
CYS HG   H N N 86  
CYS HXT  H N N 87  
GLN N    N N N 88  
GLN CA   C N S 89  
GLN C    C N N 90  
GLN O    O N N 91  
GLN CB   C N N 92  
GLN CG   C N N 93  
GLN CD   C N N 94  
GLN OE1  O N N 95  
GLN NE2  N N N 96  
GLN OXT  O N N 97  
GLN H    H N N 98  
GLN H2   H N N 99  
GLN HA   H N N 100 
GLN HB2  H N N 101 
GLN HB3  H N N 102 
GLN HG2  H N N 103 
GLN HG3  H N N 104 
GLN HE21 H N N 105 
GLN HE22 H N N 106 
GLN HXT  H N N 107 
GLU N    N N N 108 
GLU CA   C N S 109 
GLU C    C N N 110 
GLU O    O N N 111 
GLU CB   C N N 112 
GLU CG   C N N 113 
GLU CD   C N N 114 
GLU OE1  O N N 115 
GLU OE2  O N N 116 
GLU OXT  O N N 117 
GLU H    H N N 118 
GLU H2   H N N 119 
GLU HA   H N N 120 
GLU HB2  H N N 121 
GLU HB3  H N N 122 
GLU HG2  H N N 123 
GLU HG3  H N N 124 
GLU HE2  H N N 125 
GLU HXT  H N N 126 
GLY N    N N N 127 
GLY CA   C N N 128 
GLY C    C N N 129 
GLY O    O N N 130 
GLY OXT  O N N 131 
GLY H    H N N 132 
GLY H2   H N N 133 
GLY HA2  H N N 134 
GLY HA3  H N N 135 
GLY HXT  H N N 136 
HOH O    O N N 137 
HOH H1   H N N 138 
HOH H2   H N N 139 
ILE N    N N N 140 
ILE CA   C N S 141 
ILE C    C N N 142 
ILE O    O N N 143 
ILE CB   C N S 144 
ILE CG1  C N N 145 
ILE CG2  C N N 146 
ILE CD1  C N N 147 
ILE OXT  O N N 148 
ILE H    H N N 149 
ILE H2   H N N 150 
ILE HA   H N N 151 
ILE HB   H N N 152 
ILE HG12 H N N 153 
ILE HG13 H N N 154 
ILE HG21 H N N 155 
ILE HG22 H N N 156 
ILE HG23 H N N 157 
ILE HD11 H N N 158 
ILE HD12 H N N 159 
ILE HD13 H N N 160 
ILE HXT  H N N 161 
LEU N    N N N 162 
LEU CA   C N S 163 
LEU C    C N N 164 
LEU O    O N N 165 
LEU CB   C N N 166 
LEU CG   C N N 167 
LEU CD1  C N N 168 
LEU CD2  C N N 169 
LEU OXT  O N N 170 
LEU H    H N N 171 
LEU H2   H N N 172 
LEU HA   H N N 173 
LEU HB2  H N N 174 
LEU HB3  H N N 175 
LEU HG   H N N 176 
LEU HD11 H N N 177 
LEU HD12 H N N 178 
LEU HD13 H N N 179 
LEU HD21 H N N 180 
LEU HD22 H N N 181 
LEU HD23 H N N 182 
LEU HXT  H N N 183 
LYS N    N N N 184 
LYS CA   C N S 185 
LYS C    C N N 186 
LYS O    O N N 187 
LYS CB   C N N 188 
LYS CG   C N N 189 
LYS CD   C N N 190 
LYS CE   C N N 191 
LYS NZ   N N N 192 
LYS OXT  O N N 193 
LYS H    H N N 194 
LYS H2   H N N 195 
LYS HA   H N N 196 
LYS HB2  H N N 197 
LYS HB3  H N N 198 
LYS HG2  H N N 199 
LYS HG3  H N N 200 
LYS HD2  H N N 201 
LYS HD3  H N N 202 
LYS HE2  H N N 203 
LYS HE3  H N N 204 
LYS HZ1  H N N 205 
LYS HZ2  H N N 206 
LYS HZ3  H N N 207 
LYS HXT  H N N 208 
PHE N    N N N 209 
PHE CA   C N S 210 
PHE C    C N N 211 
PHE O    O N N 212 
PHE CB   C N N 213 
PHE CG   C Y N 214 
PHE CD1  C Y N 215 
PHE CD2  C Y N 216 
PHE CE1  C Y N 217 
PHE CE2  C Y N 218 
PHE CZ   C Y N 219 
PHE OXT  O N N 220 
PHE H    H N N 221 
PHE H2   H N N 222 
PHE HA   H N N 223 
PHE HB2  H N N 224 
PHE HB3  H N N 225 
PHE HD1  H N N 226 
PHE HD2  H N N 227 
PHE HE1  H N N 228 
PHE HE2  H N N 229 
PHE HZ   H N N 230 
PHE HXT  H N N 231 
PRO N    N N N 232 
PRO CA   C N S 233 
PRO C    C N N 234 
PRO O    O N N 235 
PRO CB   C N N 236 
PRO CG   C N N 237 
PRO CD   C N N 238 
PRO OXT  O N N 239 
PRO H    H N N 240 
PRO HA   H N N 241 
PRO HB2  H N N 242 
PRO HB3  H N N 243 
PRO HG2  H N N 244 
PRO HG3  H N N 245 
PRO HD2  H N N 246 
PRO HD3  H N N 247 
PRO HXT  H N N 248 
SER N    N N N 249 
SER CA   C N S 250 
SER C    C N N 251 
SER O    O N N 252 
SER CB   C N N 253 
SER OG   O N N 254 
SER OXT  O N N 255 
SER H    H N N 256 
SER H2   H N N 257 
SER HA   H N N 258 
SER HB2  H N N 259 
SER HB3  H N N 260 
SER HG   H N N 261 
SER HXT  H N N 262 
THR N    N N N 263 
THR CA   C N S 264 
THR C    C N N 265 
THR O    O N N 266 
THR CB   C N R 267 
THR OG1  O N N 268 
THR CG2  C N N 269 
THR OXT  O N N 270 
THR H    H N N 271 
THR H2   H N N 272 
THR HA   H N N 273 
THR HB   H N N 274 
THR HG1  H N N 275 
THR HG21 H N N 276 
THR HG22 H N N 277 
THR HG23 H N N 278 
THR HXT  H N N 279 
TYR N    N N N 280 
TYR CA   C N S 281 
TYR C    C N N 282 
TYR O    O N N 283 
TYR CB   C N N 284 
TYR CG   C Y N 285 
TYR CD1  C Y N 286 
TYR CD2  C Y N 287 
TYR CE1  C Y N 288 
TYR CE2  C Y N 289 
TYR CZ   C Y N 290 
TYR OH   O N N 291 
TYR OXT  O N N 292 
TYR H    H N N 293 
TYR H2   H N N 294 
TYR HA   H N N 295 
TYR HB2  H N N 296 
TYR HB3  H N N 297 
TYR HD1  H N N 298 
TYR HD2  H N N 299 
TYR HE1  H N N 300 
TYR HE2  H N N 301 
TYR HH   H N N 302 
TYR HXT  H N N 303 
# 
loop_
_chem_comp_bond.comp_id 
_chem_comp_bond.atom_id_1 
_chem_comp_bond.atom_id_2 
_chem_comp_bond.value_order 
_chem_comp_bond.pdbx_aromatic_flag 
_chem_comp_bond.pdbx_stereo_config 
_chem_comp_bond.pdbx_ordinal 
ALA N   CA   sing N N 1   
ALA N   H    sing N N 2   
ALA N   H2   sing N N 3   
ALA CA  C    sing N N 4   
ALA CA  CB   sing N N 5   
ALA CA  HA   sing N N 6   
ALA C   O    doub N N 7   
ALA C   OXT  sing N N 8   
ALA CB  HB1  sing N N 9   
ALA CB  HB2  sing N N 10  
ALA CB  HB3  sing N N 11  
ALA OXT HXT  sing N N 12  
ARG N   CA   sing N N 13  
ARG N   H    sing N N 14  
ARG N   H2   sing N N 15  
ARG CA  C    sing N N 16  
ARG CA  CB   sing N N 17  
ARG CA  HA   sing N N 18  
ARG C   O    doub N N 19  
ARG C   OXT  sing N N 20  
ARG CB  CG   sing N N 21  
ARG CB  HB2  sing N N 22  
ARG CB  HB3  sing N N 23  
ARG CG  CD   sing N N 24  
ARG CG  HG2  sing N N 25  
ARG CG  HG3  sing N N 26  
ARG CD  NE   sing N N 27  
ARG CD  HD2  sing N N 28  
ARG CD  HD3  sing N N 29  
ARG NE  CZ   sing N N 30  
ARG NE  HE   sing N N 31  
ARG CZ  NH1  sing N N 32  
ARG CZ  NH2  doub N N 33  
ARG NH1 HH11 sing N N 34  
ARG NH1 HH12 sing N N 35  
ARG NH2 HH21 sing N N 36  
ARG NH2 HH22 sing N N 37  
ARG OXT HXT  sing N N 38  
ASN N   CA   sing N N 39  
ASN N   H    sing N N 40  
ASN N   H2   sing N N 41  
ASN CA  C    sing N N 42  
ASN CA  CB   sing N N 43  
ASN CA  HA   sing N N 44  
ASN C   O    doub N N 45  
ASN C   OXT  sing N N 46  
ASN CB  CG   sing N N 47  
ASN CB  HB2  sing N N 48  
ASN CB  HB3  sing N N 49  
ASN CG  OD1  doub N N 50  
ASN CG  ND2  sing N N 51  
ASN ND2 HD21 sing N N 52  
ASN ND2 HD22 sing N N 53  
ASN OXT HXT  sing N N 54  
ASP N   CA   sing N N 55  
ASP N   H    sing N N 56  
ASP N   H2   sing N N 57  
ASP CA  C    sing N N 58  
ASP CA  CB   sing N N 59  
ASP CA  HA   sing N N 60  
ASP C   O    doub N N 61  
ASP C   OXT  sing N N 62  
ASP CB  CG   sing N N 63  
ASP CB  HB2  sing N N 64  
ASP CB  HB3  sing N N 65  
ASP CG  OD1  doub N N 66  
ASP CG  OD2  sing N N 67  
ASP OD2 HD2  sing N N 68  
ASP OXT HXT  sing N N 69  
CYS N   CA   sing N N 70  
CYS N   H    sing N N 71  
CYS N   H2   sing N N 72  
CYS CA  C    sing N N 73  
CYS CA  CB   sing N N 74  
CYS CA  HA   sing N N 75  
CYS C   O    doub N N 76  
CYS C   OXT  sing N N 77  
CYS CB  SG   sing N N 78  
CYS CB  HB2  sing N N 79  
CYS CB  HB3  sing N N 80  
CYS SG  HG   sing N N 81  
CYS OXT HXT  sing N N 82  
GLN N   CA   sing N N 83  
GLN N   H    sing N N 84  
GLN N   H2   sing N N 85  
GLN CA  C    sing N N 86  
GLN CA  CB   sing N N 87  
GLN CA  HA   sing N N 88  
GLN C   O    doub N N 89  
GLN C   OXT  sing N N 90  
GLN CB  CG   sing N N 91  
GLN CB  HB2  sing N N 92  
GLN CB  HB3  sing N N 93  
GLN CG  CD   sing N N 94  
GLN CG  HG2  sing N N 95  
GLN CG  HG3  sing N N 96  
GLN CD  OE1  doub N N 97  
GLN CD  NE2  sing N N 98  
GLN NE2 HE21 sing N N 99  
GLN NE2 HE22 sing N N 100 
GLN OXT HXT  sing N N 101 
GLU N   CA   sing N N 102 
GLU N   H    sing N N 103 
GLU N   H2   sing N N 104 
GLU CA  C    sing N N 105 
GLU CA  CB   sing N N 106 
GLU CA  HA   sing N N 107 
GLU C   O    doub N N 108 
GLU C   OXT  sing N N 109 
GLU CB  CG   sing N N 110 
GLU CB  HB2  sing N N 111 
GLU CB  HB3  sing N N 112 
GLU CG  CD   sing N N 113 
GLU CG  HG2  sing N N 114 
GLU CG  HG3  sing N N 115 
GLU CD  OE1  doub N N 116 
GLU CD  OE2  sing N N 117 
GLU OE2 HE2  sing N N 118 
GLU OXT HXT  sing N N 119 
GLY N   CA   sing N N 120 
GLY N   H    sing N N 121 
GLY N   H2   sing N N 122 
GLY CA  C    sing N N 123 
GLY CA  HA2  sing N N 124 
GLY CA  HA3  sing N N 125 
GLY C   O    doub N N 126 
GLY C   OXT  sing N N 127 
GLY OXT HXT  sing N N 128 
HOH O   H1   sing N N 129 
HOH O   H2   sing N N 130 
ILE N   CA   sing N N 131 
ILE N   H    sing N N 132 
ILE N   H2   sing N N 133 
ILE CA  C    sing N N 134 
ILE CA  CB   sing N N 135 
ILE CA  HA   sing N N 136 
ILE C   O    doub N N 137 
ILE C   OXT  sing N N 138 
ILE CB  CG1  sing N N 139 
ILE CB  CG2  sing N N 140 
ILE CB  HB   sing N N 141 
ILE CG1 CD1  sing N N 142 
ILE CG1 HG12 sing N N 143 
ILE CG1 HG13 sing N N 144 
ILE CG2 HG21 sing N N 145 
ILE CG2 HG22 sing N N 146 
ILE CG2 HG23 sing N N 147 
ILE CD1 HD11 sing N N 148 
ILE CD1 HD12 sing N N 149 
ILE CD1 HD13 sing N N 150 
ILE OXT HXT  sing N N 151 
LEU N   CA   sing N N 152 
LEU N   H    sing N N 153 
LEU N   H2   sing N N 154 
LEU CA  C    sing N N 155 
LEU CA  CB   sing N N 156 
LEU CA  HA   sing N N 157 
LEU C   O    doub N N 158 
LEU C   OXT  sing N N 159 
LEU CB  CG   sing N N 160 
LEU CB  HB2  sing N N 161 
LEU CB  HB3  sing N N 162 
LEU CG  CD1  sing N N 163 
LEU CG  CD2  sing N N 164 
LEU CG  HG   sing N N 165 
LEU CD1 HD11 sing N N 166 
LEU CD1 HD12 sing N N 167 
LEU CD1 HD13 sing N N 168 
LEU CD2 HD21 sing N N 169 
LEU CD2 HD22 sing N N 170 
LEU CD2 HD23 sing N N 171 
LEU OXT HXT  sing N N 172 
LYS N   CA   sing N N 173 
LYS N   H    sing N N 174 
LYS N   H2   sing N N 175 
LYS CA  C    sing N N 176 
LYS CA  CB   sing N N 177 
LYS CA  HA   sing N N 178 
LYS C   O    doub N N 179 
LYS C   OXT  sing N N 180 
LYS CB  CG   sing N N 181 
LYS CB  HB2  sing N N 182 
LYS CB  HB3  sing N N 183 
LYS CG  CD   sing N N 184 
LYS CG  HG2  sing N N 185 
LYS CG  HG3  sing N N 186 
LYS CD  CE   sing N N 187 
LYS CD  HD2  sing N N 188 
LYS CD  HD3  sing N N 189 
LYS CE  NZ   sing N N 190 
LYS CE  HE2  sing N N 191 
LYS CE  HE3  sing N N 192 
LYS NZ  HZ1  sing N N 193 
LYS NZ  HZ2  sing N N 194 
LYS NZ  HZ3  sing N N 195 
LYS OXT HXT  sing N N 196 
PHE N   CA   sing N N 197 
PHE N   H    sing N N 198 
PHE N   H2   sing N N 199 
PHE CA  C    sing N N 200 
PHE CA  CB   sing N N 201 
PHE CA  HA   sing N N 202 
PHE C   O    doub N N 203 
PHE C   OXT  sing N N 204 
PHE CB  CG   sing N N 205 
PHE CB  HB2  sing N N 206 
PHE CB  HB3  sing N N 207 
PHE CG  CD1  doub Y N 208 
PHE CG  CD2  sing Y N 209 
PHE CD1 CE1  sing Y N 210 
PHE CD1 HD1  sing N N 211 
PHE CD2 CE2  doub Y N 212 
PHE CD2 HD2  sing N N 213 
PHE CE1 CZ   doub Y N 214 
PHE CE1 HE1  sing N N 215 
PHE CE2 CZ   sing Y N 216 
PHE CE2 HE2  sing N N 217 
PHE CZ  HZ   sing N N 218 
PHE OXT HXT  sing N N 219 
PRO N   CA   sing N N 220 
PRO N   CD   sing N N 221 
PRO N   H    sing N N 222 
PRO CA  C    sing N N 223 
PRO CA  CB   sing N N 224 
PRO CA  HA   sing N N 225 
PRO C   O    doub N N 226 
PRO C   OXT  sing N N 227 
PRO CB  CG   sing N N 228 
PRO CB  HB2  sing N N 229 
PRO CB  HB3  sing N N 230 
PRO CG  CD   sing N N 231 
PRO CG  HG2  sing N N 232 
PRO CG  HG3  sing N N 233 
PRO CD  HD2  sing N N 234 
PRO CD  HD3  sing N N 235 
PRO OXT HXT  sing N N 236 
SER N   CA   sing N N 237 
SER N   H    sing N N 238 
SER N   H2   sing N N 239 
SER CA  C    sing N N 240 
SER CA  CB   sing N N 241 
SER CA  HA   sing N N 242 
SER C   O    doub N N 243 
SER C   OXT  sing N N 244 
SER CB  OG   sing N N 245 
SER CB  HB2  sing N N 246 
SER CB  HB3  sing N N 247 
SER OG  HG   sing N N 248 
SER OXT HXT  sing N N 249 
THR N   CA   sing N N 250 
THR N   H    sing N N 251 
THR N   H2   sing N N 252 
THR CA  C    sing N N 253 
THR CA  CB   sing N N 254 
THR CA  HA   sing N N 255 
THR C   O    doub N N 256 
THR C   OXT  sing N N 257 
THR CB  OG1  sing N N 258 
THR CB  CG2  sing N N 259 
THR CB  HB   sing N N 260 
THR OG1 HG1  sing N N 261 
THR CG2 HG21 sing N N 262 
THR CG2 HG22 sing N N 263 
THR CG2 HG23 sing N N 264 
THR OXT HXT  sing N N 265 
TYR N   CA   sing N N 266 
TYR N   H    sing N N 267 
TYR N   H2   sing N N 268 
TYR CA  C    sing N N 269 
TYR CA  CB   sing N N 270 
TYR CA  HA   sing N N 271 
TYR C   O    doub N N 272 
TYR C   OXT  sing N N 273 
TYR CB  CG   sing N N 274 
TYR CB  HB2  sing N N 275 
TYR CB  HB3  sing N N 276 
TYR CG  CD1  doub Y N 277 
TYR CG  CD2  sing Y N 278 
TYR CD1 CE1  sing Y N 279 
TYR CD1 HD1  sing N N 280 
TYR CD2 CE2  doub Y N 281 
TYR CD2 HD2  sing N N 282 
TYR CE1 CZ   doub Y N 283 
TYR CE1 HE1  sing N N 284 
TYR CE2 CZ   sing Y N 285 
TYR CE2 HE2  sing N N 286 
TYR CZ  OH   sing N N 287 
TYR OH  HH   sing N N 288 
TYR OXT HXT  sing N N 289 
# 
_pdbx_audit_support.funding_organization   'Israel Science Foundation' 
_pdbx_audit_support.country                Israel 
_pdbx_audit_support.grant_number           1248/15 
_pdbx_audit_support.ordinal                1 
# 
_pdbx_initial_refinement_model.id               1 
_pdbx_initial_refinement_model.entity_id_list   ? 
_pdbx_initial_refinement_model.type             'experimental model' 
_pdbx_initial_refinement_model.source_name      PDB 
_pdbx_initial_refinement_model.accession_code   1Y62 
_pdbx_initial_refinement_model.details          ? 
# 
_atom_sites.entry_id                    6YHY 
_atom_sites.Cartn_transf_matrix[1][1]   ? 
_atom_sites.Cartn_transf_matrix[1][2]   ? 
_atom_sites.Cartn_transf_matrix[1][3]   ? 
_atom_sites.Cartn_transf_matrix[2][1]   ? 
_atom_sites.Cartn_transf_matrix[2][2]   ? 
_atom_sites.Cartn_transf_matrix[2][3]   ? 
_atom_sites.Cartn_transf_matrix[3][1]   ? 
_atom_sites.Cartn_transf_matrix[3][2]   ? 
_atom_sites.Cartn_transf_matrix[3][3]   ? 
_atom_sites.Cartn_transf_vector[1]      ? 
_atom_sites.Cartn_transf_vector[2]      ? 
_atom_sites.Cartn_transf_vector[3]      ? 
_atom_sites.fract_transf_matrix[1][1]   0.00577268 
_atom_sites.fract_transf_matrix[1][2]   -0.00443170 
_atom_sites.fract_transf_matrix[1][3]   0.02280386 
_atom_sites.fract_transf_matrix[2][1]   0.01556751 
_atom_sites.fract_transf_matrix[2][2]   0.01096263 
_atom_sites.fract_transf_matrix[2][3]   -0.00181035 
_atom_sites.fract_transf_matrix[3][1]   -0.00941297 
_atom_sites.fract_transf_matrix[3][2]   0.01421667 
_atom_sites.fract_transf_matrix[3][3]   0.00514571 
_atom_sites.fract_transf_vector[1]      0.228580 
_atom_sites.fract_transf_vector[2]      0.027397 
_atom_sites.fract_transf_vector[3]      -0.030396 
_atom_sites.solution_primary            ? 
_atom_sites.solution_secondary          ? 
_atom_sites.solution_hydrogens          ? 
_atom_sites.special_details             ? 
# 
loop_
_atom_type.symbol 
C 
N 
O 
S 
# 
loop_
_atom_site.group_PDB 
_atom_site.id 
_atom_site.type_symbol 
_atom_site.label_atom_id 
_atom_site.label_alt_id 
_atom_site.label_comp_id 
_atom_site.label_asym_id 
_atom_site.label_entity_id 
_atom_site.label_seq_id 
_atom_site.pdbx_PDB_ins_code 
_atom_site.Cartn_x 
_atom_site.Cartn_y 
_atom_site.Cartn_z 
_atom_site.occupancy 
_atom_site.B_iso_or_equiv 
_atom_site.pdbx_formal_charge 
_atom_site.auth_seq_id 
_atom_site.auth_comp_id 
_atom_site.auth_asym_id 
_atom_site.auth_atom_id 
_atom_site.pdbx_PDB_model_num 
ATOM   1    N N   . ASP A 1 1  ? 4.044   12.908  7.110   1.00 45.17 ? 2   ASP A N   1 
ATOM   2    C CA  . ASP A 1 1  ? 4.554   11.580  6.802   1.00 43.23 ? 2   ASP A CA  1 
ATOM   3    C C   . ASP A 1 1  ? 3.992   11.086  5.472   1.00 33.38 ? 2   ASP A C   1 
ATOM   4    O O   . ASP A 1 1  ? 2.942   11.545  5.022   1.00 33.35 ? 2   ASP A O   1 
ATOM   5    C CB  . ASP A 1 1  ? 4.207   10.598  7.924   1.00 49.28 ? 2   ASP A CB  1 
ATOM   6    C CG  . ASP A 1 1  ? 5.057   9.341   7.886   1.00 50.13 ? 2   ASP A CG  1 
ATOM   7    O OD1 . ASP A 1 1  ? 5.890   9.214   6.959   1.00 56.14 ? 2   ASP A OD1 1 
ATOM   8    O OD2 . ASP A 1 1  ? 4.890   8.480   8.779   1.00 53.67 ? 2   ASP A OD2 1 
ATOM   9    N N   . ARG A 1 2  ? 4.697   10.151  4.849   1.00 28.97 ? 3   ARG A N   1 
ATOM   10   C CA  . ARG A 1 2  ? 4.239   9.581   3.585   1.00 25.38 ? 3   ARG A CA  1 
ATOM   11   C C   . ARG A 1 2  ? 2.934   8.811   3.797   1.00 20.58 ? 3   ARG A C   1 
ATOM   12   O O   . ARG A 1 2  ? 2.871   7.950   4.684   1.00 22.38 ? 3   ARG A O   1 
ATOM   13   C CB  . ARG A 1 2  ? 5.330   8.666   3.030   1.00 28.38 ? 3   ARG A CB  1 
ATOM   14   C CG  . ARG A 1 2  ? 5.170   8.278   1.588   1.00 28.78 ? 3   ARG A CG  1 
ATOM   15   C CD  . ARG A 1 2  ? 6.467   7.668   1.055   1.00 25.70 ? 3   ARG A CD  1 
ATOM   16   N NE  . ARG A 1 2  ? 7.281   8.685   0.400   1.00 27.94 ? 3   ARG A NE  1 
ATOM   17   C CZ  . ARG A 1 2  ? 8.558   8.931   0.668   1.00 25.80 ? 3   ARG A CZ  1 
ATOM   18   N NH1 . ARG A 1 2  ? 9.204   8.213   1.582   1.00 33.35 ? 3   ARG A NH1 1 
ATOM   19   N NH2 . ARG A 1 2  ? 9.194   9.889   0.010   1.00 25.99 ? 3   ARG A NH2 1 
ATOM   20   N N   . PRO A 1 3  ? 1.877   9.098   3.025   1.00 20.83 ? 4   PRO A N   1 
ATOM   21   C CA  . PRO A 1 3  ? 0.636   8.321   3.143   1.00 19.92 ? 4   PRO A CA  1 
ATOM   22   C C   . PRO A 1 3  ? 0.880   6.834   2.935   1.00 21.88 ? 4   PRO A C   1 
ATOM   23   O O   . PRO A 1 3  ? 1.680   6.428   2.093   1.00 19.74 ? 4   PRO A O   1 
ATOM   24   C CB  . PRO A 1 3  ? -0.253  8.899   2.034   1.00 24.13 ? 4   PRO A CB  1 
ATOM   25   C CG  . PRO A 1 3  ? 0.235   10.296  1.851   1.00 24.77 ? 4   PRO A CG  1 
ATOM   26   C CD  . PRO A 1 3  ? 1.719   10.265  2.136   1.00 24.06 ? 4   PRO A CD  1 
ATOM   27   N N   . SER A 1 4  ? 0.155   6.014   3.699   1.00 21.23 ? 5   SER A N   1 
ATOM   28   C CA  . SER A 1 4  ? 0.412   4.577   3.667   1.00 25.76 ? 5   SER A CA  1 
ATOM   29   C C   . SER A 1 4  ? 0.190   3.980   2.281   1.00 21.83 ? 5   SER A C   1 
ATOM   30   O O   . SER A 1 4  ? 0.907   3.052   1.885   1.00 21.53 ? 5   SER A O   1 
ATOM   31   C CB  . SER A 1 4  ? -0.468  3.870   4.700   1.00 28.94 ? 5   SER A CB  1 
ATOM   32   O OG  . SER A 1 4  ? -1.839  4.034   4.388   1.00 32.73 ? 5   SER A OG  1 
ATOM   33   N N   . TYR A 1 5  ? -0.778  4.495   1.519   1.00 20.21 ? 6   TYR A N   1 
ATOM   34   C CA  . TYR A 1 5  ? -1.050  3.883   0.226   1.00 19.17 ? 6   TYR A CA  1 
ATOM   35   C C   . TYR A 1 5  ? 0.067   4.118   -0.787  1.00 18.13 ? 6   TYR A C   1 
ATOM   36   O O   . TYR A 1 5  ? 0.094   3.437   -1.819  1.00 18.95 ? 6   TYR A O   1 
ATOM   37   C CB  . TYR A 1 5  ? -2.385  4.381   -0.336  1.00 19.31 ? 6   TYR A CB  1 
ATOM   38   C CG  . TYR A 1 5  ? -2.471  5.864   -0.566  1.00 18.79 ? 6   TYR A CG  1 
ATOM   39   C CD1 . TYR A 1 5  ? -1.857  6.450   -1.670  1.00 18.09 ? 6   TYR A CD1 1 
ATOM   40   C CD2 . TYR A 1 5  ? -3.181  6.682   0.302   1.00 21.56 ? 6   TYR A CD2 1 
ATOM   41   C CE1 . TYR A 1 5  ? -1.941  7.794   -1.904  1.00 19.54 ? 6   TYR A CE1 1 
ATOM   42   C CE2 . TYR A 1 5  ? -3.271  8.049   0.073   1.00 22.03 ? 6   TYR A CE2 1 
ATOM   43   C CZ  . TYR A 1 5  ? -2.646  8.592   -1.031  1.00 23.01 ? 6   TYR A CZ  1 
ATOM   44   O OH  . TYR A 1 5  ? -2.718  9.934   -1.285  1.00 27.82 ? 6   TYR A OH  1 
ATOM   45   N N   . CYS A 1 6  ? 0.979   5.064   -0.529  1.00 17.75 ? 7   CYS A N   1 
ATOM   46   C CA  . CYS A 1 6  ? 2.115   5.260   -1.423  1.00 17.17 ? 7   CYS A CA  1 
ATOM   47   C C   . CYS A 1 6  ? 3.010   4.029   -1.496  1.00 18.92 ? 7   CYS A C   1 
ATOM   48   O O   . CYS A 1 6  ? 3.844   3.943   -2.406  1.00 21.38 ? 7   CYS A O   1 
ATOM   49   C CB  . CYS A 1 6  ? 2.957   6.465   -0.985  1.00 17.09 ? 7   CYS A CB  1 
ATOM   50   S SG  . CYS A 1 6  ? 2.071   8.041   -0.906  1.00 21.29 ? 7   CYS A SG  1 
ATOM   51   N N   . ASN A 1 7  ? 2.851   3.084   -0.568  1.00 18.19 ? 8   ASN A N   1 
ATOM   52   C CA  . ASN A 1 7  ? 3.641   1.858   -0.498  1.00 21.08 ? 8   ASN A CA  1 
ATOM   53   C C   . ASN A 1 7  ? 2.986   0.674   -1.199  1.00 19.41 ? 8   ASN A C   1 
ATOM   54   O O   . ASN A 1 7  ? 3.577   -0.417  -1.225  1.00 20.21 ? 8   ASN A O   1 
ATOM   55   C CB  . ASN A 1 7  ? 3.905   1.483   0.971   1.00 19.96 ? 8   ASN A CB  1 
ATOM   56   C CG  . ASN A 1 7  ? 4.619   2.578   1.734   1.00 23.93 ? 8   ASN A CG  1 
ATOM   57   O OD1 . ASN A 1 7  ? 5.765   2.903   1.437   1.00 33.63 ? 8   ASN A OD1 1 
ATOM   58   N ND2 . ASN A 1 7  ? 3.935   3.166   2.711   1.00 32.50 ? 8   ASN A ND2 1 
ATOM   59   N N   . LEU A 1 8  ? 1.785   0.853   -1.765  1.00 17.35 ? 9   LEU A N   1 
ATOM   60   C CA  . LEU A 1 8  ? 1.049   -0.231  -2.414  1.00 16.74 ? 9   LEU A CA  1 
ATOM   61   C C   . LEU A 1 8  ? 1.425   -0.336  -3.886  1.00 20.24 ? 9   LEU A C   1 
ATOM   62   O O   . LEU A 1 8  ? 1.634   0.682   -4.545  1.00 18.56 ? 9   LEU A O   1 
ATOM   63   C CB  . LEU A 1 8  ? -0.450  0.002   -2.312  1.00 16.03 ? 9   LEU A CB  1 
ATOM   64   C CG  . LEU A 1 8  ? -1.037  -0.117  -0.918  1.00 19.90 ? 9   LEU A CG  1 
ATOM   65   C CD1 . LEU A 1 8  ? -2.522  0.183   -0.961  1.00 23.17 ? 9   LEU A CD1 1 
ATOM   66   C CD2 . LEU A 1 8  ? -0.774  -1.523  -0.380  1.00 24.53 ? 9   LEU A CD2 1 
ATOM   67   N N   . PRO A 1 9  ? 1.499   -1.545  -4.428  1.00 18.81 ? 10  PRO A N   1 
ATOM   68   C CA  . PRO A 1 9  ? 1.729   -1.690  -5.870  1.00 17.45 ? 10  PRO A CA  1 
ATOM   69   C C   . PRO A 1 9  ? 0.549   -1.160  -6.664  1.00 15.14 ? 10  PRO A C   1 
ATOM   70   O O   . PRO A 1 9  ? -0.594  -1.150  -6.197  1.00 17.80 ? 10  PRO A O   1 
ATOM   71   C CB  . PRO A 1 9  ? 1.887   -3.205  -6.059  1.00 20.74 ? 10  PRO A CB  1 
ATOM   72   C CG  . PRO A 1 9  ? 1.226   -3.807  -4.876  1.00 24.57 ? 10  PRO A CG  1 
ATOM   73   C CD  . PRO A 1 9  ? 1.380   -2.840  -3.741  1.00 21.05 ? 10  PRO A CD  1 
ATOM   74   N N   . ALA A 1 10 ? 0.836   -0.714  -7.882  1.00 17.83 ? 11  ALA A N   1 
ATOM   75   C CA  . ALA A 1 10 ? -0.222  -0.227  -8.761  1.00 18.51 ? 11  ALA A CA  1 
ATOM   76   C C   . ALA A 1 10 ? -1.278  -1.305  -8.975  1.00 17.61 ? 11  ALA A C   1 
ATOM   77   O O   . ALA A 1 10 ? -0.958  -2.496  -9.048  1.00 21.73 ? 11  ALA A O   1 
ATOM   78   C CB  . ALA A 1 10 ? 0.377   0.196   -10.102 1.00 20.10 ? 11  ALA A CB  1 
ATOM   79   N N   . ASP A 1 11 ? -2.542  -0.886  -9.066  1.00 17.37 ? 12  ASP A N   1 
ATOM   80   C CA  . ASP A 1 11 ? -3.670  -1.806  -9.194  1.00 18.75 ? 12  ASP A CA  1 
ATOM   81   C C   . ASP A 1 11 ? -4.557  -1.355  -10.352 1.00 16.23 ? 12  ASP A C   1 
ATOM   82   O O   . ASP A 1 11 ? -5.171  -0.286  -10.291 1.00 16.49 ? 12  ASP A O   1 
ATOM   83   C CB  . ASP A 1 11 ? -4.460  -1.869  -7.881  1.00 20.45 ? 12  ASP A CB  1 
ATOM   84   C CG  . ASP A 1 11 ? -5.465  -3.020  -7.833  1.00 25.82 ? 12  ASP A CG  1 
ATOM   85   O OD1 . ASP A 1 11 ? -5.981  -3.443  -8.892  1.00 22.88 ? 12  ASP A OD1 1 
ATOM   86   O OD2 . ASP A 1 11 ? -5.750  -3.495  -6.713  1.00 24.76 ? 12  ASP A OD2 1 
ATOM   87   N N   . SER A 1 12 ? -4.641  -2.185  -11.398 1.00 18.53 ? 13  SER A N   1 
ATOM   88   C CA  . SER A 1 12 ? -5.410  -1.812  -12.581 1.00 17.78 ? 13  SER A CA  1 
ATOM   89   C C   . SER A 1 12 ? -6.916  -1.798  -12.340 1.00 18.71 ? 13  SER A C   1 
ATOM   90   O O   . SER A 1 12 ? -7.643  -1.184  -13.123 1.00 18.60 ? 13  SER A O   1 
ATOM   91   C CB  . SER A 1 12 ? -5.082  -2.760  -13.731 1.00 20.60 ? 13  SER A CB  1 
ATOM   92   O OG  . SER A 1 12 ? -3.853  -2.387  -14.333 1.00 26.24 ? 13  SER A OG  1 
ATOM   93   N N   . GLY A 1 13 ? -7.406  -2.456  -11.285 1.00 16.85 ? 14  GLY A N   1 
ATOM   94   C CA  . GLY A 1 13 ? -8.836  -2.389  -11.006 1.00 17.24 ? 14  GLY A CA  1 
ATOM   95   C C   . GLY A 1 13 ? -9.660  -3.134  -12.045 1.00 18.56 ? 14  GLY A C   1 
ATOM   96   O O   . GLY A 1 13 ? -9.203  -4.087  -12.676 1.00 24.62 ? 14  GLY A O   1 
ATOM   97   N N   . SER A 1 14 ? -10.900 -2.686  -12.225 1.00 19.41 ? 15  SER A N   1 
ATOM   98   C CA  . SER A 1 14 ? -11.825 -3.310  -13.161 1.00 20.53 ? 15  SER A CA  1 
ATOM   99   C C   . SER A 1 14 ? -12.468 -2.226  -14.015 1.00 23.31 ? 15  SER A C   1 
ATOM   100  O O   . SER A 1 14 ? -12.284 -1.034  -13.775 1.00 22.57 ? 15  SER A O   1 
ATOM   101  C CB  . SER A 1 14 ? -12.902 -4.119  -12.428 1.00 23.77 ? 15  SER A CB  1 
ATOM   102  O OG  . SER A 1 14 ? -13.660 -3.272  -11.573 1.00 31.07 ? 15  SER A OG  1 
ATOM   103  N N   . GLY A 1 15 ? -13.223 -2.640  -15.022 1.00 22.00 ? 16  GLY A N   1 
ATOM   104  C CA  . GLY A 1 15 ? -13.928 -1.712  -15.881 1.00 22.76 ? 16  GLY A CA  1 
ATOM   105  C C   . GLY A 1 15 ? -13.527 -1.854  -17.338 1.00 20.81 ? 16  GLY A C   1 
ATOM   106  O O   . GLY A 1 15 ? -12.673 -2.661  -17.706 1.00 25.36 ? 16  GLY A O   1 
ATOM   107  N N   . THR A 1 16 ? -14.171 -1.036  -18.169 1.00 22.50 ? 17  THR A N   1 
ATOM   108  C CA  . THR A 1 16 ? -13.987 -1.063  -19.614 1.00 24.40 ? 17  THR A CA  1 
ATOM   109  C C   . THR A 1 16 ? -13.207 0.142   -20.128 1.00 23.88 ? 17  THR A C   1 
ATOM   110  O O   . THR A 1 16 ? -13.176 0.383   -21.343 1.00 22.70 ? 17  THR A O   1 
ATOM   111  C CB  . THR A 1 16 ? -15.350 -1.147  -20.311 1.00 26.26 ? 17  THR A CB  1 
ATOM   112  O OG1 . THR A 1 16 ? -16.140 -0.015  -19.934 1.00 29.69 ? 17  THR A OG1 1 
ATOM   113  C CG2 . THR A 1 16 ? -16.081 -2.423  -19.897 1.00 36.64 ? 17  THR A CG2 1 
ATOM   114  N N   . LYS A 1 17 ? -12.579 0.902   -19.237 1.00 21.08 ? 18  LYS A N   1 
ATOM   115  C CA  . LYS A 1 17 ? -11.726 2.005   -19.652 1.00 20.69 ? 18  LYS A CA  1 
ATOM   116  C C   . LYS A 1 17 ? -10.276 1.539   -19.752 1.00 19.15 ? 18  LYS A C   1 
ATOM   117  O O   . LYS A 1 17 ? -9.921  0.421   -19.367 1.00 19.44 ? 18  LYS A O   1 
ATOM   118  C CB  . LYS A 1 17 ? -11.846 3.178   -18.675 1.00 19.27 ? 18  LYS A CB  1 
ATOM   119  C CG  . LYS A 1 17 ? -13.200 3.861   -18.714 1.00 22.27 ? 18  LYS A CG  1 
ATOM   120  C CD  . LYS A 1 17 ? -13.281 5.009   -17.733 1.00 25.68 ? 18  LYS A CD  1 
ATOM   121  C CE  . LYS A 1 17 ? -14.627 5.705   -17.848 1.00 30.81 ? 18  LYS A CE  1 
ATOM   122  N NZ  . LYS A 1 17 ? -14.827 6.709   -16.783 1.00 39.91 ? 18  LYS A NZ  1 
ATOM   123  N N   . SER A 1 18 ? -9.439  2.410   -20.316 1.00 17.28 ? 19  SER A N   1 
ATOM   124  C CA  . SER A 1 18 ? -7.996  2.193   -20.438 1.00 16.10 ? 19  SER A CA  1 
ATOM   125  C C   . SER A 1 18 ? -7.357  3.562   -20.214 1.00 17.08 ? 19  SER A C   1 
ATOM   126  O O   . SER A 1 18 ? -7.147  4.311   -21.171 1.00 17.53 ? 19  SER A O   1 
ATOM   127  C CB  . SER A 1 18 ? -7.628  1.615   -21.799 1.00 21.00 ? 19  SER A CB  1 
ATOM   128  O OG  . SER A 1 18 ? -6.242  1.332   -21.867 1.00 25.53 ? 19  SER A OG  1 
ATOM   129  N N   . GLU A 1 19 ? -7.053  3.876   -18.954 1.00 14.79 ? 20  GLU A N   1 
ATOM   130  C CA  . GLU A 1 19 ? -6.634  5.214   -18.547 1.00 14.98 ? 20  GLU A CA  1 
ATOM   131  C C   . GLU A 1 19 ? -5.199  5.170   -18.046 1.00 16.79 ? 20  GLU A C   1 
ATOM   132  O O   . GLU A 1 19 ? -4.859  4.345   -17.194 1.00 18.61 ? 20  GLU A O   1 
ATOM   133  C CB  . GLU A 1 19 ? -7.553  5.766   -17.451 1.00 20.56 ? 20  GLU A CB  1 
ATOM   134  C CG  . GLU A 1 19 ? -8.957  6.112   -17.939 1.00 24.77 ? 20  GLU A CG  1 
ATOM   135  C CD  . GLU A 1 19 ? -9.920  6.482   -16.810 1.00 29.51 ? 20  GLU A CD  1 
ATOM   136  O OE1 . GLU A 1 19 ? -9.895  5.835   -15.731 1.00 30.28 ? 20  GLU A OE1 1 
ATOM   137  O OE2 . GLU A 1 19 ? -10.721 7.420   -17.013 1.00 32.45 ? 20  GLU A OE2 1 
ATOM   138  N N   . GLN A 1 20 ? -4.351  6.045   -18.577 1.00 16.95 ? 21  GLN A N   1 
ATOM   139  C CA  . GLN A 1 20 ? -2.994  6.140   -18.055 1.00 15.60 ? 21  GLN A CA  1 
ATOM   140  C C   . GLN A 1 20 ? -3.030  6.915   -16.746 1.00 15.04 ? 21  GLN A C   1 
ATOM   141  O O   . GLN A 1 20 ? -3.469  8.067   -16.711 1.00 19.95 ? 21  GLN A O   1 
ATOM   142  C CB  . GLN A 1 20 ? -2.057  6.815   -19.056 1.00 14.47 ? 21  GLN A CB  1 
ATOM   143  C CG  . GLN A 1 20 ? -0.628  6.895   -18.540 1.00 18.37 ? 21  GLN A CG  1 
ATOM   144  C CD  . GLN A 1 20 ? 0.323   7.522   -19.546 1.00 22.07 ? 21  GLN A CD  1 
ATOM   145  O OE1 . GLN A 1 20 ? 0.669   8.697   -19.434 1.00 25.88 ? 21  GLN A OE1 1 
ATOM   146  N NE2 . GLN A 1 20 ? 0.757   6.734   -20.522 1.00 22.37 ? 21  GLN A NE2 1 
ATOM   147  N N   . ARG A 1 21 ? -2.585  6.280   -15.673 1.00 14.65 ? 22  ARG A N   1 
ATOM   148  C CA  . ARG A 1 21 ? -2.504  6.923   -14.372 1.00 13.53 ? 22  ARG A CA  1 
ATOM   149  C C   . ARG A 1 21 ? -1.064  6.831   -13.882 1.00 14.79 ? 22  ARG A C   1 
ATOM   150  O O   . ARG A 1 21 ? -0.214  6.169   -14.488 1.00 14.58 ? 22  ARG A O   1 
ATOM   151  C CB  . ARG A 1 21 ? -3.479  6.275   -13.373 1.00 14.33 ? 22  ARG A CB  1 
ATOM   152  C CG  . ARG A 1 21 ? -4.964  6.402   -13.771 1.00 13.42 ? 22  ARG A CG  1 
ATOM   153  C CD  . ARG A 1 21 ? -5.453  7.821   -13.566 1.00 13.65 ? 22  ARG A CD  1 
ATOM   154  N NE  . ARG A 1 21 ? -6.875  7.977   -13.909 1.00 16.88 ? 22  ARG A NE  1 
ATOM   155  C CZ  . ARG A 1 21 ? -7.871  7.846   -13.040 1.00 22.84 ? 22  ARG A CZ  1 
ATOM   156  N NH1 . ARG A 1 21 ? -7.618  7.545   -11.779 1.00 19.54 ? 22  ARG A NH1 1 
ATOM   157  N NH2 . ARG A 1 21 ? -9.128  8.018   -13.431 1.00 23.78 ? 22  ARG A NH2 1 
ATOM   158  N N   . ILE A 1 22 ? -0.806  7.507   -12.768 1.00 13.85 ? 23  ILE A N   1 
ATOM   159  C CA  . ILE A 1 22 ? 0.512   7.596   -12.156 1.00 12.79 ? 23  ILE A CA  1 
ATOM   160  C C   . ILE A 1 22 ? 0.436   6.958   -10.780 1.00 12.90 ? 23  ILE A C   1 
ATOM   161  O O   . ILE A 1 22 ? -0.537  7.170   -10.048 1.00 14.59 ? 23  ILE A O   1 
ATOM   162  C CB  . ILE A 1 22 ? 0.979   9.063   -12.036 1.00 13.39 ? 23  ILE A CB  1 
ATOM   163  C CG1 . ILE A 1 22 ? 1.004   9.728   -13.409 1.00 15.75 ? 23  ILE A CG1 1 
ATOM   164  C CG2 . ILE A 1 22 ? 2.338   9.138   -11.346 1.00 15.91 ? 23  ILE A CG2 1 
ATOM   165  C CD1 . ILE A 1 22 ? 2.000   9.145   -14.345 1.00 21.05 ? 23  ILE A CD1 1 
ATOM   166  N N   . TYR A 1 23 ? 1.466   6.204   -10.417 1.00 13.74 ? 24  TYR A N   1 
ATOM   167  C CA  . TYR A 1 23 ? 1.601   5.695   -9.059  1.00 13.65 ? 24  TYR A CA  1 
ATOM   168  C C   . TYR A 1 23 ? 3.019   5.945   -8.560  1.00 15.70 ? 24  TYR A C   1 
ATOM   169  O O   . TYR A 1 23 ? 3.966   6.079   -9.342  1.00 15.25 ? 24  TYR A O   1 
ATOM   170  C CB  . TYR A 1 23 ? 1.275   4.187   -8.971  1.00 16.14 ? 24  TYR A CB  1 
ATOM   171  C CG  . TYR A 1 23 ? 2.395   3.263   -9.424  1.00 13.27 ? 24  TYR A CG  1 
ATOM   172  C CD1 . TYR A 1 23 ? 2.692   3.105   -10.775 1.00 14.86 ? 24  TYR A CD1 1 
ATOM   173  C CD2 . TYR A 1 23 ? 3.137   2.535   -8.501  1.00 16.14 ? 24  TYR A CD2 1 
ATOM   174  C CE1 . TYR A 1 23 ? 3.715   2.260   -11.194 1.00 18.68 ? 24  TYR A CE1 1 
ATOM   175  C CE2 . TYR A 1 23 ? 4.156   1.688   -8.911  1.00 20.13 ? 24  TYR A CE2 1 
ATOM   176  C CZ  . TYR A 1 23 ? 4.436   1.555   -10.257 1.00 21.86 ? 24  TYR A CZ  1 
ATOM   177  O OH  . TYR A 1 23 ? 5.453   0.710   -10.664 1.00 27.12 ? 24  TYR A OH  1 
ATOM   178  N N   . TYR A 1 24 ? 3.166   5.996   -7.241  1.00 13.97 ? 25  TYR A N   1 
ATOM   179  C CA  . TYR A 1 24 ? 4.472   6.136   -6.619  1.00 12.93 ? 25  TYR A CA  1 
ATOM   180  C C   . TYR A 1 24 ? 5.091   4.760   -6.430  1.00 16.41 ? 25  TYR A C   1 
ATOM   181  O O   . TYR A 1 24 ? 4.520   3.901   -5.754  1.00 13.78 ? 25  TYR A O   1 
ATOM   182  C CB  . TYR A 1 24 ? 4.371   6.854   -5.272  1.00 13.98 ? 25  TYR A CB  1 
ATOM   183  C CG  . TYR A 1 24 ? 5.734   7.143   -4.671  1.00 14.88 ? 25  TYR A CG  1 
ATOM   184  C CD1 . TYR A 1 24 ? 6.620   7.994   -5.311  1.00 16.02 ? 25  TYR A CD1 1 
ATOM   185  C CD2 . TYR A 1 24 ? 6.139   6.540   -3.492  1.00 16.15 ? 25  TYR A CD2 1 
ATOM   186  C CE1 . TYR A 1 24 ? 7.880   8.255   -4.787  1.00 19.64 ? 25  TYR A CE1 1 
ATOM   187  C CE2 . TYR A 1 24 ? 7.401   6.806   -2.951  1.00 16.10 ? 25  TYR A CE2 1 
ATOM   188  C CZ  . TYR A 1 24 ? 8.266   7.657   -3.616  1.00 20.46 ? 25  TYR A CZ  1 
ATOM   189  O OH  . TYR A 1 24 ? 9.519   7.921   -3.099  1.00 23.69 ? 25  TYR A OH  1 
ATOM   190  N N   . ASN A 1 25 ? 6.265   4.554   -7.013  1.00 14.24 ? 26  ASN A N   1 
ATOM   191  C CA  . ASN A 1 25 ? 7.027   3.327   -6.809  1.00 17.02 ? 26  ASN A CA  1 
ATOM   192  C C   . ASN A 1 25 ? 8.083   3.616   -5.744  1.00 17.25 ? 26  ASN A C   1 
ATOM   193  O O   . ASN A 1 25 ? 9.103   4.250   -6.023  1.00 18.53 ? 26  ASN A O   1 
ATOM   194  C CB  . ASN A 1 25 ? 7.638   2.867   -8.127  1.00 16.87 ? 26  ASN A CB  1 
ATOM   195  C CG  . ASN A 1 25 ? 8.286   1.518   -8.013  1.00 23.67 ? 26  ASN A CG  1 
ATOM   196  O OD1 . ASN A 1 25 ? 9.032   1.260   -7.072  1.00 24.21 ? 26  ASN A OD1 1 
ATOM   197  N ND2 . ASN A 1 25 ? 7.984   0.637   -8.956  1.00 23.15 ? 26  ASN A ND2 1 
ATOM   198  N N   A SER A 1 26 ? 7.831   3.141   -4.520  0.31 19.89 ? 27  SER A N   1 
ATOM   199  N N   B SER A 1 26 ? 7.842   3.145   -4.517  0.69 19.85 ? 27  SER A N   1 
ATOM   200  C CA  A SER A 1 26 ? 8.679   3.504   -3.386  0.31 20.53 ? 27  SER A CA  1 
ATOM   201  C CA  B SER A 1 26 ? 8.698   3.547   -3.408  0.69 20.45 ? 27  SER A CA  1 
ATOM   202  C C   A SER A 1 26 ? 10.093  2.964   -3.543  0.31 24.56 ? 27  SER A C   1 
ATOM   203  C C   B SER A 1 26 ? 10.100  2.957   -3.519  0.69 24.65 ? 27  SER A C   1 
ATOM   204  O O   A SER A 1 26 ? 11.066  3.633   -3.170  0.31 25.33 ? 27  SER A O   1 
ATOM   205  O O   B SER A 1 26 ? 11.072  3.600   -3.098  0.69 25.39 ? 27  SER A O   1 
ATOM   206  C CB  A SER A 1 26 ? 8.056   2.993   -2.086  0.31 23.66 ? 27  SER A CB  1 
ATOM   207  C CB  B SER A 1 26 ? 8.056   3.151   -2.077  0.69 23.88 ? 27  SER A CB  1 
ATOM   208  O OG  A SER A 1 26 ? 6.773   3.555   -1.877  0.31 20.19 ? 27  SER A OG  1 
ATOM   209  O OG  B SER A 1 26 ? 7.866   1.755   -1.999  0.69 25.86 ? 27  SER A OG  1 
ATOM   210  N N   . ALA A 1 27 ? 10.229  1.752   -4.083  1.00 23.34 ? 28  ALA A N   1 
ATOM   211  C CA  . ALA A 1 27 ? 11.553  1.152   -4.228  1.00 29.09 ? 28  ALA A CA  1 
ATOM   212  C C   . ALA A 1 27 ? 12.401  1.915   -5.236  1.00 26.72 ? 28  ALA A C   1 
ATOM   213  O O   . ALA A 1 27 ? 13.607  2.101   -5.028  1.00 27.83 ? 28  ALA A O   1 
ATOM   214  C CB  . ALA A 1 27 ? 11.424  -0.316  -4.637  1.00 29.06 ? 28  ALA A CB  1 
ATOM   215  N N   . ARG A 1 28 ? 11.789  2.374   -6.329  1.00 22.73 ? 29  ARG A N   1 
ATOM   216  C CA  . ARG A 1 28 ? 12.499  3.123   -7.355  1.00 26.18 ? 29  ARG A CA  1 
ATOM   217  C C   . ARG A 1 28 ? 12.538  4.619   -7.080  1.00 22.94 ? 29  ARG A C   1 
ATOM   218  O O   . ARG A 1 28 ? 13.231  5.343   -7.803  1.00 24.55 ? 29  ARG A O   1 
ATOM   219  C CB  . ARG A 1 28 ? 11.861  2.868   -8.728  1.00 24.65 ? 29  ARG A CB  1 
ATOM   220  C CG  . ARG A 1 28 ? 11.630  1.387   -9.033  1.00 31.94 ? 29  ARG A CG  1 
ATOM   221  C CD  . ARG A 1 28 ? 12.172  0.980   -10.398 1.00 43.11 ? 29  ARG A CD  1 
ATOM   222  N NE  . ARG A 1 28 ? 11.775  1.901   -11.462 1.00 48.59 ? 29  ARG A NE  1 
ATOM   223  C CZ  . ARG A 1 28 ? 12.189  1.815   -12.724 1.00 55.08 ? 29  ARG A CZ  1 
ATOM   224  N NH1 . ARG A 1 28 ? 13.022  0.847   -13.091 1.00 50.18 ? 29  ARG A NH1 1 
ATOM   225  N NH2 . ARG A 1 28 ? 11.772  2.702   -13.621 1.00 47.82 ? 29  ARG A NH2 1 
ATOM   226  N N   . LYS A 1 29 ? 11.820  5.091   -6.062  1.00 20.57 ? 30  LYS A N   1 
ATOM   227  C CA  . LYS A 1 29 ? 11.722  6.517   -5.747  1.00 23.57 ? 30  LYS A CA  1 
ATOM   228  C C   . LYS A 1 29 ? 11.315  7.328   -6.978  1.00 24.17 ? 30  LYS A C   1 
ATOM   229  O O   . LYS A 1 29 ? 11.915  8.353   -7.309  1.00 24.75 ? 30  LYS A O   1 
ATOM   230  C CB  . LYS A 1 29 ? 13.034  7.040   -5.153  1.00 24.84 ? 30  LYS A CB  1 
ATOM   231  C CG  . LYS A 1 29 ? 13.531  6.255   -3.948  1.00 27.61 ? 30  LYS A CG  1 
ATOM   232  C CD  . LYS A 1 29 ? 14.965  6.645   -3.587  1.00 27.48 ? 30  LYS A CD  1 
ATOM   233  C CE  . LYS A 1 29 ? 15.765  5.445   -3.090  1.00 46.18 ? 30  LYS A CE  1 
ATOM   234  N NZ  . LYS A 1 29 ? 16.159  5.584   -1.655  1.00 42.06 ? 30  LYS A NZ  1 
ATOM   235  N N   . GLN A 1 30 ? 10.285  6.845   -7.671  1.00 18.86 ? 31  GLN A N   1 
ATOM   236  C CA  . GLN A 1 30 ? 9.836   7.442   -8.921  1.00 22.78 ? 31  GLN A CA  1 
ATOM   237  C C   . GLN A 1 30 ? 8.320   7.363   -8.997  1.00 19.60 ? 31  GLN A C   1 
ATOM   238  O O   . GLN A 1 30 ? 7.714   6.416   -8.487  1.00 18.37 ? 31  GLN A O   1 
ATOM   239  C CB  . GLN A 1 30 ? 10.428  6.726   -10.151 1.00 25.21 ? 31  GLN A CB  1 
ATOM   240  C CG  . GLN A 1 30 ? 11.927  6.853   -10.353 1.00 34.44 ? 31  GLN A CG  1 
ATOM   241  C CD  . GLN A 1 30 ? 12.377  6.177   -11.632 1.00 39.82 ? 31  GLN A CD  1 
ATOM   242  O OE1 . GLN A 1 30 ? 12.931  6.817   -12.525 1.00 49.91 ? 31  GLN A OE1 1 
ATOM   243  N NE2 . GLN A 1 30 ? 12.123  4.876   -11.734 1.00 42.72 ? 31  GLN A NE2 1 
ATOM   244  N N   . CYS A 1 31 ? 7.713   8.374   -9.626  1.00 20.71 ? 32  CYS A N   1 
ATOM   245  C CA  . CYS A 1 31 ? 6.303   8.335   -10.001 1.00 15.55 ? 32  CYS A CA  1 
ATOM   246  C C   . CYS A 1 31 ? 6.219   7.811   -11.433 1.00 19.97 ? 32  CYS A C   1 
ATOM   247  O O   . CYS A 1 31 ? 6.790   8.417   -12.348 1.00 24.97 ? 32  CYS A O   1 
ATOM   248  C CB  . CYS A 1 31 ? 5.670   9.724   -9.881  1.00 18.54 ? 32  CYS A CB  1 
ATOM   249  S SG  . CYS A 1 31 ? 5.326   10.268  -8.145  1.00 25.74 ? 32  CYS A SG  1 
ATOM   250  N N   . LEU A 1 32 ? 5.526   6.685   -11.631 1.00 17.33 ? 33  LEU A N   1 
ATOM   251  C CA  . LEU A 1 32 ? 5.547   5.965   -12.897 1.00 15.24 ? 33  LEU A CA  1 
ATOM   252  C C   . LEU A 1 32 ? 4.136   5.744   -13.437 1.00 15.71 ? 33  LEU A C   1 
ATOM   253  O O   . LEU A 1 32 ? 3.147   5.862   -12.712 1.00 17.06 ? 33  LEU A O   1 
ATOM   254  C CB  . LEU A 1 32 ? 6.256   4.618   -12.741 1.00 17.75 ? 33  LEU A CB  1 
ATOM   255  C CG  . LEU A 1 32 ? 7.704   4.697   -12.260 1.00 21.46 ? 33  LEU A CG  1 
ATOM   256  C CD1 . LEU A 1 32 ? 8.256   3.304   -12.021 1.00 26.28 ? 33  LEU A CD1 1 
ATOM   257  C CD2 . LEU A 1 32 ? 8.548   5.464   -13.268 1.00 22.24 ? 33  LEU A CD2 1 
ATOM   258  N N   . THR A 1 33 ? 4.048   5.395   -14.725 1.00 17.88 ? 34  THR A N   1 
ATOM   259  C CA  . THR A 1 33 ? 2.748   5.197   -15.361 1.00 14.80 ? 34  THR A CA  1 
ATOM   260  C C   . THR A 1 33 ? 2.249   3.764   -15.174 1.00 17.32 ? 34  THR A C   1 
ATOM   261  O O   . THR A 1 33 ? 3.036   2.816   -15.081 1.00 19.29 ? 34  THR A O   1 
ATOM   262  C CB  . THR A 1 33 ? 2.804   5.508   -16.861 1.00 17.55 ? 34  THR A CB  1 
ATOM   263  O OG1 . THR A 1 33 ? 3.796   4.683   -17.494 1.00 21.08 ? 34  THR A OG1 1 
ATOM   264  C CG2 . THR A 1 33 ? 3.138   6.976   -17.105 1.00 19.81 ? 34  THR A CG2 1 
ATOM   265  N N   . PHE A 1 34 ? 0.924   3.616   -15.143 1.00 14.35 ? 35  PHE A N   1 
ATOM   266  C CA  . PHE A 1 34 ? 0.270   2.311   -15.225 1.00 17.54 ? 35  PHE A CA  1 
ATOM   267  C C   . PHE A 1 34 ? -1.097  2.486   -15.878 1.00 15.29 ? 35  PHE A C   1 
ATOM   268  O O   . PHE A 1 34 ? -1.612  3.597   -16.000 1.00 16.67 ? 35  PHE A O   1 
ATOM   269  C CB  . PHE A 1 34 ? 0.145   1.628   -13.844 1.00 17.46 ? 35  PHE A CB  1 
ATOM   270  C CG  . PHE A 1 34 ? -0.935  2.198   -12.951 1.00 17.17 ? 35  PHE A CG  1 
ATOM   271  C CD1 . PHE A 1 34 ? -0.747  3.408   -12.292 1.00 15.27 ? 35  PHE A CD1 1 
ATOM   272  C CD2 . PHE A 1 34 ? -2.116  1.505   -12.737 1.00 15.52 ? 35  PHE A CD2 1 
ATOM   273  C CE1 . PHE A 1 34 ? -1.734  3.932   -11.463 1.00 15.40 ? 35  PHE A CE1 1 
ATOM   274  C CE2 . PHE A 1 34 ? -3.108  2.013   -11.900 1.00 16.27 ? 35  PHE A CE2 1 
ATOM   275  C CZ  . PHE A 1 34 ? -2.917  3.239   -11.268 1.00 17.43 ? 35  PHE A CZ  1 
ATOM   276  N N   . THR A 1 35 ? -1.682  1.369   -16.310 1.00 15.43 ? 36  THR A N   1 
ATOM   277  C CA  . THR A 1 35 ? -2.973  1.372   -16.986 1.00 16.17 ? 36  THR A CA  1 
ATOM   278  C C   . THR A 1 35 ? -4.071  1.035   -15.993 1.00 16.67 ? 36  THR A C   1 
ATOM   279  O O   . THR A 1 35 ? -4.052  -0.039  -15.384 1.00 18.57 ? 36  THR A O   1 
ATOM   280  C CB  . THR A 1 35 ? -3.003  0.368   -18.137 1.00 19.25 ? 36  THR A CB  1 
ATOM   281  O OG1 . THR A 1 35 ? -2.070  0.777   -19.138 1.00 24.47 ? 36  THR A OG1 1 
ATOM   282  C CG2 . THR A 1 35 ? -4.404  0.308   -18.745 1.00 18.79 ? 36  THR A CG2 1 
ATOM   283  N N   . TYR A 1 36 ? -5.029  1.937   -15.857 1.00 14.77 ? 37  TYR A N   1 
ATOM   284  C CA  . TYR A 1 36 ? -6.151  1.782   -14.943 1.00 16.34 ? 37  TYR A CA  1 
ATOM   285  C C   . TYR A 1 36 ? -7.415  1.468   -15.738 1.00 20.81 ? 37  TYR A C   1 
ATOM   286  O O   . TYR A 1 36 ? -7.703  2.123   -16.746 1.00 17.87 ? 37  TYR A O   1 
ATOM   287  C CB  . TYR A 1 36 ? -6.318  3.065   -14.130 1.00 15.92 ? 37  TYR A CB  1 
ATOM   288  C CG  . TYR A 1 36 ? -7.403  3.050   -13.088 1.00 13.29 ? 37  TYR A CG  1 
ATOM   289  C CD1 . TYR A 1 36 ? -7.452  2.063   -12.103 1.00 16.82 ? 37  TYR A CD1 1 
ATOM   290  C CD2 . TYR A 1 36 ? -8.371  4.030   -13.078 1.00 14.94 ? 37  TYR A CD2 1 
ATOM   291  C CE1 . TYR A 1 36 ? -8.443  2.067   -11.148 1.00 16.56 ? 37  TYR A CE1 1 
ATOM   292  C CE2 . TYR A 1 36 ? -9.368  4.046   -12.122 1.00 14.71 ? 37  TYR A CE2 1 
ATOM   293  C CZ  . TYR A 1 36 ? -9.394  3.058   -11.159 1.00 17.80 ? 37  TYR A CZ  1 
ATOM   294  O OH  . TYR A 1 36 ? -10.390 3.076   -10.203 1.00 20.73 ? 37  TYR A OH  1 
ATOM   295  N N   . ASN A 1 37 ? -8.180  0.479   -15.283 1.00 16.74 ? 38  ASN A N   1 
ATOM   296  C CA  . ASN A 1 37 ? -9.347  0.050   -16.046 1.00 18.51 ? 38  ASN A CA  1 
ATOM   297  C C   . ASN A 1 37 ? -10.601 0.856   -15.740 1.00 18.78 ? 38  ASN A C   1 
ATOM   298  O O   . ASN A 1 37 ? -11.618 0.664   -16.420 1.00 20.44 ? 38  ASN A O   1 
ATOM   299  C CB  . ASN A 1 37 ? -9.631  -1.439  -15.803 1.00 21.50 ? 38  ASN A CB  1 
ATOM   300  C CG  . ASN A 1 37 ? -8.529  -2.349  -16.337 1.00 23.80 ? 38  ASN A CG  1 
ATOM   301  O OD1 . ASN A 1 37 ? -7.933  -2.090  -17.386 1.00 27.77 ? 38  ASN A OD1 1 
ATOM   302  N ND2 . ASN A 1 37 ? -8.270  -3.434  -15.620 1.00 27.86 ? 38  ASN A ND2 1 
ATOM   303  N N   . GLY A 1 38 ? -10.574 1.749   -14.743 1.00 19.44 ? 39  GLY A N   1 
ATOM   304  C CA  . GLY A 1 38 ? -11.626 2.729   -14.529 1.00 21.16 ? 39  GLY A CA  1 
ATOM   305  C C   . GLY A 1 38 ? -12.333 2.621   -13.187 1.00 20.27 ? 39  GLY A C   1 
ATOM   306  O O   . GLY A 1 38 ? -12.923 3.605   -12.727 1.00 23.63 ? 39  GLY A O   1 
ATOM   307  N N   . GLN A 1 39 ? -12.307 1.443   -12.564 1.00 21.34 ? 40  GLN A N   1 
ATOM   308  C CA  . GLN A 1 39 ? -12.986 1.237   -11.291 1.00 23.10 ? 40  GLN A CA  1 
ATOM   309  C C   . GLN A 1 39 ? -12.075 0.508   -10.317 1.00 22.28 ? 40  GLN A C   1 
ATOM   310  O O   . GLN A 1 39 ? -11.166 -0.219  -10.715 1.00 20.92 ? 40  GLN A O   1 
ATOM   311  C CB  . GLN A 1 39 ? -14.289 0.431   -11.455 1.00 22.29 ? 40  GLN A CB  1 
ATOM   312  C CG  . GLN A 1 39 ? -15.247 0.958   -12.513 1.00 30.49 ? 40  GLN A CG  1 
ATOM   313  N N   . GLY A 1 40 ? -12.350 0.695   -9.021  1.00 23.54 ? 41  GLY A N   1 
ATOM   314  C CA  . GLY A 1 40 ? -11.631 -0.065  -8.011  1.00 23.36 ? 41  GLY A CA  1 
ATOM   315  C C   . GLY A 1 40 ? -10.168 0.339   -7.909  1.00 22.96 ? 41  GLY A C   1 
ATOM   316  O O   . GLY A 1 40 ? -9.794  1.482   -8.173  1.00 22.44 ? 41  GLY A O   1 
ATOM   317  N N   . GLY A 1 41 ? -9.332  -0.622  -7.520  1.00 24.31 ? 42  GLY A N   1 
ATOM   318  C CA  . GLY A 1 41 ? -7.911  -0.372  -7.349  1.00 21.78 ? 42  GLY A CA  1 
ATOM   319  C C   . GLY A 1 41 ? -7.584  0.102   -5.946  1.00 23.83 ? 42  GLY A C   1 
ATOM   320  O O   . GLY A 1 41 ? -8.259  -0.289  -4.991  1.00 25.21 ? 42  GLY A O   1 
ATOM   321  N N   . ASN A 1 42 ? -6.556  0.937   -5.796  1.00 18.72 ? 43  ASN A N   1 
ATOM   322  C CA  . ASN A 1 42 ? -6.215  1.525   -4.502  1.00 18.45 ? 43  ASN A CA  1 
ATOM   323  C C   . ASN A 1 42 ? -5.921  3.012   -4.695  1.00 19.90 ? 43  ASN A C   1 
ATOM   324  O O   . ASN A 1 42 ? -5.990  3.542   -5.809  1.00 17.02 ? 43  ASN A O   1 
ATOM   325  C CB  . ASN A 1 42 ? -5.036  0.784   -3.852  1.00 16.76 ? 43  ASN A CB  1 
ATOM   326  C CG  . ASN A 1 42 ? -3.788  0.797   -4.712  1.00 17.67 ? 43  ASN A CG  1 
ATOM   327  O OD1 . ASN A 1 42 ? -3.359  1.855   -5.161  1.00 17.30 ? 43  ASN A OD1 1 
ATOM   328  N ND2 . ASN A 1 42 ? -3.185  -0.369  -4.921  1.00 16.62 ? 43  ASN A ND2 1 
ATOM   329  N N   . GLU A 1 43 ? -5.555  3.695   -3.604  1.00 15.24 ? 44  GLU A N   1 
ATOM   330  C CA  . GLU A 1 43 ? -5.405  5.146   -3.660  1.00 17.51 ? 44  GLU A CA  1 
ATOM   331  C C   . GLU A 1 43 ? -4.079  5.603   -4.261  1.00 16.23 ? 44  GLU A C   1 
ATOM   332  O O   . GLU A 1 43 ? -3.902  6.811   -4.455  1.00 17.96 ? 44  GLU A O   1 
ATOM   333  C CB  . GLU A 1 43 ? -5.561  5.755   -2.271  1.00 22.08 ? 44  GLU A CB  1 
ATOM   334  C CG  . GLU A 1 43 ? -6.988  5.769   -1.752  1.00 25.54 ? 44  GLU A CG  1 
ATOM   335  C CD  . GLU A 1 43 ? -7.104  6.555   -0.455  1.00 37.74 ? 44  GLU A CD  1 
ATOM   336  O OE1 . GLU A 1 43 ? -6.949  7.795   -0.496  1.00 42.96 ? 44  GLU A OE1 1 
ATOM   337  O OE2 . GLU A 1 43 ? -7.332  5.929   0.601   1.00 50.24 ? 44  GLU A OE2 1 
ATOM   338  N N   . ASN A 1 44 ? -3.151  4.686   -4.544  1.00 15.58 ? 45  ASN A N   1 
ATOM   339  C CA  . ASN A 1 44 ? -1.890  5.029   -5.215  1.00 15.07 ? 45  ASN A CA  1 
ATOM   340  C C   . ASN A 1 44 ? -2.158  5.153   -6.718  1.00 12.56 ? 45  ASN A C   1 
ATOM   341  O O   . ASN A 1 44 ? -1.723  4.344   -7.543  1.00 13.18 ? 45  ASN A O   1 
ATOM   342  C CB  . ASN A 1 44 ? -0.828  3.986   -4.904  1.00 15.28 ? 45  ASN A CB  1 
ATOM   343  C CG  . ASN A 1 44 ? 0.570   4.465   -5.232  1.00 15.68 ? 45  ASN A CG  1 
ATOM   344  O OD1 . ASN A 1 44 ? 0.759   5.604   -5.653  1.00 14.78 ? 45  ASN A OD1 1 
ATOM   345  N ND2 . ASN A 1 44 ? 1.553   3.598   -5.043  1.00 14.13 ? 45  ASN A ND2 1 
ATOM   346  N N   . ASN A 1 45 ? -2.879  6.225   -7.058  1.00 13.50 ? 46  ASN A N   1 
ATOM   347  C CA  . ASN A 1 45 ? -3.520  6.361   -8.363  1.00 13.04 ? 46  ASN A CA  1 
ATOM   348  C C   . ASN A 1 45 ? -3.758  7.858   -8.561  1.00 12.29 ? 46  ASN A C   1 
ATOM   349  O O   . ASN A 1 45 ? -4.671  8.423   -7.953  1.00 17.84 ? 46  ASN A O   1 
ATOM   350  C CB  . ASN A 1 45 ? -4.815  5.556   -8.399  1.00 15.51 ? 46  ASN A CB  1 
ATOM   351  C CG  . ASN A 1 45 ? -5.477  5.564   -9.743  1.00 16.52 ? 46  ASN A CG  1 
ATOM   352  O OD1 . ASN A 1 45 ? -5.331  6.512   -10.513 1.00 16.20 ? 46  ASN A OD1 1 
ATOM   353  N ND2 . ASN A 1 45 ? -6.236  4.511   -10.030 1.00 17.78 ? 46  ASN A ND2 1 
ATOM   354  N N   . PHE A 1 46 ? -2.944  8.477   -9.419  1.00 13.66 ? 47  PHE A N   1 
ATOM   355  C CA  . PHE A 1 46 ? -2.967  9.913   -9.639  1.00 13.51 ? 47  PHE A CA  1 
ATOM   356  C C   . PHE A 1 46 ? -3.201  10.202  -11.114 1.00 14.30 ? 47  PHE A C   1 
ATOM   357  O O   . PHE A 1 46 ? -2.706  9.481   -11.981 1.00 15.18 ? 47  PHE A O   1 
ATOM   358  C CB  . PHE A 1 46 ? -1.639  10.570  -9.186  1.00 14.09 ? 47  PHE A CB  1 
ATOM   359  C CG  . PHE A 1 46 ? -1.345  10.407  -7.721  1.00 15.72 ? 47  PHE A CG  1 
ATOM   360  C CD1 . PHE A 1 46 ? -0.766  9.248   -7.244  1.00 15.53 ? 47  PHE A CD1 1 
ATOM   361  C CD2 . PHE A 1 46 ? -1.650  11.420  -6.823  1.00 17.21 ? 47  PHE A CD2 1 
ATOM   362  C CE1 . PHE A 1 46 ? -0.491  9.088   -5.887  1.00 17.12 ? 47  PHE A CE1 1 
ATOM   363  C CE2 . PHE A 1 46 ? -1.374  11.274  -5.465  1.00 17.33 ? 47  PHE A CE2 1 
ATOM   364  C CZ  . PHE A 1 46 ? -0.789  10.103  -5.006  1.00 16.49 ? 47  PHE A CZ  1 
ATOM   365  N N   . ARG A 1 47 ? -3.942  11.276  -11.390 1.00 14.33 ? 48  ARG A N   1 
ATOM   366  C CA  . ARG A 1 47 ? -4.159  11.696  -12.766 1.00 15.85 ? 48  ARG A CA  1 
ATOM   367  C C   . ARG A 1 47 ? -2.996  12.502  -13.323 1.00 15.24 ? 48  ARG A C   1 
ATOM   368  O O   . ARG A 1 47 ? -2.815  12.541  -14.544 1.00 19.57 ? 48  ARG A O   1 
ATOM   369  C CB  . ARG A 1 47 ? -5.436  12.523  -12.861 1.00 16.84 ? 48  ARG A CB  1 
ATOM   370  C CG  . ARG A 1 47 ? -6.684  11.703  -12.644 1.00 22.23 ? 48  ARG A CG  1 
ATOM   371  C CD  . ARG A 1 47 ? -7.841  12.588  -12.260 1.00 27.07 ? 48  ARG A CD  1 
ATOM   372  N NE  . ARG A 1 47 ? -8.972  11.792  -11.797 1.00 31.07 ? 48  ARG A NE  1 
ATOM   373  C CZ  . ARG A 1 47 ? -9.956  11.389  -12.589 1.00 37.05 ? 48  ARG A CZ  1 
ATOM   374  N NH1 . ARG A 1 47 ? -9.936  11.712  -13.875 1.00 41.13 ? 48  ARG A NH1 1 
ATOM   375  N NH2 . ARG A 1 47 ? -10.956 10.665  -12.101 1.00 39.65 ? 48  ARG A NH2 1 
ATOM   376  N N   . ARG A 1 48 ? -2.202  13.134  -12.460 1.00 15.80 ? 49  ARG A N   1 
ATOM   377  C CA  . ARG A 1 48 ? -1.095  13.987  -12.874 1.00 17.71 ? 49  ARG A CA  1 
ATOM   378  C C   . ARG A 1 48 ? 0.164   13.608  -12.114 1.00 14.96 ? 49  ARG A C   1 
ATOM   379  O O   . ARG A 1 48 ? 0.115   13.421  -10.899 1.00 16.58 ? 49  ARG A O   1 
ATOM   380  C CB  . ARG A 1 48 ? -1.393  15.463  -12.591 1.00 16.28 ? 49  ARG A CB  1 
ATOM   381  C CG  . ARG A 1 48 ? -2.586  16.026  -13.338 1.00 20.14 ? 49  ARG A CG  1 
ATOM   382  C CD  . ARG A 1 48 ? -2.852  17.447  -12.893 1.00 19.76 ? 49  ARG A CD  1 
ATOM   383  N NE  . ARG A 1 48 ? -3.999  18.005  -13.601 1.00 26.69 ? 49  ARG A NE  1 
ATOM   384  C CZ  . ARG A 1 48 ? -4.484  19.226  -13.392 1.00 26.89 ? 49  ARG A CZ  1 
ATOM   385  N NH1 . ARG A 1 48 ? -3.930  20.014  -12.479 1.00 26.60 ? 49  ARG A NH1 1 
ATOM   386  N NH2 . ARG A 1 48 ? -5.527  19.651  -14.095 1.00 28.71 ? 49  ARG A NH2 1 
ATOM   387  N N   . THR A 1 49 ? 1.294   13.543  -12.827 1.00 15.76 ? 50  THR A N   1 
ATOM   388  C CA  . THR A 1 49 ? 2.573   13.283  -12.174 1.00 12.91 ? 50  THR A CA  1 
ATOM   389  C C   . THR A 1 49 ? 2.837   14.254  -11.025 1.00 14.16 ? 50  THR A C   1 
ATOM   390  O O   . THR A 1 49 ? 3.284   13.850  -9.950  1.00 14.06 ? 50  THR A O   1 
ATOM   391  C CB  . THR A 1 49 ? 3.707   13.353  -13.203 1.00 18.26 ? 50  THR A CB  1 
ATOM   392  O OG1 . THR A 1 49 ? 3.394   12.498  -14.310 1.00 21.81 ? 50  THR A OG1 1 
ATOM   393  C CG2 . THR A 1 49 ? 5.017   12.887  -12.583 1.00 22.75 ? 50  THR A CG2 1 
ATOM   394  N N   . TYR A 1 50 ? 2.568   15.547  -11.231 1.00 14.57 ? 51  TYR A N   1 
ATOM   395  C CA  . TYR A 1 50 ? 2.856   16.527  -10.184 1.00 13.46 ? 51  TYR A CA  1 
ATOM   396  C C   . TYR A 1 50 ? 2.143   16.194  -8.875  1.00 13.48 ? 51  TYR A C   1 
ATOM   397  O O   . TYR A 1 50 ? 2.688   16.421  -7.792  1.00 16.96 ? 51  TYR A O   1 
ATOM   398  C CB  . TYR A 1 50 ? 2.454   17.917  -10.671 1.00 14.25 ? 51  TYR A CB  1 
ATOM   399  C CG  . TYR A 1 50 ? 2.703   19.044  -9.692  1.00 14.48 ? 51  TYR A CG  1 
ATOM   400  C CD1 . TYR A 1 50 ? 3.989   19.485  -9.423  1.00 18.40 ? 51  TYR A CD1 1 
ATOM   401  C CD2 . TYR A 1 50 ? 1.648   19.665  -9.046  1.00 17.24 ? 51  TYR A CD2 1 
ATOM   402  C CE1 . TYR A 1 50 ? 4.219   20.534  -8.530  1.00 19.59 ? 51  TYR A CE1 1 
ATOM   403  C CE2 . TYR A 1 50 ? 1.868   20.706  -8.156  1.00 17.15 ? 51  TYR A CE2 1 
ATOM   404  C CZ  . TYR A 1 50 ? 3.152   21.129  -7.901  1.00 22.24 ? 51  TYR A CZ  1 
ATOM   405  O OH  . TYR A 1 50 ? 3.369   22.171  -7.022  1.00 27.48 ? 51  TYR A OH  1 
ATOM   406  N N   . ASP A 1 51 ? 0.920   15.675  -8.953  1.00 14.45 ? 52  ASP A N   1 
ATOM   407  C CA  . ASP A 1 51 ? 0.176   15.371  -7.735  1.00 16.41 ? 52  ASP A CA  1 
ATOM   408  C C   . ASP A 1 51 ? 0.787   14.182  -7.009  1.00 17.94 ? 52  ASP A C   1 
ATOM   409  O O   . ASP A 1 51 ? 0.830   14.158  -5.773  1.00 15.55 ? 52  ASP A O   1 
ATOM   410  C CB  . ASP A 1 51 ? -1.291  15.106  -8.070  1.00 17.36 ? 52  ASP A CB  1 
ATOM   411  C CG  . ASP A 1 51 ? -1.974  16.314  -8.700  1.00 19.78 ? 52  ASP A CG  1 
ATOM   412  O OD1 . ASP A 1 51 ? -1.523  17.455  -8.475  1.00 23.18 ? 52  ASP A OD1 1 
ATOM   413  O OD2 . ASP A 1 51 ? -2.971  16.108  -9.419  1.00 21.85 ? 52  ASP A OD2 1 
ATOM   414  N N   . CYS A 1 52 ? 1.260   13.186  -7.760  1.00 14.96 ? 53  CYS A N   1 
ATOM   415  C CA  . CYS A 1 52 ? 1.974   12.070  -7.146  1.00 13.95 ? 53  CYS A CA  1 
ATOM   416  C C   . CYS A 1 52 ? 3.234   12.559  -6.439  1.00 13.30 ? 53  CYS A C   1 
ATOM   417  O O   . CYS A 1 52 ? 3.537   12.138  -5.317  1.00 15.75 ? 53  CYS A O   1 
ATOM   418  C CB  . CYS A 1 52 ? 2.300   11.031  -8.217  1.00 17.32 ? 53  CYS A CB  1 
ATOM   419  S SG  . CYS A 1 52 ? 3.343   9.631   -7.685  1.00 21.36 ? 53  CYS A SG  1 
ATOM   420  N N   . ARG A 1 53 ? 3.956   13.501  -7.057  1.00 14.36 ? 54  ARG A N   1 
ATOM   421  C CA  . ARG A 1 53 ? 5.170   14.012  -6.425  1.00 13.62 ? 54  ARG A CA  1 
ATOM   422  C C   . ARG A 1 53 ? 4.860   14.758  -5.134  1.00 15.45 ? 54  ARG A C   1 
ATOM   423  O O   . ARG A 1 53 ? 5.556   14.582  -4.132  1.00 17.65 ? 54  ARG A O   1 
ATOM   424  C CB  . ARG A 1 53 ? 5.921   14.909  -7.402  1.00 14.62 ? 54  ARG A CB  1 
ATOM   425  C CG  . ARG A 1 53 ? 6.329   14.162  -8.677  1.00 15.96 ? 54  ARG A CG  1 
ATOM   426  C CD  . ARG A 1 53 ? 7.656   14.668  -9.210  1.00 18.76 ? 54  ARG A CD  1 
ATOM   427  N NE  . ARG A 1 53 ? 7.957   14.141  -10.543 1.00 20.53 ? 54  ARG A NE  1 
ATOM   428  C CZ  . ARG A 1 53 ? 8.547   12.972  -10.775 1.00 19.59 ? 54  ARG A CZ  1 
ATOM   429  N NH1 . ARG A 1 53 ? 8.903   12.186  -9.771  1.00 22.41 ? 54  ARG A NH1 1 
ATOM   430  N NH2 . ARG A 1 53 ? 8.781   12.583  -12.022 1.00 22.12 ? 54  ARG A NH2 1 
ATOM   431  N N   . ARG A 1 54 ? 3.834   15.608  -5.142  1.00 14.63 ? 55  ARG A N   1 
ATOM   432  C CA  . ARG A 1 54 ? 3.512   16.385  -3.951  1.00 17.24 ? 55  ARG A CA  1 
ATOM   433  C C   . ARG A 1 54 ? 3.002   15.497  -2.826  1.00 19.15 ? 55  ARG A C   1 
ATOM   434  O O   . ARG A 1 54 ? 3.300   15.742  -1.652  1.00 24.26 ? 55  ARG A O   1 
ATOM   435  C CB  . ARG A 1 54 ? 2.474   17.452  -4.295  1.00 19.67 ? 55  ARG A CB  1 
ATOM   436  C CG  . ARG A 1 54 ? 3.051   18.632  -5.041  1.00 23.35 ? 55  ARG A CG  1 
ATOM   437  N N   . THR A 1 55 ? 2.234   14.461  -3.162  1.00 15.41 ? 56  THR A N   1 
ATOM   438  C CA  . THR A 1 55 ? 1.593   13.639  -2.137  1.00 14.64 ? 56  THR A CA  1 
ATOM   439  C C   . THR A 1 55 ? 2.533   12.564  -1.606  1.00 19.85 ? 56  THR A C   1 
ATOM   440  O O   . THR A 1 55 ? 2.640   12.368  -0.388  1.00 18.85 ? 56  THR A O   1 
ATOM   441  C CB  . THR A 1 55 ? 0.318   12.998  -2.703  1.00 16.38 ? 56  THR A CB  1 
ATOM   442  O OG1 . THR A 1 55 ? -0.625  14.029  -3.011  1.00 19.18 ? 56  THR A OG1 1 
ATOM   443  C CG2 . THR A 1 55 ? -0.305  12.039  -1.709  1.00 19.33 ? 56  THR A CG2 1 
ATOM   444  N N   . CYS A 1 56 ? 3.218   11.859  -2.503  1.00 14.84 ? 57  CYS A N   1 
ATOM   445  C CA  . CYS A 1 56 ? 3.998   10.682  -2.141  1.00 13.79 ? 57  CYS A CA  1 
ATOM   446  C C   . CYS A 1 56 ? 5.495   10.905  -2.152  1.00 15.23 ? 57  CYS A C   1 
ATOM   447  O O   . CYS A 1 56 ? 6.192   10.402  -1.271  1.00 20.40 ? 57  CYS A O   1 
ATOM   448  C CB  . CYS A 1 56 ? 3.674   9.526   -3.089  1.00 15.65 ? 57  CYS A CB  1 
ATOM   449  S SG  . CYS A 1 56 ? 2.038   8.780   -2.825  1.00 20.43 ? 57  CYS A SG  1 
ATOM   450  N N   . GLN A 1 57 ? 6.026   11.605  -3.153  1.00 15.17 ? 58  GLN A N   1 
ATOM   451  C CA  . GLN A 1 57 ? 7.478   11.698  -3.240  1.00 18.11 ? 58  GLN A CA  1 
ATOM   452  C C   . GLN A 1 57 ? 8.047   12.694  -2.236  1.00 16.85 ? 58  GLN A C   1 
ATOM   453  O O   . GLN A 1 57 ? 9.072   12.409  -1.602  1.00 18.17 ? 58  GLN A O   1 
ATOM   454  C CB  . GLN A 1 57 ? 7.896   12.076  -4.654  1.00 17.32 ? 58  GLN A CB  1 
ATOM   455  C CG  . GLN A 1 57 ? 9.395   11.984  -4.870  1.00 17.21 ? 58  GLN A CG  1 
ATOM   456  C CD  . GLN A 1 57 ? 9.756   12.201  -6.313  1.00 25.24 ? 58  GLN A CD  1 
ATOM   457  O OE1 . GLN A 1 57 ? 8.938   12.687  -7.095  1.00 25.49 ? 58  GLN A OE1 1 
ATOM   458  N NE2 . GLN A 1 57 ? 10.990  11.873  -6.677  1.00 26.75 ? 58  GLN A NE2 1 
ATOM   459  N N   . TYR A 1 58 ? 7.412   13.863  -2.081  1.00 15.51 ? 59  TYR A N   1 
ATOM   460  C CA  . TYR A 1 58 ? 7.870   14.909  -1.167  1.00 16.75 ? 59  TYR A CA  1 
ATOM   461  C C   . TYR A 1 58 ? 6.773   15.216  -0.155  1.00 21.36 ? 59  TYR A C   1 
ATOM   462  O O   . TYR A 1 58 ? 6.199   16.313  -0.159  1.00 24.36 ? 59  TYR A O   1 
ATOM   463  C CB  . TYR A 1 58 ? 8.270   16.173  -1.926  1.00 18.87 ? 59  TYR A CB  1 
ATOM   464  C CG  . TYR A 1 58 ? 9.214   15.898  -3.072  1.00 16.03 ? 59  TYR A CG  1 
ATOM   465  C CD1 . TYR A 1 58 ? 10.527  15.503  -2.837  1.00 16.96 ? 59  TYR A CD1 1 
ATOM   466  C CD2 . TYR A 1 58 ? 8.788   16.013  -4.389  1.00 19.34 ? 59  TYR A CD2 1 
ATOM   467  C CE1 . TYR A 1 58 ? 11.387  15.231  -3.883  1.00 17.28 ? 59  TYR A CE1 1 
ATOM   468  C CE2 . TYR A 1 58 ? 9.632   15.755  -5.432  1.00 19.06 ? 59  TYR A CE2 1 
ATOM   469  C CZ  . TYR A 1 58 ? 10.935  15.363  -5.181  1.00 18.11 ? 59  TYR A CZ  1 
ATOM   470  O OH  . TYR A 1 58 ? 11.771  15.103  -6.241  1.00 20.08 ? 59  TYR A OH  1 
ATOM   471  N N   . PRO A 1 59 ? 6.465   14.269  0.744   1.00 21.85 ? 60  PRO A N   1 
ATOM   472  C CA  . PRO A 1 59 ? 5.309   14.420  1.634   1.00 24.53 ? 60  PRO A CA  1 
ATOM   473  C C   . PRO A 1 59 ? 5.492   15.550  2.640   1.00 27.54 ? 60  PRO A C   1 
ATOM   474  O O   . PRO A 1 59 ? 6.613   15.812  3.075   1.00 26.94 ? 60  PRO A O   1 
ATOM   475  C CB  . PRO A 1 59 ? 5.234   13.065  2.340   1.00 27.18 ? 60  PRO A CB  1 
ATOM   476  C CG  . PRO A 1 59 ? 6.654   12.578  2.356   1.00 25.33 ? 60  PRO A CG  1 
ATOM   477  C CD  . PRO A 1 59 ? 7.242   13.050  1.045   1.00 21.22 ? 60  PRO A CD  1 
ATOM   478  O OXT . PRO A 1 59 ? 4.520   16.209  3.033   1.00 36.24 ? 60  PRO A OXT 1 
ATOM   479  N N   . ASP B 1 1  ? 9.702   -10.023 -5.665  1.00 50.35 ? 2   ASP B N   1 
ATOM   480  C CA  . ASP B 1 1  ? 8.916   -8.806  -5.819  1.00 51.18 ? 2   ASP B CA  1 
ATOM   481  C C   . ASP B 1 1  ? 8.310   -8.379  -4.484  1.00 41.46 ? 2   ASP B C   1 
ATOM   482  O O   . ASP B 1 1  ? 7.669   -7.333  -4.394  1.00 47.99 ? 2   ASP B O   1 
ATOM   483  C CB  . ASP B 1 1  ? 7.811   -9.004  -6.862  1.00 43.02 ? 2   ASP B CB  1 
ATOM   484  N N   . ARG B 1 2  ? 8.512   -9.194  -3.456  1.00 40.12 ? 3   ARG B N   1 
ATOM   485  C CA  . ARG B 1 2  ? 7.965   -8.892  -2.136  1.00 28.62 ? 3   ARG B CA  1 
ATOM   486  C C   . ARG B 1 2  ? 8.749   -7.740  -1.520  1.00 24.08 ? 3   ARG B C   1 
ATOM   487  O O   . ARG B 1 2  ? 9.974   -7.847  -1.382  1.00 28.27 ? 3   ARG B O   1 
ATOM   488  C CB  . ARG B 1 2  ? 8.023   -10.131 -1.246  1.00 40.77 ? 3   ARG B CB  1 
ATOM   489  C CG  . ARG B 1 2  ? 7.816   -9.861  0.231   1.00 31.28 ? 3   ARG B CG  1 
ATOM   490  C CD  . ARG B 1 2  ? 7.907   -11.135 1.054   1.00 26.90 ? 3   ARG B CD  1 
ATOM   491  N NE  . ARG B 1 2  ? 6.892   -12.106 0.656   1.00 31.93 ? 3   ARG B NE  1 
ATOM   492  C CZ  . ARG B 1 2  ? 7.165   -13.306 0.157   1.00 43.92 ? 3   ARG B CZ  1 
ATOM   493  N NH1 . ARG B 1 2  ? 8.427   -13.685 0.004   1.00 45.32 ? 3   ARG B NH1 1 
ATOM   494  N NH2 . ARG B 1 2  ? 6.178   -14.127 -0.185  1.00 41.17 ? 3   ARG B NH2 1 
ATOM   495  N N   . PRO B 1 3  ? 8.104   -6.628  -1.156  1.00 21.79 ? 4   PRO B N   1 
ATOM   496  C CA  . PRO B 1 3  ? 8.844   -5.497  -0.582  1.00 24.44 ? 4   PRO B CA  1 
ATOM   497  C C   . PRO B 1 3  ? 9.479   -5.868  0.749   1.00 20.01 ? 4   PRO B C   1 
ATOM   498  O O   . PRO B 1 3  ? 8.967   -6.710  1.490   1.00 22.07 ? 4   PRO B O   1 
ATOM   499  C CB  . PRO B 1 3  ? 7.768   -4.419  -0.395  1.00 26.15 ? 4   PRO B CB  1 
ATOM   500  C CG  . PRO B 1 3  ? 6.632   -4.839  -1.261  1.00 35.67 ? 4   PRO B CG  1 
ATOM   501  C CD  . PRO B 1 3  ? 6.668   -6.333  -1.288  1.00 23.36 ? 4   PRO B CD  1 
ATOM   502  N N   . SER B 1 4  ? 10.597  -5.200  1.061   1.00 21.54 ? 5   SER B N   1 
ATOM   503  C CA  . SER B 1 4  ? 11.313  -5.523  2.289   1.00 22.01 ? 5   SER B CA  1 
ATOM   504  C C   . SER B 1 4  ? 10.456  -5.274  3.523   1.00 16.25 ? 5   SER B C   1 
ATOM   505  O O   . SER B 1 4  ? 10.628  -5.957  4.538   1.00 19.41 ? 5   SER B O   1 
ATOM   506  C CB  . SER B 1 4  ? 12.613  -4.722  2.385   1.00 24.97 ? 5   SER B CB  1 
ATOM   507  O OG  . SER B 1 4  ? 12.387  -3.344  2.164   1.00 27.75 ? 5   SER B OG  1 
ATOM   508  N N   . TYR B 1 5  ? 9.519   -4.322  3.461   1.00 18.10 ? 6   TYR B N   1 
ATOM   509  C CA  . TYR B 1 5  ? 8.737   -4.007  4.650   1.00 16.60 ? 6   TYR B CA  1 
ATOM   510  C C   . TYR B 1 5  ? 7.791   -5.131  5.057   1.00 19.81 ? 6   TYR B C   1 
ATOM   511  O O   . TYR B 1 5  ? 7.314   -5.130  6.201   1.00 16.97 ? 6   TYR B O   1 
ATOM   512  C CB  . TYR B 1 5  ? 7.975   -2.688  4.457   1.00 18.45 ? 6   TYR B CB  1 
ATOM   513  C CG  . TYR B 1 5  ? 6.802   -2.642  3.492   1.00 17.48 ? 6   TYR B CG  1 
ATOM   514  C CD1 . TYR B 1 5  ? 5.582   -3.229  3.809   1.00 17.85 ? 6   TYR B CD1 1 
ATOM   515  C CD2 . TYR B 1 5  ? 6.882   -1.909  2.319   1.00 18.99 ? 6   TYR B CD2 1 
ATOM   516  C CE1 . TYR B 1 5  ? 4.494   -3.133  2.963   1.00 17.41 ? 6   TYR B CE1 1 
ATOM   517  C CE2 . TYR B 1 5  ? 5.792   -1.807  1.460   1.00 19.67 ? 6   TYR B CE2 1 
ATOM   518  C CZ  . TYR B 1 5  ? 4.611   -2.418  1.791   1.00 18.87 ? 6   TYR B CZ  1 
ATOM   519  O OH  . TYR B 1 5  ? 3.522   -2.316  0.960   1.00 19.34 ? 6   TYR B OH  1 
ATOM   520  N N   . CYS B 1 6  ? 7.534   -6.095  4.168   1.00 18.65 ? 7   CYS B N   1 
ATOM   521  C CA  . CYS B 1 6  ? 6.728   -7.257  4.535   1.00 19.93 ? 7   CYS B CA  1 
ATOM   522  C C   . CYS B 1 6  ? 7.362   -8.062  5.661   1.00 18.61 ? 7   CYS B C   1 
ATOM   523  O O   . CYS B 1 6  ? 6.665   -8.849  6.307   1.00 23.99 ? 7   CYS B O   1 
ATOM   524  C CB  . CYS B 1 6  ? 6.503   -8.163  3.313   1.00 18.50 ? 7   CYS B CB  1 
ATOM   525  S SG  . CYS B 1 6  ? 5.572   -7.371  1.926   1.00 23.20 ? 7   CYS B SG  1 
ATOM   526  N N   . ASN B 1 7  ? 8.658   -7.873  5.917   1.00 18.21 ? 8   ASN B N   1 
ATOM   527  C CA  . ASN B 1 7  ? 9.371   -8.607  6.956   1.00 22.69 ? 8   ASN B CA  1 
ATOM   528  C C   . ASN B 1 7  ? 9.362   -7.899  8.303   1.00 19.33 ? 8   ASN B C   1 
ATOM   529  O O   . ASN B 1 7  ? 9.843   -8.471  9.288   1.00 21.47 ? 8   ASN B O   1 
ATOM   530  C CB  . ASN B 1 7  ? 10.826  -8.844  6.540   1.00 25.63 ? 8   ASN B CB  1 
ATOM   531  C CG  . ASN B 1 7  ? 10.949  -9.546  5.208   1.00 34.12 ? 8   ASN B CG  1 
ATOM   532  O OD1 . ASN B 1 7  ? 11.660  -9.082  4.319   1.00 44.61 ? 8   ASN B OD1 1 
ATOM   533  N ND2 . ASN B 1 7  ? 10.250  -10.667 5.059   1.00 36.92 ? 8   ASN B ND2 1 
ATOM   534  N N   . LEU B 1 8  ? 8.831   -6.680  8.363   1.00 16.38 ? 9   LEU B N   1 
ATOM   535  C CA  . LEU B 1 8  ? 8.747   -5.947  9.619   1.00 16.10 ? 9   LEU B CA  1 
ATOM   536  C C   . LEU B 1 8  ? 7.687   -6.541  10.549  1.00 18.59 ? 9   LEU B C   1 
ATOM   537  O O   . LEU B 1 8  ? 6.717   -7.153  10.098  1.00 17.14 ? 9   LEU B O   1 
ATOM   538  C CB  . LEU B 1 8  ? 8.430   -4.479  9.346   1.00 15.14 ? 9   LEU B CB  1 
ATOM   539  C CG  . LEU B 1 8  ? 9.516   -3.691  8.614   1.00 16.12 ? 9   LEU B CG  1 
ATOM   540  C CD1 . LEU B 1 8  ? 8.986   -2.307  8.235   1.00 21.35 ? 9   LEU B CD1 1 
ATOM   541  C CD2 . LEU B 1 8  ? 10.784  -3.576  9.457   1.00 17.40 ? 9   LEU B CD2 1 
ATOM   542  N N   . PRO B 1 9  ? 7.836   -6.355  11.858  1.00 19.33 ? 10  PRO B N   1 
ATOM   543  C CA  . PRO B 1 9  ? 6.851   -6.903  12.796  1.00 18.80 ? 10  PRO B CA  1 
ATOM   544  C C   . PRO B 1 9  ? 5.561   -6.105  12.791  1.00 17.01 ? 10  PRO B C   1 
ATOM   545  O O   . PRO B 1 9  ? 5.527   -4.924  12.437  1.00 17.72 ? 10  PRO B O   1 
ATOM   546  C CB  . PRO B 1 9  ? 7.555   -6.779  14.150  1.00 22.93 ? 10  PRO B CB  1 
ATOM   547  C CG  . PRO B 1 9  ? 8.416   -5.572  13.980  1.00 23.76 ? 10  PRO B CG  1 
ATOM   548  C CD  . PRO B 1 9  ? 8.938   -5.672  12.565  1.00 21.80 ? 10  PRO B CD  1 
ATOM   549  N N   . ALA B 1 10 ? 4.484   -6.764  13.210  1.00 15.37 ? 11  ALA B N   1 
ATOM   550  C CA  . ALA B 1 10 ? 3.273   -6.030  13.545  1.00 15.32 ? 11  ALA B CA  1 
ATOM   551  C C   . ALA B 1 10 ? 3.601   -4.973  14.594  1.00 17.60 ? 11  ALA B C   1 
ATOM   552  O O   . ALA B 1 10 ? 4.346   -5.238  15.540  1.00 19.50 ? 11  ALA B O   1 
ATOM   553  C CB  . ALA B 1 10 ? 2.205   -6.981  14.080  1.00 19.28 ? 11  ALA B CB  1 
ATOM   554  N N   . ASP B 1 11 ? 3.083   -3.760  14.405  1.00 16.43 ? 12  ASP B N   1 
ATOM   555  C CA  . ASP B 1 11 ? 3.377   -2.650  15.314  1.00 15.20 ? 12  ASP B CA  1 
ATOM   556  C C   . ASP B 1 11 ? 2.093   -1.856  15.508  1.00 15.39 ? 12  ASP B C   1 
ATOM   557  O O   . ASP B 1 11 ? 1.629   -1.182  14.588  1.00 15.77 ? 12  ASP B O   1 
ATOM   558  C CB  . ASP B 1 11 ? 4.503   -1.760  14.771  1.00 16.09 ? 12  ASP B CB  1 
ATOM   559  C CG  . ASP B 1 11 ? 4.939   -0.668  15.766  1.00 17.99 ? 12  ASP B CG  1 
ATOM   560  O OD1 . ASP B 1 11 ? 4.224   -0.421  16.771  1.00 19.01 ? 12  ASP B OD1 1 
ATOM   561  O OD2 . ASP B 1 11 ? 6.005   -0.058  15.539  1.00 20.90 ? 12  ASP B OD2 1 
ATOM   562  N N   . SER B 1 12 ? 1.531   -1.933  16.713  1.00 12.85 ? 13  SER B N   1 
ATOM   563  C CA  . SER B 1 12 ? 0.273   -1.258  17.005  1.00 15.36 ? 13  SER B CA  1 
ATOM   564  C C   . SER B 1 12 ? 0.405   0.259   17.073  1.00 17.54 ? 13  SER B C   1 
ATOM   565  O O   . SER B 1 12 ? -0.618  0.951   17.045  1.00 17.80 ? 13  SER B O   1 
ATOM   566  C CB  . SER B 1 12 ? -0.309  -1.790  18.317  1.00 17.78 ? 13  SER B CB  1 
ATOM   567  O OG  . SER B 1 12 ? -0.662  -3.162  18.167  1.00 17.89 ? 13  SER B OG  1 
ATOM   568  N N   . GLY B 1 13 ? 1.620   0.791   17.177  1.00 16.03 ? 14  GLY B N   1 
ATOM   569  C CA  . GLY B 1 13 ? 1.762   2.241   17.138  1.00 15.91 ? 14  GLY B CA  1 
ATOM   570  C C   . GLY B 1 13 ? 1.166   2.917   18.365  1.00 20.53 ? 14  GLY B C   1 
ATOM   571  O O   . GLY B 1 13 ? 1.181   2.385   19.480  1.00 22.22 ? 14  GLY B O   1 
ATOM   572  N N   . SER B 1 14 ? 0.632   4.118   18.154  1.00 24.14 ? 15  SER B N   1 
ATOM   573  C CA  . SER B 1 14 ? 0.105   4.927   19.241  1.00 24.53 ? 15  SER B CA  1 
ATOM   574  C C   . SER B 1 14 ? -1.295  5.400   18.885  1.00 24.74 ? 15  SER B C   1 
ATOM   575  O O   . SER B 1 14 ? -1.766  5.228   17.760  1.00 22.81 ? 15  SER B O   1 
ATOM   576  C CB  . SER B 1 14 ? 1.020   6.122   19.542  1.00 29.94 ? 15  SER B CB  1 
ATOM   577  O OG  . SER B 1 14 ? 1.134   6.965   18.413  1.00 36.48 ? 15  SER B OG  1 
ATOM   578  N N   . GLY B 1 15 ? -1.969  5.990   19.865  1.00 31.48 ? 16  GLY B N   1 
ATOM   579  C CA  . GLY B 1 15 ? -3.346  6.423   19.719  1.00 31.40 ? 16  GLY B CA  1 
ATOM   580  C C   . GLY B 1 15 ? -4.288  5.600   20.584  1.00 33.69 ? 16  GLY B C   1 
ATOM   581  O O   . GLY B 1 15 ? -3.883  4.707   21.331  1.00 33.76 ? 16  GLY B O   1 
ATOM   582  N N   . THR B 1 16 ? -5.580  5.916   20.451  1.00 37.73 ? 17  THR B N   1 
ATOM   583  C CA  . THR B 1 16 ? -6.629  5.292   21.251  1.00 39.26 ? 17  THR B CA  1 
ATOM   584  C C   . THR B 1 16 ? -7.748  4.725   20.379  1.00 43.92 ? 17  THR B C   1 
ATOM   585  O O   . THR B 1 16 ? -8.902  4.669   20.808  1.00 49.47 ? 17  THR B O   1 
ATOM   586  C CB  . THR B 1 16 ? -7.207  6.290   22.259  1.00 44.23 ? 17  THR B CB  1 
ATOM   587  O OG1 . THR B 1 16 ? -7.684  7.446   21.560  1.00 46.78 ? 17  THR B OG1 1 
ATOM   588  C CG2 . THR B 1 16 ? -6.147  6.719   23.264  1.00 42.19 ? 17  THR B CG2 1 
ATOM   589  N N   . LYS B 1 17 ? -7.422  4.280   19.161  1.00 39.13 ? 18  LYS B N   1 
ATOM   590  C CA  . LYS B 1 17 ? -8.437  3.954   18.166  1.00 37.65 ? 18  LYS B CA  1 
ATOM   591  C C   . LYS B 1 17 ? -8.873  2.492   18.169  1.00 41.74 ? 18  LYS B C   1 
ATOM   592  O O   . LYS B 1 17 ? -9.996  2.206   17.737  1.00 48.60 ? 18  LYS B O   1 
ATOM   593  C CB  . LYS B 1 17 ? -7.934  4.318   16.765  1.00 38.00 ? 18  LYS B CB  1 
ATOM   594  C CG  . LYS B 1 17 ? -8.319  5.717   16.310  1.00 45.27 ? 18  LYS B CG  1 
ATOM   595  C CD  . LYS B 1 17 ? -8.233  5.843   14.792  1.00 40.32 ? 18  LYS B CD  1 
ATOM   596  N N   . SER B 1 18 ? -8.024  1.571   18.633  1.00 38.26 ? 19  SER B N   1 
ATOM   597  C CA  . SER B 1 18 ? -8.294  0.133   18.599  1.00 40.07 ? 19  SER B CA  1 
ATOM   598  C C   . SER B 1 18 ? -8.969  -0.325  17.306  1.00 39.28 ? 19  SER B C   1 
ATOM   599  O O   . SER B 1 18 ? -10.162 -0.639  17.301  1.00 45.07 ? 19  SER B O   1 
ATOM   600  C CB  . SER B 1 18 ? -9.154  -0.272  19.797  1.00 43.16 ? 19  SER B CB  1 
ATOM   601  O OG  . SER B 1 18 ? -9.141  -1.677  19.971  1.00 47.67 ? 19  SER B OG  1 
ATOM   602  N N   . GLU B 1 19 ? -8.219  -0.369  16.208  1.00 25.54 ? 20  GLU B N   1 
ATOM   603  C CA  . GLU B 1 19 ? -8.728  -0.766  14.903  1.00 25.36 ? 20  GLU B CA  1 
ATOM   604  C C   . GLU B 1 19 ? -8.076  -2.073  14.480  1.00 24.52 ? 20  GLU B C   1 
ATOM   605  O O   . GLU B 1 19 ? -6.878  -2.270  14.691  1.00 23.37 ? 20  GLU B O   1 
ATOM   606  C CB  . GLU B 1 19 ? -8.433  0.309   13.854  1.00 28.37 ? 20  GLU B CB  1 
ATOM   607  C CG  . GLU B 1 19 ? -9.653  1.078   13.386  1.00 48.57 ? 20  GLU B CG  1 
ATOM   608  N N   . GLN B 1 20 ? -8.856  -2.961  13.869  1.00 20.25 ? 21  GLN B N   1 
ATOM   609  C CA  . GLN B 1 20 ? -8.286  -4.184  13.321  1.00 21.24 ? 21  GLN B CA  1 
ATOM   610  C C   . GLN B 1 20 ? -7.592  -3.875  11.997  1.00 20.71 ? 21  GLN B C   1 
ATOM   611  O O   . GLN B 1 20 ? -8.161  -3.205  11.127  1.00 20.96 ? 21  GLN B O   1 
ATOM   612  C CB  . GLN B 1 20 ? -9.369  -5.247  13.121  1.00 26.14 ? 21  GLN B CB  1 
ATOM   613  C CG  . GLN B 1 20 ? -8.847  -6.591  12.615  1.00 29.36 ? 21  GLN B CG  1 
ATOM   614  C CD  . GLN B 1 20 ? -9.856  -7.723  12.781  1.00 37.64 ? 21  GLN B CD  1 
ATOM   615  O OE1 . GLN B 1 20 ? -10.758 -7.893  11.959  1.00 33.80 ? 21  GLN B OE1 1 
ATOM   616  N NE2 . GLN B 1 20 ? -9.700  -8.506  13.844  1.00 32.71 ? 21  GLN B NE2 1 
ATOM   617  N N   . ARG B 1 21 ? -6.359  -4.353  11.856  1.00 16.03 ? 22  ARG B N   1 
ATOM   618  C CA  . ARG B 1 21 ? -5.578  -4.214  10.635  1.00 15.16 ? 22  ARG B CA  1 
ATOM   619  C C   . ARG B 1 21 ? -4.971  -5.566  10.280  1.00 17.20 ? 22  ARG B C   1 
ATOM   620  O O   . ARG B 1 21 ? -5.028  -6.519  11.055  1.00 19.49 ? 22  ARG B O   1 
ATOM   621  C CB  . ARG B 1 21 ? -4.472  -3.151  10.790  1.00 13.06 ? 22  ARG B CB  1 
ATOM   622  C CG  . ARG B 1 21 ? -5.002  -1.725  10.958  1.00 19.60 ? 22  ARG B CG  1 
ATOM   623  C CD  . ARG B 1 21 ? -5.615  -1.192  9.651   1.00 16.94 ? 22  ARG B CD  1 
ATOM   624  N NE  . ARG B 1 21 ? -6.050  0.192   9.813   1.00 19.56 ? 22  ARG B NE  1 
ATOM   625  C CZ  . ARG B 1 21 ? -5.276  1.256   9.612   1.00 25.92 ? 22  ARG B CZ  1 
ATOM   626  N NH1 . ARG B 1 21 ? -4.011  1.114   9.233   1.00 23.07 ? 22  ARG B NH1 1 
ATOM   627  N NH2 . ARG B 1 21 ? -5.774  2.472   9.801   1.00 31.39 ? 22  ARG B NH2 1 
ATOM   628  N N   . ILE B 1 22 ? -4.373  -5.635  9.099   1.00 14.29 ? 23  ILE B N   1 
ATOM   629  C CA  . ILE B 1 22 ? -3.782  -6.858  8.571   1.00 15.21 ? 23  ILE B CA  1 
ATOM   630  C C   . ILE B 1 22 ? -2.287  -6.637  8.438   1.00 16.01 ? 23  ILE B C   1 
ATOM   631  O O   . ILE B 1 22 ? -1.856  -5.565  8.005   1.00 15.54 ? 23  ILE B O   1 
ATOM   632  C CB  . ILE B 1 22 ? -4.393  -7.225  7.199   1.00 17.12 ? 23  ILE B CB  1 
ATOM   633  C CG1 . ILE B 1 22 ? -5.922  -7.226  7.263   1.00 20.46 ? 23  ILE B CG1 1 
ATOM   634  C CG2 . ILE B 1 22 ? -3.838  -8.543  6.689   1.00 18.98 ? 23  ILE B CG2 1 
ATOM   635  C CD1 . ILE B 1 22 ? -6.495  -8.226  8.218   1.00 20.75 ? 23  ILE B CD1 1 
ATOM   636  N N   . TYR B 1 23 ? -1.494  -7.641  8.796   1.00 13.92 ? 24  TYR B N   1 
ATOM   637  C CA  . TYR B 1 23 ? -0.061  -7.605  8.545   1.00 14.83 ? 24  TYR B CA  1 
ATOM   638  C C   . TYR B 1 23 ? 0.374   -8.943  7.971   1.00 17.30 ? 24  TYR B C   1 
ATOM   639  O O   . TYR B 1 23 ? -0.278  -9.974  8.173   1.00 17.05 ? 24  TYR B O   1 
ATOM   640  C CB  . TYR B 1 23 ? 0.734   -7.278  9.824   1.00 15.91 ? 24  TYR B CB  1 
ATOM   641  C CG  . TYR B 1 23 ? 0.901   -8.452  10.763  1.00 16.26 ? 24  TYR B CG  1 
ATOM   642  C CD1 . TYR B 1 23 ? -0.176  -8.930  11.505  1.00 17.32 ? 24  TYR B CD1 1 
ATOM   643  C CD2 . TYR B 1 23 ? 2.135   -9.075  10.912  1.00 17.06 ? 24  TYR B CD2 1 
ATOM   644  C CE1 . TYR B 1 23 ? -0.033  -10.002 12.357  1.00 19.81 ? 24  TYR B CE1 1 
ATOM   645  C CE2 . TYR B 1 23 ? 2.290   -10.165 11.771  1.00 17.46 ? 24  TYR B CE2 1 
ATOM   646  C CZ  . TYR B 1 23 ? 1.195   -10.611 12.496  1.00 18.94 ? 24  TYR B CZ  1 
ATOM   647  O OH  . TYR B 1 23 ? 1.331   -11.689 13.351  1.00 24.46 ? 24  TYR B OH  1 
ATOM   648  N N   . TYR B 1 24 ? 1.467   -8.919  7.219   1.00 15.82 ? 25  TYR B N   1 
ATOM   649  C CA  . TYR B 1 24 ? 2.038   -10.153 6.698   1.00 15.13 ? 25  TYR B CA  1 
ATOM   650  C C   . TYR B 1 24 ? 2.972   -10.739 7.744   1.00 19.51 ? 25  TYR B C   1 
ATOM   651  O O   . TYR B 1 24 ? 3.927   -10.081 8.173   1.00 16.79 ? 25  TYR B O   1 
ATOM   652  C CB  . TYR B 1 24 ? 2.790   -9.916  5.398   1.00 15.43 ? 25  TYR B CB  1 
ATOM   653  C CG  . TYR B 1 24 ? 3.409   -11.180 4.830   1.00 15.42 ? 25  TYR B CG  1 
ATOM   654  C CD1 . TYR B 1 24 ? 2.612   -12.183 4.294   1.00 16.49 ? 25  TYR B CD1 1 
ATOM   655  C CD2 . TYR B 1 24 ? 4.786   -11.362 4.828   1.00 16.65 ? 25  TYR B CD2 1 
ATOM   656  C CE1 . TYR B 1 24 ? 3.179   -13.340 3.768   1.00 18.35 ? 25  TYR B CE1 1 
ATOM   657  C CE2 . TYR B 1 24 ? 5.357   -12.513 4.298   1.00 19.88 ? 25  TYR B CE2 1 
ATOM   658  C CZ  . TYR B 1 24 ? 4.548   -13.496 3.782   1.00 20.19 ? 25  TYR B CZ  1 
ATOM   659  O OH  . TYR B 1 24 ? 5.133   -14.637 3.261   1.00 23.91 ? 25  TYR B OH  1 
ATOM   660  N N   . ASN B 1 25 ? 2.689   -11.972 8.159   1.00 17.38 ? 26  ASN B N   1 
ATOM   661  C CA  . ASN B 1 25 ? 3.521   -12.669 9.126   1.00 19.30 ? 26  ASN B CA  1 
ATOM   662  C C   . ASN B 1 25 ? 4.482   -13.548 8.341   1.00 20.05 ? 26  ASN B C   1 
ATOM   663  O O   . ASN B 1 25 ? 4.070   -14.535 7.729   1.00 18.50 ? 26  ASN B O   1 
ATOM   664  C CB  . ASN B 1 25 ? 2.661   -13.475 10.096  1.00 17.64 ? 26  ASN B CB  1 
ATOM   665  C CG  . ASN B 1 25 ? 3.485   -14.180 11.150  1.00 19.59 ? 26  ASN B CG  1 
ATOM   666  O OD1 . ASN B 1 25 ? 4.400   -14.944 10.833  1.00 22.23 ? 26  ASN B OD1 1 
ATOM   667  N ND2 . ASN B 1 25 ? 3.174   -13.916 12.414  1.00 21.93 ? 26  ASN B ND2 1 
ATOM   668  N N   A SER B 1 26 ? 5.764   -13.189 8.350   0.56 19.67 ? 27  SER B N   1 
ATOM   669  N N   B SER B 1 26 ? 5.766   -13.185 8.362   0.44 19.69 ? 27  SER B N   1 
ATOM   670  C CA  A SER B 1 26 ? 6.721   -13.897 7.506   0.56 21.36 ? 27  SER B CA  1 
ATOM   671  C CA  B SER B 1 26 ? 6.754   -13.874 7.537   0.44 21.37 ? 27  SER B CA  1 
ATOM   672  C C   A SER B 1 26 ? 6.975   -15.316 7.999   0.56 21.97 ? 27  SER B C   1 
ATOM   673  C C   B SER B 1 26 ? 7.003   -15.299 8.010   0.44 21.99 ? 27  SER B C   1 
ATOM   674  O O   A SER B 1 26 ? 7.349   -16.182 7.199   0.56 25.76 ? 27  SER B O   1 
ATOM   675  O O   B SER B 1 26 ? 7.400   -16.151 7.207   0.44 25.71 ? 27  SER B O   1 
ATOM   676  C CB  A SER B 1 26 ? 8.035   -13.123 7.430   0.56 23.53 ? 27  SER B CB  1 
ATOM   677  C CB  B SER B 1 26 ? 8.066   -13.090 7.522   0.44 23.47 ? 27  SER B CB  1 
ATOM   678  O OG  A SER B 1 26 ? 8.559   -12.914 8.722   0.56 24.03 ? 27  SER B OG  1 
ATOM   679  O OG  B SER B 1 26 ? 7.873   -11.804 6.968   0.44 23.18 ? 27  SER B OG  1 
ATOM   680  N N   . ALA B 1 27 ? 6.787   -15.575 9.299   1.00 22.31 ? 28  ALA B N   1 
ATOM   681  C CA  . ALA B 1 27 ? 7.005   -16.926 9.811   1.00 24.03 ? 28  ALA B CA  1 
ATOM   682  C C   . ALA B 1 27 ? 5.884   -17.863 9.383   1.00 25.70 ? 28  ALA B C   1 
ATOM   683  O O   . ALA B 1 27 ? 6.136   -19.019 9.018   1.00 28.58 ? 28  ALA B O   1 
ATOM   684  C CB  . ALA B 1 27 ? 7.131   -16.907 11.332  1.00 25.35 ? 28  ALA B CB  1 
ATOM   685  N N   . ARG B 1 28 ? 4.639   -17.385 9.421   1.00 21.25 ? 29  ARG B N   1 
ATOM   686  C CA  . ARG B 1 28 ? 3.513   -18.189 8.966   1.00 19.73 ? 29  ARG B CA  1 
ATOM   687  C C   . ARG B 1 28 ? 3.332   -18.152 7.448   1.00 22.64 ? 29  ARG B C   1 
ATOM   688  O O   . ARG B 1 28 ? 2.636   -19.017 6.904   1.00 24.94 ? 29  ARG B O   1 
ATOM   689  C CB  . ARG B 1 28 ? 2.211   -17.726 9.641   1.00 19.21 ? 29  ARG B CB  1 
ATOM   690  C CG  . ARG B 1 28 ? 2.242   -17.586 11.182  1.00 20.58 ? 29  ARG B CG  1 
ATOM   691  C CD  . ARG B 1 28 ? 2.061   -18.931 11.900  1.00 24.38 ? 29  ARG B CD  1 
ATOM   692  N NE  . ARG B 1 28 ? 3.292   -19.719 11.862  1.00 25.16 ? 29  ARG B NE  1 
ATOM   693  C CZ  . ARG B 1 28 ? 4.331   -19.539 12.677  1.00 30.72 ? 29  ARG B CZ  1 
ATOM   694  N NH1 . ARG B 1 28 ? 4.289   -18.602 13.619  1.00 24.38 ? 29  ARG B NH1 1 
ATOM   695  N NH2 . ARG B 1 28 ? 5.419   -20.295 12.547  1.00 21.61 ? 29  ARG B NH2 1 
ATOM   696  N N   . LYS B 1 29 ? 3.940   -17.179 6.763   1.00 19.04 ? 30  LYS B N   1 
ATOM   697  C CA  . LYS B 1 29 ? 3.678   -16.885 5.345   1.00 16.99 ? 30  LYS B CA  1 
ATOM   698  C C   . LYS B 1 29 ? 2.189   -16.646 5.095   1.00 17.12 ? 30  LYS B C   1 
ATOM   699  O O   . LYS B 1 29 ? 1.624   -17.075 4.087   1.00 21.86 ? 30  LYS B O   1 
ATOM   700  C CB  . LYS B 1 29 ? 4.221   -17.980 4.423   1.00 23.49 ? 30  LYS B CB  1 
ATOM   701  C CG  . LYS B 1 29 ? 5.706   -18.213 4.589   1.00 22.84 ? 30  LYS B CG  1 
ATOM   702  C CD  . LYS B 1 29 ? 6.206   -19.261 3.614   1.00 24.77 ? 30  LYS B CD  1 
ATOM   703  C CE  . LYS B 1 29 ? 7.582   -19.756 4.023   1.00 28.94 ? 30  LYS B CE  1 
ATOM   704  N NZ  . LYS B 1 29 ? 8.641   -19.207 3.138   1.00 34.25 ? 30  LYS B NZ  1 
ATOM   705  N N   . GLN B 1 30 ? 1.560   -15.904 6.005   1.00 16.91 ? 31  GLN B N   1 
ATOM   706  C CA  . GLN B 1 30 ? 0.138   -15.606 5.938   1.00 19.95 ? 31  GLN B CA  1 
ATOM   707  C C   . GLN B 1 30 ? -0.102  -14.164 6.359   1.00 20.07 ? 31  GLN B C   1 
ATOM   708  O O   . GLN B 1 30 ? 0.611   -13.630 7.208   1.00 19.57 ? 31  GLN B O   1 
ATOM   709  C CB  . GLN B 1 30 ? -0.682  -16.522 6.855   1.00 20.77 ? 31  GLN B CB  1 
ATOM   710  C CG  . GLN B 1 30 ? -0.656  -17.985 6.455   1.00 19.49 ? 31  GLN B CG  1 
ATOM   711  C CD  . GLN B 1 30 ? -1.462  -18.251 5.200   1.00 26.39 ? 31  GLN B CD  1 
ATOM   712  O OE1 . GLN B 1 30 ? -2.442  -17.556 4.926   1.00 27.40 ? 31  GLN B OE1 1 
ATOM   713  N NE2 . GLN B 1 30 ? -1.064  -19.264 4.435   1.00 25.89 ? 31  GLN B NE2 1 
ATOM   714  N N   . CYS B 1 31 ? -1.127  -13.551 5.778   1.00 17.99 ? 32  CYS B N   1 
ATOM   715  C CA  . CYS B 1 31 ? -1.606  -12.256 6.254   1.00 20.51 ? 32  CYS B CA  1 
ATOM   716  C C   . CYS B 1 31 ? -2.551  -12.501 7.428   1.00 21.62 ? 32  CYS B C   1 
ATOM   717  O O   . CYS B 1 31 ? -3.512  -13.268 7.306   1.00 24.46 ? 32  CYS B O   1 
ATOM   718  C CB  . CYS B 1 31 ? -2.296  -11.481 5.129   1.00 25.21 ? 32  CYS B CB  1 
ATOM   719  S SG  . CYS B 1 31 ? -1.167  -10.875 3.796   1.00 31.56 ? 32  CYS B SG  1 
ATOM   720  N N   . LEU B 1 32 ? -2.272  -11.873 8.571   1.00 16.49 ? 33  LEU B N   1 
ATOM   721  C CA  . LEU B 1 32 ? -3.033  -12.098 9.798   1.00 17.72 ? 33  LEU B CA  1 
ATOM   722  C C   . LEU B 1 32 ? -3.536  -10.774 10.367  1.00 21.84 ? 33  LEU B C   1 
ATOM   723  O O   . LEU B 1 32 ? -3.088  -9.697  9.981   1.00 18.45 ? 33  LEU B O   1 
ATOM   724  C CB  . LEU B 1 32 ? -2.174  -12.822 10.843  1.00 17.91 ? 33  LEU B CB  1 
ATOM   725  C CG  . LEU B 1 32 ? -1.427  -14.077 10.389  1.00 22.63 ? 33  LEU B CG  1 
ATOM   726  C CD1 . LEU B 1 32 ? -0.489  -14.551 11.483  1.00 25.68 ? 33  LEU B CD1 1 
ATOM   727  C CD2 . LEU B 1 32 ? -2.428  -15.159 10.012  1.00 27.02 ? 33  LEU B CD2 1 
ATOM   728  N N   . THR B 1 33 ? -4.473  -10.848 11.302  1.00 18.04 ? 34  THR B N   1 
ATOM   729  C CA  . THR B 1 33 ? -5.010  -9.644  11.916  1.00 16.27 ? 34  THR B CA  1 
ATOM   730  C C   . THR B 1 33 ? -4.196  -9.240  13.141  1.00 18.12 ? 34  THR B C   1 
ATOM   731  O O   . THR B 1 33 ? -3.561  -10.074 13.797  1.00 22.79 ? 34  THR B O   1 
ATOM   732  C CB  . THR B 1 33 ? -6.469  -9.842  12.331  1.00 20.29 ? 34  THR B CB  1 
ATOM   733  O OG1 . THR B 1 33 ? -6.557  -10.958 13.222  1.00 25.27 ? 34  THR B OG1 1 
ATOM   734  C CG2 . THR B 1 33 ? -7.321  -10.140 11.127  1.00 26.25 ? 34  THR B CG2 1 
ATOM   735  N N   . PHE B 1 34 ? -4.228  -7.943  13.443  1.00 16.48 ? 35  PHE B N   1 
ATOM   736  C CA  . PHE B 1 34 ? -3.711  -7.410  14.694  1.00 17.80 ? 35  PHE B CA  1 
ATOM   737  C C   . PHE B 1 34 ? -4.483  -6.141  15.027  1.00 17.53 ? 35  PHE B C   1 
ATOM   738  O O   . PHE B 1 34 ? -5.190  -5.583  14.184  1.00 17.36 ? 35  PHE B O   1 
ATOM   739  C CB  . PHE B 1 34 ? -2.196  -7.150  14.632  1.00 15.58 ? 35  PHE B CB  1 
ATOM   740  C CG  . PHE B 1 34 ? -1.794  -5.903  13.861  1.00 16.82 ? 35  PHE B CG  1 
ATOM   741  C CD1 . PHE B 1 34 ? -1.884  -5.855  12.477  1.00 20.26 ? 35  PHE B CD1 1 
ATOM   742  C CD2 . PHE B 1 34 ? -1.268  -4.805  14.530  1.00 17.02 ? 35  PHE B CD2 1 
ATOM   743  C CE1 . PHE B 1 34 ? -1.480  -4.713  11.769  1.00 17.57 ? 35  PHE B CE1 1 
ATOM   744  C CE2 . PHE B 1 34 ? -0.866  -3.669  13.840  1.00 19.37 ? 35  PHE B CE2 1 
ATOM   745  C CZ  . PHE B 1 34 ? -0.970  -3.616  12.468  1.00 16.62 ? 35  PHE B CZ  1 
ATOM   746  N N   . THR B 1 35 ? -4.361  -5.698  16.277  1.00 16.26 ? 36  THR B N   1 
ATOM   747  C CA  . THR B 1 35 ? -5.042  -4.497  16.751  1.00 17.21 ? 36  THR B CA  1 
ATOM   748  C C   . THR B 1 35 ? -4.094  -3.302  16.661  1.00 19.31 ? 36  THR B C   1 
ATOM   749  O O   . THR B 1 35 ? -2.997  -3.325  17.236  1.00 20.06 ? 36  THR B O   1 
ATOM   750  C CB  . THR B 1 35 ? -5.542  -4.681  18.186  1.00 20.84 ? 36  THR B CB  1 
ATOM   751  O OG1 . THR B 1 35 ? -6.509  -5.739  18.232  1.00 24.47 ? 36  THR B OG1 1 
ATOM   752  C CG2 . THR B 1 35 ? -6.173  -3.399  18.705  1.00 23.92 ? 36  THR B CG2 1 
ATOM   753  N N   . TYR B 1 36 ? -4.519  -2.276  15.938  1.00 16.78 ? 37  TYR B N   1 
ATOM   754  C CA  . TYR B 1 36 ? -3.732  -1.079  15.677  1.00 16.71 ? 37  TYR B CA  1 
ATOM   755  C C   . TYR B 1 36 ? -4.274  0.090   16.492  1.00 19.27 ? 37  TYR B C   1 
ATOM   756  O O   . TYR B 1 36 ? -5.488  0.295   16.560  1.00 21.14 ? 37  TYR B O   1 
ATOM   757  C CB  . TYR B 1 36 ? -3.783  -0.753  14.184  1.00 17.30 ? 37  TYR B CB  1 
ATOM   758  C CG  . TYR B 1 36 ? -2.985  0.453   13.718  1.00 16.74 ? 37  TYR B CG  1 
ATOM   759  C CD1 . TYR B 1 36 ? -1.622  0.578   13.994  1.00 18.82 ? 37  TYR B CD1 1 
ATOM   760  C CD2 . TYR B 1 36 ? -3.592  1.447   12.963  1.00 20.22 ? 37  TYR B CD2 1 
ATOM   761  C CE1 . TYR B 1 36 ? -0.893  1.688   13.532  1.00 18.25 ? 37  TYR B CE1 1 
ATOM   762  C CE2 . TYR B 1 36 ? -2.880  2.542   12.501  1.00 21.19 ? 37  TYR B CE2 1 
ATOM   763  C CZ  . TYR B 1 36 ? -1.543  2.661   12.782  1.00 19.33 ? 37  TYR B CZ  1 
ATOM   764  O OH  . TYR B 1 36 ? -0.865  3.768   12.307  1.00 18.61 ? 37  TYR B OH  1 
ATOM   765  N N   . ASN B 1 37 ? -3.374  0.874   17.093  1.00 17.81 ? 38  ASN B N   1 
ATOM   766  C CA  . ASN B 1 37 ? -3.808  1.969   17.956  1.00 20.61 ? 38  ASN B CA  1 
ATOM   767  C C   . ASN B 1 37 ? -4.221  3.219   17.188  1.00 24.02 ? 38  ASN B C   1 
ATOM   768  O O   . ASN B 1 37 ? -4.891  4.087   17.764  1.00 24.45 ? 38  ASN B O   1 
ATOM   769  C CB  . ASN B 1 37 ? -2.701  2.302   18.956  1.00 20.96 ? 38  ASN B CB  1 
ATOM   770  C CG  . ASN B 1 37 ? -2.570  1.242   20.024  1.00 18.97 ? 38  ASN B CG  1 
ATOM   771  O OD1 . ASN B 1 37 ? -3.556  0.616   20.410  1.00 25.60 ? 38  ASN B OD1 1 
ATOM   772  N ND2 . ASN B 1 37 ? -1.351  1.036   20.514  1.00 22.72 ? 38  ASN B ND2 1 
ATOM   773  N N   . GLY B 1 38 ? -3.846  3.340   15.916  1.00 21.34 ? 39  GLY B N   1 
ATOM   774  C CA  . GLY B 1 38 ? -4.349  4.426   15.098  1.00 25.93 ? 39  GLY B CA  1 
ATOM   775  C C   . GLY B 1 38 ? -3.311  5.285   14.406  1.00 22.20 ? 39  GLY B C   1 
ATOM   776  O O   . GLY B 1 38 ? -3.613  5.890   13.369  1.00 24.86 ? 39  GLY B O   1 
ATOM   777  N N   . GLN B 1 39 ? -2.100  5.376   14.960  1.00 21.15 ? 40  GLN B N   1 
ATOM   778  C CA  . GLN B 1 39 ? -1.055  6.209   14.379  1.00 21.08 ? 40  GLN B CA  1 
ATOM   779  C C   . GLN B 1 39 ? 0.294   5.516   14.498  1.00 20.98 ? 40  GLN B C   1 
ATOM   780  O O   . GLN B 1 39 ? 0.493   4.652   15.351  1.00 22.53 ? 40  GLN B O   1 
ATOM   781  C CB  . GLN B 1 39 ? -0.954  7.586   15.053  1.00 26.45 ? 40  GLN B CB  1 
ATOM   782  C CG  . GLN B 1 39 ? -2.234  8.395   15.027  1.00 36.37 ? 40  GLN B CG  1 
ATOM   783  C CD  . GLN B 1 39 ? -2.806  8.608   16.410  1.00 50.97 ? 40  GLN B CD  1 
ATOM   784  O OE1 . GLN B 1 39 ? -2.238  9.341   17.222  1.00 59.07 ? 40  GLN B OE1 1 
ATOM   785  N NE2 . GLN B 1 39 ? -3.938  7.965   16.691  1.00 50.70 ? 40  GLN B NE2 1 
ATOM   786  N N   . GLY B 1 40 ? 1.229   5.921   13.646  1.00 21.74 ? 41  GLY B N   1 
ATOM   787  C CA  . GLY B 1 40 ? 2.566   5.358   13.714  1.00 18.53 ? 41  GLY B CA  1 
ATOM   788  C C   . GLY B 1 40 ? 2.620   3.895   13.281  1.00 17.40 ? 41  GLY B C   1 
ATOM   789  O O   . GLY B 1 40 ? 1.780   3.401   12.530  1.00 19.72 ? 41  GLY B O   1 
ATOM   790  N N   . GLY B 1 41 ? 3.645   3.206   13.767  1.00 16.91 ? 42  GLY B N   1 
ATOM   791  C CA  . GLY B 1 41 ? 3.879   1.822   13.382  1.00 17.60 ? 42  GLY B CA  1 
ATOM   792  C C   . GLY B 1 41 ? 4.778   1.723   12.165  1.00 19.09 ? 42  GLY B C   1 
ATOM   793  O O   . GLY B 1 41 ? 5.754   2.473   12.055  1.00 20.39 ? 42  GLY B O   1 
ATOM   794  N N   . ASN B 1 42 ? 4.469   0.825   11.231  1.00 13.69 ? 43  ASN B N   1 
ATOM   795  C CA  . ASN B 1 42 ? 5.298   0.682   10.042  1.00 14.17 ? 43  ASN B CA  1 
ATOM   796  C C   . ASN B 1 42 ? 4.415   0.332   8.847   1.00 13.89 ? 43  ASN B C   1 
ATOM   797  O O   . ASN B 1 42 ? 3.183   0.323   8.938   1.00 15.67 ? 43  ASN B O   1 
ATOM   798  C CB  . ASN B 1 42 ? 6.412   -0.356  10.259  1.00 12.92 ? 43  ASN B CB  1 
ATOM   799  C CG  . ASN B 1 42 ? 5.874   -1.744  10.578  1.00 14.90 ? 43  ASN B CG  1 
ATOM   800  O OD1 . ASN B 1 42 ? 5.091   -2.300  9.824   1.00 16.20 ? 43  ASN B OD1 1 
ATOM   801  N ND2 . ASN B 1 42 ? 6.327   -2.313  11.684  1.00 15.22 ? 43  ASN B ND2 1 
ATOM   802  N N   . GLU B 1 43 ? 5.062   0.073   7.708   1.00 14.05 ? 44  GLU B N   1 
ATOM   803  C CA  . GLU B 1 43 ? 4.335   -0.120  6.460   1.00 13.68 ? 44  GLU B CA  1 
ATOM   804  C C   . GLU B 1 43 ? 3.639   -1.476  6.369   1.00 15.54 ? 44  GLU B C   1 
ATOM   805  O O   . GLU B 1 43 ? 2.778   -1.655  5.497   1.00 14.46 ? 44  GLU B O   1 
ATOM   806  C CB  . GLU B 1 43 ? 5.284   0.021   5.273   1.00 17.31 ? 44  GLU B CB  1 
ATOM   807  C CG  . GLU B 1 43 ? 5.803   1.446   5.041   1.00 19.08 ? 44  GLU B CG  1 
ATOM   808  C CD  . GLU B 1 43 ? 7.032   1.790   5.879   1.00 24.73 ? 44  GLU B CD  1 
ATOM   809  O OE1 . GLU B 1 43 ? 7.507   0.940   6.670   1.00 20.95 ? 44  GLU B OE1 1 
ATOM   810  O OE2 . GLU B 1 43 ? 7.542   2.921   5.719   1.00 24.94 ? 44  GLU B OE2 1 
ATOM   811  N N   . ASN B 1 44 ? 3.998   -2.435  7.224   1.00 13.73 ? 45  ASN B N   1 
ATOM   812  C CA  . ASN B 1 44 ? 3.380   -3.766  7.193   1.00 13.44 ? 45  ASN B CA  1 
ATOM   813  C C   . ASN B 1 44 ? 2.065   -3.685  7.963   1.00 11.82 ? 45  ASN B C   1 
ATOM   814  O O   . ASN B 1 44 ? 1.900   -4.220  9.062   1.00 13.97 ? 45  ASN B O   1 
ATOM   815  C CB  . ASN B 1 44 ? 4.327   -4.805  7.780   1.00 13.35 ? 45  ASN B CB  1 
ATOM   816  C CG  . ASN B 1 44 ? 3.843   -6.226  7.569   1.00 13.33 ? 45  ASN B CG  1 
ATOM   817  O OD1 . ASN B 1 44 ? 2.864   -6.459  6.855   1.00 14.32 ? 45  ASN B OD1 1 
ATOM   818  N ND2 . ASN B 1 44 ? 4.534   -7.182  8.180   1.00 16.00 ? 45  ASN B ND2 1 
ATOM   819  N N   . ASN B 1 45 ? 1.108   -2.993  7.346   1.00 13.69 ? 46  ASN B N   1 
ATOM   820  C CA  . ASN B 1 45 ? -0.116  -2.557  8.018   1.00 12.95 ? 46  ASN B CA  1 
ATOM   821  C C   . ASN B 1 45 ? -1.113  -2.208  6.923   1.00 17.17 ? 46  ASN B C   1 
ATOM   822  O O   . ASN B 1 45 ? -0.977  -1.165  6.269   1.00 17.47 ? 46  ASN B O   1 
ATOM   823  C CB  . ASN B 1 45 ? 0.163   -1.363  8.927   1.00 14.48 ? 46  ASN B CB  1 
ATOM   824  C CG  . ASN B 1 45 ? -1.064  -0.886  9.683   1.00 16.40 ? 46  ASN B CG  1 
ATOM   825  O OD1 . ASN B 1 45 ? -2.210  -1.150  9.304   1.00 16.83 ? 46  ASN B OD1 1 
ATOM   826  N ND2 . ASN B 1 45 ? -0.826  -0.171  10.765  1.00 18.31 ? 46  ASN B ND2 1 
ATOM   827  N N   . PHE B 1 46 ? -2.095  -3.080  6.722   1.00 15.06 ? 47  PHE B N   1 
ATOM   828  C CA  . PHE B 1 46 ? -3.013  -2.986  5.596   1.00 14.41 ? 47  PHE B CA  1 
ATOM   829  C C   . PHE B 1 46 ? -4.441  -2.906  6.106   1.00 17.43 ? 47  PHE B C   1 
ATOM   830  O O   . PHE B 1 46 ? -4.805  -3.590  7.066   1.00 16.06 ? 47  PHE B O   1 
ATOM   831  C CB  . PHE B 1 46 ? -2.892  -4.195  4.660   1.00 18.03 ? 47  PHE B CB  1 
ATOM   832  C CG  . PHE B 1 46 ? -1.531  -4.384  4.057   1.00 16.59 ? 47  PHE B CG  1 
ATOM   833  C CD1 . PHE B 1 46 ? -0.527  -5.048  4.755   1.00 15.66 ? 47  PHE B CD1 1 
ATOM   834  C CD2 . PHE B 1 46 ? -1.264  -3.948  2.773   1.00 14.69 ? 47  PHE B CD2 1 
ATOM   835  C CE1 . PHE B 1 46 ? 0.723   -5.243  4.193   1.00 16.45 ? 47  PHE B CE1 1 
ATOM   836  C CE2 . PHE B 1 46 ? -0.011  -4.141  2.198   1.00 16.40 ? 47  PHE B CE2 1 
ATOM   837  C CZ  . PHE B 1 46 ? 0.985   -4.792  2.907   1.00 19.56 ? 47  PHE B CZ  1 
ATOM   838  N N   . ARG B 1 47 ? -5.255  -2.080  5.439   1.00 18.63 ? 48  ARG B N   1 
ATOM   839  C CA  . ARG B 1 47 ? -6.677  -2.006  5.752   1.00 18.84 ? 48  ARG B CA  1 
ATOM   840  C C   . ARG B 1 47 ? -7.450  -3.191  5.186   1.00 20.24 ? 48  ARG B C   1 
ATOM   841  O O   . ARG B 1 47 ? -8.443  -3.610  5.788   1.00 26.22 ? 48  ARG B O   1 
ATOM   842  C CB  . ARG B 1 47 ? -7.270  -0.705  5.207   1.00 22.19 ? 48  ARG B CB  1 
ATOM   843  C CG  . ARG B 1 47 ? -6.933  0.519   6.005   1.00 28.18 ? 48  ARG B CG  1 
ATOM   844  C CD  . ARG B 1 47 ? -7.373  1.766   5.257   1.00 41.89 ? 48  ARG B CD  1 
ATOM   845  N NE  . ARG B 1 47 ? -6.859  2.975   5.890   1.00 48.23 ? 48  ARG B NE  1 
ATOM   846  C CZ  . ARG B 1 47 ? -7.519  3.667   6.809   1.00 49.53 ? 48  ARG B CZ  1 
ATOM   847  N NH1 . ARG B 1 47 ? -8.723  3.272   7.200   1.00 51.01 ? 48  ARG B NH1 1 
ATOM   848  N NH2 . ARG B 1 47 ? -6.973  4.756   7.337   1.00 58.38 ? 48  ARG B NH2 1 
ATOM   849  N N   . ARG B 1 48 ? -7.006  -3.749  4.058   1.00 18.51 ? 49  ARG B N   1 
ATOM   850  C CA  . ARG B 1 48 ? -7.703  -4.837  3.382   1.00 21.38 ? 49  ARG B CA  1 
ATOM   851  C C   . ARG B 1 48 ? -6.800  -6.054  3.259   1.00 19.72 ? 49  ARG B C   1 
ATOM   852  O O   . ARG B 1 48 ? -5.639  -5.934  2.857   1.00 17.99 ? 49  ARG B O   1 
ATOM   853  C CB  . ARG B 1 48 ? -8.162  -4.409  1.987   1.00 25.83 ? 49  ARG B CB  1 
ATOM   854  C CG  . ARG B 1 48 ? -9.027  -3.181  1.975   1.00 23.89 ? 49  ARG B CG  1 
ATOM   855  C CD  . ARG B 1 48 ? -9.587  -2.910  0.587   1.00 25.86 ? 49  ARG B CD  1 
ATOM   856  N NE  . ARG B 1 48 ? -8.561  -2.491  -0.364  1.00 31.06 ? 49  ARG B NE  1 
ATOM   857  C CZ  . ARG B 1 48 ? -8.809  -2.242  -1.646  1.00 39.20 ? 49  ARG B CZ  1 
ATOM   858  N NH1 . ARG B 1 48 ? -10.048 -2.370  -2.108  1.00 35.74 ? 49  ARG B NH1 1 
ATOM   859  N NH2 . ARG B 1 48 ? -7.829  -1.859  -2.461  1.00 30.69 ? 49  ARG B NH2 1 
ATOM   860  N N   . THR B 1 49 ? -7.347  -7.235  3.562   1.00 21.34 ? 50  THR B N   1 
ATOM   861  C CA  . THR B 1 49 ? -6.629  -8.477  3.301   1.00 20.11 ? 50  THR B CA  1 
ATOM   862  C C   . THR B 1 49 ? -6.229  -8.591  1.830   1.00 18.15 ? 50  THR B C   1 
ATOM   863  O O   . THR B 1 49 ? -5.151  -9.097  1.512   1.00 21.08 ? 50  THR B O   1 
ATOM   864  C CB  . THR B 1 49 ? -7.491  -9.671  3.718   1.00 22.92 ? 50  THR B CB  1 
ATOM   865  O OG1 . THR B 1 49 ? -7.798  -9.566  5.112   1.00 26.35 ? 50  THR B OG1 1 
ATOM   866  C CG2 . THR B 1 49 ? -6.768  -10.986 3.450   1.00 29.77 ? 50  THR B CG2 1 
ATOM   867  N N   . TYR B 1 50 ? -7.084  -8.100  0.926   1.00 18.26 ? 51  TYR B N   1 
ATOM   868  C CA  . TYR B 1 50 ? -6.782  -8.139  -0.503  1.00 21.06 ? 51  TYR B CA  1 
ATOM   869  C C   . TYR B 1 50 ? -5.462  -7.438  -0.820  1.00 20.66 ? 51  TYR B C   1 
ATOM   870  O O   . TYR B 1 50 ? -4.664  -7.934  -1.626  1.00 21.62 ? 51  TYR B O   1 
ATOM   871  C CB  . TYR B 1 50 ? -7.941  -7.503  -1.273  1.00 23.19 ? 51  TYR B CB  1 
ATOM   872  C CG  . TYR B 1 50 ? -7.648  -7.123  -2.711  1.00 24.82 ? 51  TYR B CG  1 
ATOM   873  C CD1 . TYR B 1 50 ? -7.746  -8.060  -3.736  1.00 27.99 ? 51  TYR B CD1 1 
ATOM   874  C CD2 . TYR B 1 50 ? -7.319  -5.816  -3.040  1.00 27.11 ? 51  TYR B CD2 1 
ATOM   875  C CE1 . TYR B 1 50 ? -7.493  -7.696  -5.056  1.00 29.69 ? 51  TYR B CE1 1 
ATOM   876  C CE2 . TYR B 1 50 ? -7.069  -5.447  -4.339  1.00 32.62 ? 51  TYR B CE2 1 
ATOM   877  C CZ  . TYR B 1 50 ? -7.159  -6.383  -5.343  1.00 29.88 ? 51  TYR B CZ  1 
ATOM   878  O OH  . TYR B 1 50 ? -6.902  -5.973  -6.634  1.00 31.86 ? 51  TYR B OH  1 
ATOM   879  N N   . ASP B 1 51 ? -5.200  -6.300  -0.168  1.00 19.46 ? 52  ASP B N   1 
ATOM   880  C CA  . ASP B 1 51 ? -3.970  -5.560  -0.439  1.00 20.38 ? 52  ASP B CA  1 
ATOM   881  C C   . ASP B 1 51 ? -2.764  -6.269  0.155   1.00 19.02 ? 52  ASP B C   1 
ATOM   882  O O   . ASP B 1 51 ? -1.686  -6.283  -0.448  1.00 18.23 ? 52  ASP B O   1 
ATOM   883  C CB  . ASP B 1 51 ? -4.060  -4.136  0.118   1.00 17.51 ? 52  ASP B CB  1 
ATOM   884  C CG  . ASP B 1 51 ? -5.047  -3.250  -0.649  1.00 26.37 ? 52  ASP B CG  1 
ATOM   885  O OD1 . ASP B 1 51 ? -5.153  -3.369  -1.893  1.00 26.85 ? 52  ASP B OD1 1 
ATOM   886  O OD2 . ASP B 1 51 ? -5.697  -2.410  0.012   1.00 24.42 ? 52  ASP B OD2 1 
ATOM   887  N N   . CYS B 1 52 ? -2.917  -6.853  1.346   1.00 17.41 ? 53  CYS B N   1 
ATOM   888  C CA  . CYS B 1 52 ? -1.796  -7.579  1.935   1.00 19.38 ? 53  CYS B CA  1 
ATOM   889  C C   . CYS B 1 52 ? -1.439  -8.798  1.094   1.00 20.44 ? 53  CYS B C   1 
ATOM   890  O O   . CYS B 1 52 ? -0.253  -9.093  0.886   1.00 19.15 ? 53  CYS B O   1 
ATOM   891  C CB  . CYS B 1 52 ? -2.133  -7.992  3.366   1.00 17.39 ? 53  CYS B CB  1 
ATOM   892  S SG  . CYS B 1 52 ? -0.780  -8.855  4.217   1.00 22.17 ? 53  CYS B SG  1 
ATOM   893  N N   . ARG B 1 53 ? -2.458  -9.495  0.578   1.00 20.87 ? 54  ARG B N   1 
ATOM   894  C CA  . ARG B 1 53 ? -2.211  -10.714 -0.184  1.00 19.59 ? 54  ARG B CA  1 
ATOM   895  C C   . ARG B 1 53 ? -1.458  -10.417 -1.471  1.00 21.63 ? 54  ARG B C   1 
ATOM   896  O O   . ARG B 1 53 ? -0.496  -11.116 -1.808  1.00 25.57 ? 54  ARG B O   1 
ATOM   897  C CB  . ARG B 1 53 ? -3.526  -11.424 -0.494  1.00 25.23 ? 54  ARG B CB  1 
ATOM   898  C CG  . ARG B 1 53 ? -4.251  -11.986 0.726   1.00 27.09 ? 54  ARG B CG  1 
ATOM   899  C CD  . ARG B 1 53 ? -4.067  -13.486 0.846   1.00 36.04 ? 54  ARG B CD  1 
ATOM   900  N NE  . ARG B 1 53 ? -4.653  -14.007 2.080   1.00 36.86 ? 54  ARG B NE  1 
ATOM   901  C CZ  . ARG B 1 53 ? -5.928  -14.357 2.209   1.00 43.01 ? 54  ARG B CZ  1 
ATOM   902  N NH1 . ARG B 1 53 ? -6.755  -14.246 1.178   1.00 44.14 ? 54  ARG B NH1 1 
ATOM   903  N NH2 . ARG B 1 53 ? -6.375  -14.824 3.367   1.00 42.30 ? 54  ARG B NH2 1 
ATOM   904  N N   . ARG B 1 54 ? -1.869  -9.379  -2.197  1.00 20.06 ? 55  ARG B N   1 
ATOM   905  C CA  . ARG B 1 54 ? -1.226  -9.095  -3.470  1.00 19.60 ? 55  ARG B CA  1 
ATOM   906  C C   . ARG B 1 54 ? 0.102   -8.370  -3.310  1.00 21.44 ? 55  ARG B C   1 
ATOM   907  O O   . ARG B 1 54 ? 0.894   -8.348  -4.255  1.00 24.05 ? 55  ARG B O   1 
ATOM   908  C CB  . ARG B 1 54 ? -2.170  -8.298  -4.384  1.00 21.75 ? 55  ARG B CB  1 
ATOM   909  C CG  . ARG B 1 54 ? -2.442  -6.861  -3.970  1.00 25.13 ? 55  ARG B CG  1 
ATOM   910  C CD  . ARG B 1 54 ? -3.581  -6.251  -4.804  1.00 29.09 ? 55  ARG B CD  1 
ATOM   911  N NE  . ARG B 1 54 ? -3.224  -6.123  -6.219  1.00 26.75 ? 55  ARG B NE  1 
ATOM   912  C CZ  . ARG B 1 54 ? -2.601  -5.066  -6.735  1.00 30.16 ? 55  ARG B CZ  1 
ATOM   913  N NH1 . ARG B 1 54 ? -2.272  -4.047  -5.948  1.00 24.83 ? 55  ARG B NH1 1 
ATOM   914  N NH2 . ARG B 1 54 ? -2.308  -5.027  -8.032  1.00 27.19 ? 55  ARG B NH2 1 
ATOM   915  N N   . THR B 1 55 ? 0.372   -7.784  -2.146  1.00 18.01 ? 56  THR B N   1 
ATOM   916  C CA  . THR B 1 55 ? 1.636   -7.090  -1.926  1.00 16.28 ? 56  THR B CA  1 
ATOM   917  C C   . THR B 1 55 ? 2.697   -7.989  -1.303  1.00 20.21 ? 56  THR B C   1 
ATOM   918  O O   . THR B 1 55 ? 3.858   -7.957  -1.720  1.00 21.59 ? 56  THR B O   1 
ATOM   919  C CB  . THR B 1 55 ? 1.412   -5.873  -1.019  1.00 17.96 ? 56  THR B CB  1 
ATOM   920  O OG1 . THR B 1 55 ? 0.374   -5.046  -1.566  1.00 18.48 ? 56  THR B OG1 1 
ATOM   921  C CG2 . THR B 1 55 ? 2.683   -5.051  -0.873  1.00 20.09 ? 56  THR B CG2 1 
ATOM   922  N N   . CYS B 1 56 ? 2.323   -8.785  -0.301  1.00 19.70 ? 57  CYS B N   1 
ATOM   923  C CA  . CYS B 1 56 ? 3.284   -9.566  0.471   1.00 17.82 ? 57  CYS B CA  1 
ATOM   924  C C   . CYS B 1 56 ? 3.161   -11.070 0.290   1.00 23.19 ? 57  CYS B C   1 
ATOM   925  O O   . CYS B 1 56 ? 4.184   -11.753 0.258   1.00 24.12 ? 57  CYS B O   1 
ATOM   926  C CB  . CYS B 1 56 ? 3.142   -9.245  1.959   1.00 18.65 ? 57  CYS B CB  1 
ATOM   927  S SG  . CYS B 1 56 ? 3.585   -7.536  2.428   1.00 22.65 ? 57  CYS B SG  1 
ATOM   928  N N   . GLN B 1 57 ? 1.945   -11.615 0.198   1.00 25.87 ? 58  GLN B N   1 
ATOM   929  C CA  . GLN B 1 57 ? 1.809   -13.069 0.208   1.00 23.28 ? 58  GLN B CA  1 
ATOM   930  C C   . GLN B 1 57 ? 2.009   -13.660 -1.184  1.00 31.12 ? 58  GLN B C   1 
ATOM   931  O O   . GLN B 1 57 ? 2.774   -14.616 -1.354  1.00 30.69 ? 58  GLN B O   1 
ATOM   932  C CB  . GLN B 1 57 ? 0.454   -13.476 0.782   1.00 24.41 ? 58  GLN B CB  1 
ATOM   933  C CG  . GLN B 1 57 ? 0.415   -14.951 1.201   1.00 24.78 ? 58  GLN B CG  1 
ATOM   934  C CD  . GLN B 1 57 ? -0.879  -15.375 1.879   1.00 30.70 ? 58  GLN B CD  1 
ATOM   935  O OE1 . GLN B 1 57 ? -1.506  -14.608 2.615   1.00 36.61 ? 58  GLN B OE1 1 
ATOM   936  N NE2 . GLN B 1 57 ? -1.274  -16.623 1.645   1.00 37.95 ? 58  GLN B NE2 1 
ATOM   937  N N   . TYR B 1 58 ? 1.338   -13.096 -2.189  1.00 28.86 ? 59  TYR B N   1 
ATOM   938  C CA  . TYR B 1 58 ? 1.467   -13.517 -3.583  1.00 31.10 ? 59  TYR B CA  1 
ATOM   939  C C   . TYR B 1 58 ? 1.918   -12.328 -4.423  1.00 35.13 ? 59  TYR B C   1 
ATOM   940  O O   . TYR B 1 58 ? 1.140   -11.796 -5.228  1.00 36.58 ? 59  TYR B O   1 
ATOM   941  C CB  . TYR B 1 58 ? 0.145   -14.063 -4.118  1.00 35.64 ? 59  TYR B CB  1 
ATOM   942  C CG  . TYR B 1 58 ? -0.507  -15.095 -3.232  1.00 38.86 ? 59  TYR B CG  1 
ATOM   943  C CD1 . TYR B 1 58 ? 0.019   -16.377 -3.117  1.00 38.25 ? 59  TYR B CD1 1 
ATOM   944  C CD2 . TYR B 1 58 ? -1.657  -14.791 -2.516  1.00 33.74 ? 59  TYR B CD2 1 
ATOM   945  C CE1 . TYR B 1 58 ? -0.583  -17.323 -2.307  1.00 43.27 ? 59  TYR B CE1 1 
ATOM   946  C CE2 . TYR B 1 58 ? -2.262  -15.725 -1.708  1.00 32.87 ? 59  TYR B CE2 1 
ATOM   947  C CZ  . TYR B 1 58 ? -1.722  -16.990 -1.607  1.00 40.59 ? 59  TYR B CZ  1 
ATOM   948  O OH  . TYR B 1 58 ? -2.333  -17.917 -0.794  1.00 41.15 ? 59  TYR B OH  1 
ATOM   949  N N   . PRO B 1 59 ? 3.175   -11.886 -4.268  1.00 32.02 ? 60  PRO B N   1 
ATOM   950  C CA  . PRO B 1 59 ? 3.631   -10.702 -5.006  1.00 34.86 ? 60  PRO B CA  1 
ATOM   951  C C   . PRO B 1 59 ? 3.786   -10.979 -6.501  1.00 43.94 ? 60  PRO B C   1 
ATOM   952  O O   . PRO B 1 59 ? 3.857   -10.061 -7.316  1.00 44.46 ? 60  PRO B O   1 
ATOM   953  C CB  . PRO B 1 59 ? 4.983   -10.386 -4.365  1.00 36.02 ? 60  PRO B CB  1 
ATOM   954  C CG  . PRO B 1 59 ? 5.467   -11.697 -3.846  1.00 43.51 ? 60  PRO B CG  1 
ATOM   955  C CD  . PRO B 1 59 ? 4.250   -12.492 -3.461  1.00 34.91 ? 60  PRO B CD  1 
ATOM   956  O OXT . PRO B 1 59 ? 3.840   -12.137 -6.921  1.00 46.39 ? 60  PRO B OXT 1 
HETATM 957  O O   . HOH C 2 .  ? -3.920  13.810  -9.795  1.00 23.05 ? 101 HOH A O   1 
HETATM 958  O O   . HOH C 2 .  ? 5.104   18.359  -1.205  1.00 35.83 ? 102 HOH A O   1 
HETATM 959  O O   . HOH C 2 .  ? -6.285  -5.791  -9.882  1.00 40.37 ? 103 HOH A O   1 
HETATM 960  O O   . HOH C 2 .  ? 5.895   0.231   -13.161 1.00 30.17 ? 104 HOH A O   1 
HETATM 961  O O   . HOH C 2 .  ? -7.916  -1.422  -19.884 1.00 34.01 ? 105 HOH A O   1 
HETATM 962  O O   . HOH C 2 .  ? 1.876   13.708  4.024   1.00 41.93 ? 106 HOH A O   1 
HETATM 963  O O   . HOH C 2 .  ? -3.461  11.688  0.506   1.00 33.17 ? 107 HOH A O   1 
HETATM 964  O O   . HOH C 2 .  ? 14.043  9.891   -7.089  1.00 24.79 ? 108 HOH A O   1 
HETATM 965  O O   . HOH C 2 .  ? 5.592   2.243   -15.399 1.00 31.57 ? 109 HOH A O   1 
HETATM 966  O O   . HOH C 2 .  ? 1.519   7.794   6.950   1.00 39.96 ? 110 HOH A O   1 
HETATM 967  O O   . HOH C 2 .  ? -2.807  1.879   -7.895  1.00 17.96 ? 111 HOH A O   1 
HETATM 968  O O   . HOH C 2 .  ? 3.972   5.445   4.662   1.00 38.63 ? 112 HOH A O   1 
HETATM 969  O O   . HOH C 2 .  ? -4.792  22.510  -11.666 1.00 36.97 ? 113 HOH A O   1 
HETATM 970  O O   . HOH C 2 .  ? -8.297  3.676   -7.390  1.00 32.02 ? 114 HOH A O   1 
HETATM 971  O O   . HOH C 2 .  ? -5.537  1.836   -8.517  1.00 18.57 ? 115 HOH A O   1 
HETATM 972  O O   . HOH C 2 .  ? -15.505 1.048   -16.857 1.00 36.70 ? 116 HOH A O   1 
HETATM 973  O O   . HOH C 2 .  ? 1.401   13.918  1.603   1.00 24.49 ? 117 HOH A O   1 
HETATM 974  O O   . HOH C 2 .  ? 1.398   -3.890  -9.690  1.00 33.81 ? 118 HOH A O   1 
HETATM 975  O O   . HOH C 2 .  ? 9.029   6.663   3.925   1.00 32.75 ? 119 HOH A O   1 
HETATM 976  O O   . HOH C 2 .  ? -12.859 -3.536  -8.878  1.00 38.04 ? 120 HOH A O   1 
HETATM 977  O O   . HOH C 2 .  ? 9.245   15.258  2.181   1.00 33.52 ? 121 HOH A O   1 
HETATM 978  O O   . HOH C 2 .  ? -3.093  -4.590  -11.432 1.00 31.30 ? 122 HOH A O   1 
HETATM 979  O O   . HOH C 2 .  ? 0.128   3.919   -20.458 1.00 29.94 ? 123 HOH A O   1 
HETATM 980  O O   . HOH C 2 .  ? 5.383   1.826   -3.735  1.00 24.54 ? 124 HOH A O   1 
HETATM 981  O O   . HOH C 2 .  ? -12.263 6.196   -14.097 1.00 33.33 ? 125 HOH A O   1 
HETATM 982  O O   . HOH C 2 .  ? 1.801   16.767  -13.761 1.00 22.10 ? 126 HOH A O   1 
HETATM 983  O O   . HOH C 2 .  ? -1.867  19.587  -10.468 1.00 25.06 ? 127 HOH A O   1 
HETATM 984  O O   . HOH C 2 .  ? 6.447   5.467   -16.562 1.00 28.76 ? 128 HOH A O   1 
HETATM 985  O O   . HOH C 2 .  ? 3.314   -0.067  -14.636 1.00 35.86 ? 129 HOH A O   1 
HETATM 986  O O   . HOH C 2 .  ? -0.178  -1.153  -16.210 1.00 28.64 ? 130 HOH A O   1 
HETATM 987  O O   . HOH C 2 .  ? -5.682  2.390   -0.962  1.00 26.59 ? 131 HOH A O   1 
HETATM 988  O O   . HOH C 2 .  ? -1.565  7.009   5.907   1.00 35.64 ? 132 HOH A O   1 
HETATM 989  O O   . HOH C 2 .  ? -1.043  -2.563  -13.273 1.00 38.75 ? 133 HOH A O   1 
HETATM 990  O O   . HOH C 2 .  ? 3.444   -1.735  -9.022  1.00 27.98 ? 134 HOH A O   1 
HETATM 991  O O   . HOH C 2 .  ? 1.155   14.658  -15.643 1.00 27.52 ? 135 HOH A O   1 
HETATM 992  O O   . HOH C 2 .  ? -9.891  -3.613  -7.586  1.00 36.52 ? 136 HOH A O   1 
HETATM 993  O O   . HOH C 2 .  ? 13.648  3.218   -1.286  1.00 37.80 ? 137 HOH A O   1 
HETATM 994  O O   . HOH C 2 .  ? 8.128   -2.483  -8.334  1.00 42.90 ? 138 HOH A O   1 
HETATM 995  O O   . HOH C 2 .  ? 8.793   2.121   2.540   1.00 41.98 ? 139 HOH A O   1 
HETATM 996  O O   . HOH C 2 .  ? 5.623   -2.159  -7.873  1.00 41.94 ? 140 HOH A O   1 
HETATM 997  O O   . HOH C 2 .  ? 4.357   17.628  -14.152 1.00 27.18 ? 141 HOH A O   1 
HETATM 998  O O   . HOH D 2 .  ? -0.306  -12.886 14.759  1.00 27.68 ? 101 HOH B O   1 
HETATM 999  O O   . HOH D 2 .  ? -4.422  -2.803  -4.242  1.00 28.04 ? 102 HOH B O   1 
HETATM 1000 O O   . HOH D 2 .  ? 7.569   -15.061 3.821   1.00 35.20 ? 103 HOH B O   1 
HETATM 1001 O O   . HOH D 2 .  ? 10.233  -2.005  1.610   1.00 24.46 ? 104 HOH B O   1 
HETATM 1002 O O   . HOH D 2 .  ? -3.432  -12.642 14.333  1.00 26.89 ? 105 HOH B O   1 
HETATM 1003 O O   . HOH D 2 .  ? 6.944   5.117   4.339   1.00 34.18 ? 106 HOH B O   1 
HETATM 1004 O O   . HOH D 2 .  ? 1.666   -18.768 2.031   1.00 29.24 ? 107 HOH B O   1 
HETATM 1005 O O   . HOH D 2 .  ? -4.973  -1.880  2.529   1.00 25.11 ? 108 HOH B O   1 
HETATM 1006 O O   . HOH D 2 .  ? 3.103   1.033   20.787  1.00 33.10 ? 109 HOH B O   1 
HETATM 1007 O O   . HOH D 2 .  ? 1.521   2.145   10.052  1.00 20.20 ? 110 HOH B O   1 
HETATM 1008 O O   . HOH D 2 .  ? 6.685   -10.418 8.984   1.00 28.95 ? 111 HOH B O   1 
HETATM 1009 O O   . HOH D 2 .  ? 2.834   -3.313  11.464  1.00 15.83 ? 112 HOH B O   1 
HETATM 1010 O O   . HOH D 2 .  ? 14.667  -1.974  1.490   1.00 36.07 ? 113 HOH B O   1 
HETATM 1011 O O   . HOH D 2 .  ? 2.115   -0.681  11.923  1.00 15.09 ? 114 HOH B O   1 
HETATM 1012 O O   . HOH D 2 .  ? 4.929   0.241   19.353  1.00 22.47 ? 115 HOH B O   1 
HETATM 1013 O O   . HOH D 2 .  ? 1.713   -0.230  3.377   1.00 36.68 ? 116 HOH B O   1 
HETATM 1014 O O   . HOH D 2 .  ? 1.123   -20.967 5.556   1.00 19.69 ? 117 HOH B O   1 
HETATM 1015 O O   . HOH D 2 .  ? -9.827  -7.778  1.568   1.00 30.36 ? 118 HOH B O   1 
HETATM 1016 O O   . HOH D 2 .  ? 2.980   -10.839 15.520  1.00 34.59 ? 119 HOH B O   1 
HETATM 1017 O O   . HOH D 2 .  ? -11.548 -2.136  13.381  1.00 37.93 ? 120 HOH B O   1 
HETATM 1018 O O   . HOH D 2 .  ? 10.164  0.131   5.903   1.00 21.39 ? 121 HOH B O   1 
HETATM 1019 O O   . HOH D 2 .  ? -10.102 -7.357  4.431   1.00 33.86 ? 122 HOH B O   1 
HETATM 1020 O O   . HOH D 2 .  ? -0.783  -0.179  3.556   1.00 28.15 ? 123 HOH B O   1 
HETATM 1021 O O   . HOH D 2 .  ? 7.096   -20.126 14.913  1.00 37.10 ? 124 HOH B O   1 
HETATM 1022 O O   . HOH D 2 .  ? 11.810  -3.614  -1.069  1.00 36.33 ? 125 HOH B O   1 
HETATM 1023 O O   . HOH D 2 .  ? 2.218   -16.887 14.763  1.00 37.62 ? 126 HOH B O   1 
HETATM 1024 O O   . HOH D 2 .  ? 5.052   -9.394  14.414  1.00 25.60 ? 127 HOH B O   1 
HETATM 1025 O O   . HOH D 2 .  ? -4.265  -7.841  -8.382  1.00 47.03 ? 128 HOH B O   1 
HETATM 1026 O O   . HOH D 2 .  ? -5.224  -10.258 -3.408  1.00 29.45 ? 129 HOH B O   1 
HETATM 1027 O O   . HOH D 2 .  ? 4.516   -6.415  -4.198  1.00 28.53 ? 130 HOH B O   1 
HETATM 1028 O O   . HOH D 2 .  ? -8.718  -5.752  16.212  1.00 37.89 ? 131 HOH B O   1 
HETATM 1029 O O   . HOH D 2 .  ? -5.990  5.131   11.709  1.00 43.15 ? 132 HOH B O   1 
HETATM 1030 O O   . HOH D 2 .  ? -5.437  -13.606 12.329  1.00 36.74 ? 133 HOH B O   1 
HETATM 1031 O O   . HOH D 2 .  ? 0.961   7.830   11.303  1.00 35.78 ? 134 HOH B O   1 
HETATM 1032 O O   . HOH D 2 .  ? -3.632  -0.234  3.584   1.00 34.46 ? 135 HOH B O   1 
HETATM 1033 O O   . HOH D 2 .  ? -8.685  -4.971  8.564   1.00 31.01 ? 136 HOH B O   1 
HETATM 1034 O O   . HOH D 2 .  ? -3.475  -12.198 -4.115  1.00 37.26 ? 137 HOH B O   1 
HETATM 1035 O O   . HOH D 2 .  ? 3.289   3.919   6.970   1.00 42.34 ? 138 HOH B O   1 
HETATM 1036 O O   . HOH D 2 .  ? 10.170  -1.582  -0.914  1.00 38.13 ? 139 HOH B O   1 
# 
